data_3WF4
#
_entry.id   3WF4
#
_cell.length_a   95.026
_cell.length_b   116.175
_cell.length_c   140.680
_cell.angle_alpha   90.00
_cell.angle_beta   92.29
_cell.angle_gamma   90.00
#
_symmetry.space_group_name_H-M   'P 1 21 1'
#
loop_
_entity.id
_entity.type
_entity.pdbx_description
1 polymer Beta-galactosidase
2 non-polymer 2-acetamido-2-deoxy-beta-D-glucopyranose
3 non-polymer 'CHLORIDE ION'
4 non-polymer (3Z,6S,7R,8S,8aS)-3-(butylimino)hexahydro[1,3]thiazolo[3,4-a]pyridine-6,7,8-triol
5 non-polymer 'SULFATE ION'
6 non-polymer 1,2-ETHANEDIOL
7 water water
#
_entity_poly.entity_id   1
_entity_poly.type   'polypeptide(L)'
_entity_poly.pdbx_seq_one_letter_code
;EAEAYVEFHHHHHHDYKDDDDKTSLRNATQRMFEIDYSRDSFLKDGQPFRYTSGSIHYSRVPRFYWKDRLLKMKMAGLNA
IQTYVPWNFHEPWPGQYQFSEDHDVEYFLRLAHELGLLVILRPGPYICAEWEMGGLPAWLLEKESILLRSSDPDYLAAVD
KWLGVLLPKMKPLLYQNGGPVITVQVENEYGSYFACDFDYLRFLQKRFRHHLGDDVVLFTTDGAHKTFLKCGALQGLYTT
VDFGTGSNITDAFLSQRKCEPKGPLINSEFYTGWLDHWGQPHSTIKTEAVASSLYDILARGASVNLYMFIGGTNFAYWNG
ANSPYAAQPTSYDYDAPLSEAGDLTEKYFALRNIIQKFEKVPEGPIPPSTPKFAYGKVTLEKLKTVGAALDILCPSGPIK
SLYPLTFIQVKQHYGFVLYRTTLPQDCSNPAPLSSPLNGVHDRAYVAVDGIPQGVLERNNVITLNITGKAGATLDLLVEN
MGRVNYGAYINDFKGLVSNLTLSSNILTDWTIFPLDTEDAVRSHLGGWGHRDSGHHDEAWAHNSSNYTLPAFYMGNFSIP
SGIPDLPQDTFIQFPGWTKGQVWINGFNLGRYWPARGPQLTLFVPQHILMTSAPNTITVLELEWAPCSSDDPELCAVTFV
DRPVIGSSVTYDHPSKPVEKRLMPPPPQKNKDSWLDHV
;
_entity_poly.pdbx_strand_id   A,B,C,D
#
loop_
_chem_comp.id
_chem_comp.type
_chem_comp.name
_chem_comp.formula
6DJ non-polymer (3Z,6S,7R,8S,8aS)-3-(butylimino)hexahydro[1,3]thiazolo[3,4-a]pyridine-6,7,8-triol 'C11 H20 N2 O3 S'
CL non-polymer 'CHLORIDE ION' 'Cl -1'
EDO non-polymer 1,2-ETHANEDIOL 'C2 H6 O2'
NAG D-saccharide, beta linking 2-acetamido-2-deoxy-beta-D-glucopyranose 'C8 H15 N O6'
SO4 non-polymer 'SULFATE ION' 'O4 S -2'
#
# COMPACT_ATOMS: atom_id res chain seq x y z
N GLN A 30 -27.53 9.38 -35.18
CA GLN A 30 -27.33 10.86 -35.20
C GLN A 30 -27.97 11.47 -33.95
N ARG A 31 -27.13 11.96 -33.04
CA ARG A 31 -27.62 12.52 -31.80
C ARG A 31 -27.63 14.04 -31.90
N MET A 32 -28.72 14.66 -31.42
CA MET A 32 -28.92 16.11 -31.56
C MET A 32 -29.24 16.76 -30.19
N PHE A 33 -28.57 17.89 -29.91
CA PHE A 33 -28.97 18.78 -28.82
C PHE A 33 -29.00 20.26 -29.30
N GLU A 34 -30.18 20.86 -29.33
CA GLU A 34 -30.30 22.25 -29.79
C GLU A 34 -31.23 23.10 -28.89
N ILE A 35 -31.12 24.41 -29.04
CA ILE A 35 -32.14 25.36 -28.64
C ILE A 35 -33.24 25.47 -29.71
N ASP A 36 -34.52 25.35 -29.30
CA ASP A 36 -35.67 25.61 -30.20
C ASP A 36 -36.23 26.96 -29.84
N TYR A 37 -35.84 27.94 -30.63
CA TYR A 37 -36.24 29.33 -30.40
C TYR A 37 -37.78 29.49 -30.57
N SER A 38 -38.42 28.69 -31.42
CA SER A 38 -39.89 28.71 -31.58
C SER A 38 -40.65 28.47 -30.29
N ARG A 39 -40.14 27.51 -29.51
CA ARG A 39 -40.89 26.92 -28.40
C ARG A 39 -40.32 27.20 -27.02
N ASP A 40 -39.34 28.10 -27.00
CA ASP A 40 -38.73 28.51 -25.75
C ASP A 40 -38.17 27.29 -25.00
N SER A 41 -37.37 26.50 -25.70
CA SER A 41 -37.05 25.21 -25.18
C SER A 41 -35.80 24.60 -25.79
N PHE A 42 -35.18 23.69 -25.05
CA PHE A 42 -34.18 22.81 -25.61
C PHE A 42 -34.84 21.60 -26.35
N LEU A 43 -34.12 21.06 -27.33
CA LEU A 43 -34.52 19.80 -27.98
C LEU A 43 -33.40 18.79 -27.91
N LYS A 44 -33.77 17.60 -27.46
CA LYS A 44 -32.82 16.51 -27.29
C LYS A 44 -33.28 15.32 -28.10
N ASP A 45 -32.56 15.03 -29.19
CA ASP A 45 -33.07 14.11 -30.21
C ASP A 45 -34.51 14.44 -30.70
N GLY A 46 -34.75 15.71 -31.01
CA GLY A 46 -36.02 16.18 -31.49
C GLY A 46 -37.10 16.27 -30.41
N GLN A 47 -36.75 16.14 -29.14
CA GLN A 47 -37.77 16.07 -28.06
C GLN A 47 -37.54 17.19 -27.05
N PRO A 48 -38.63 17.75 -26.53
CA PRO A 48 -38.53 18.77 -25.51
C PRO A 48 -37.73 18.31 -24.27
N PHE A 49 -36.91 19.22 -23.77
CA PHE A 49 -35.99 18.90 -22.68
C PHE A 49 -35.77 20.14 -21.84
N ARG A 50 -35.79 20.00 -20.53
CA ARG A 50 -35.14 20.96 -19.67
C ARG A 50 -34.33 20.27 -18.57
N TYR A 51 -33.26 20.93 -18.11
CA TYR A 51 -32.36 20.31 -17.10
C TYR A 51 -32.55 20.87 -15.73
N THR A 52 -32.41 19.93 -14.79
CA THR A 52 -32.25 20.18 -13.39
C THR A 52 -30.87 19.63 -13.06
N SER A 53 -29.95 20.56 -12.88
CA SER A 53 -28.54 20.27 -12.70
C SER A 53 -28.03 20.68 -11.36
N GLY A 54 -26.86 20.14 -11.04
CA GLY A 54 -26.15 20.45 -9.85
C GLY A 54 -24.67 20.58 -10.13
N SER A 55 -24.06 21.59 -9.55
CA SER A 55 -22.63 21.83 -9.70
C SER A 55 -21.88 20.86 -8.81
N ILE A 56 -20.82 20.31 -9.37
CA ILE A 56 -19.87 19.55 -8.66
C ILE A 56 -18.56 19.81 -9.37
N HIS A 57 -17.50 20.02 -8.59
CA HIS A 57 -16.24 20.41 -9.15
C HIS A 57 -15.33 19.29 -8.92
N TYR A 58 -14.93 18.59 -9.98
CA TYR A 58 -14.08 17.42 -9.84
C TYR A 58 -12.69 17.73 -9.22
N SER A 59 -12.21 18.97 -9.33
CA SER A 59 -10.95 19.41 -8.75
C SER A 59 -11.01 19.53 -7.21
N ARG A 60 -12.23 19.45 -6.70
CA ARG A 60 -12.51 19.63 -5.29
C ARG A 60 -13.08 18.38 -4.54
N VAL A 61 -13.10 17.21 -5.22
CA VAL A 61 -13.52 15.91 -4.64
C VAL A 61 -12.51 14.92 -5.08
N PRO A 62 -12.02 14.10 -4.17
CA PRO A 62 -11.01 13.14 -4.67
C PRO A 62 -11.63 12.16 -5.67
N ARG A 63 -10.85 11.74 -6.67
CA ARG A 63 -11.37 10.79 -7.67
C ARG A 63 -11.98 9.53 -7.03
N PHE A 64 -11.38 9.08 -5.94
CA PHE A 64 -11.89 7.96 -5.20
C PHE A 64 -13.42 8.07 -4.92
N TYR A 65 -13.93 9.29 -4.80
CA TYR A 65 -15.33 9.53 -4.41
C TYR A 65 -16.17 10.14 -5.52
N TRP A 66 -15.60 10.25 -6.70
CA TRP A 66 -16.32 10.85 -7.82
C TRP A 66 -17.63 10.14 -8.01
N LYS A 67 -17.58 8.83 -8.20
CA LYS A 67 -18.77 8.07 -8.41
C LYS A 67 -19.78 8.17 -7.24
N ASP A 68 -19.30 8.16 -5.99
CA ASP A 68 -20.18 8.29 -4.85
C ASP A 68 -21.03 9.55 -4.92
N ARG A 69 -20.36 10.67 -5.22
CA ARG A 69 -21.05 11.94 -5.26
C ARG A 69 -22.02 11.99 -6.47
N LEU A 70 -21.55 11.64 -7.66
CA LEU A 70 -22.36 11.69 -8.85
C LEU A 70 -23.59 10.82 -8.72
N LEU A 71 -23.50 9.70 -8.02
CA LEU A 71 -24.64 8.78 -7.90
C LEU A 71 -25.65 9.36 -6.95
N LYS A 72 -25.18 9.92 -5.85
CA LYS A 72 -26.06 10.65 -4.93
C LYS A 72 -26.76 11.80 -5.64
N MET A 73 -26.02 12.46 -6.51
CA MET A 73 -26.65 13.55 -7.31
C MET A 73 -27.75 13.02 -8.26
N LYS A 74 -27.49 11.90 -8.94
CA LYS A 74 -28.50 11.25 -9.74
C LYS A 74 -29.76 10.92 -8.93
N MET A 75 -29.58 10.42 -7.69
CA MET A 75 -30.70 9.90 -6.95
C MET A 75 -31.54 11.01 -6.39
N ALA A 76 -30.99 12.22 -6.41
CA ALA A 76 -31.73 13.39 -6.01
C ALA A 76 -32.72 13.84 -7.12
N GLY A 77 -32.72 13.18 -8.28
CA GLY A 77 -33.54 13.62 -9.41
C GLY A 77 -32.84 14.47 -10.45
N LEU A 78 -31.61 14.88 -10.19
CA LEU A 78 -30.89 15.70 -11.20
C LEU A 78 -30.63 14.84 -12.43
N ASN A 79 -30.77 15.46 -13.60
CA ASN A 79 -30.58 14.76 -14.88
C ASN A 79 -29.33 15.28 -15.59
N ALA A 80 -28.74 16.31 -15.00
CA ALA A 80 -27.43 16.78 -15.45
C ALA A 80 -26.59 17.25 -14.26
N ILE A 81 -25.31 17.38 -14.51
CA ILE A 81 -24.38 18.03 -13.58
C ILE A 81 -23.63 19.13 -14.32
N GLN A 82 -23.05 20.04 -13.55
CA GLN A 82 -22.28 21.19 -14.07
C GLN A 82 -20.94 21.28 -13.36
N THR A 83 -19.88 21.58 -14.11
CA THR A 83 -18.52 21.60 -13.56
C THR A 83 -17.63 22.60 -14.25
N TYR A 84 -16.59 23.02 -13.56
CA TYR A 84 -15.69 23.97 -14.16
C TYR A 84 -14.39 23.22 -14.53
N VAL A 85 -13.67 23.71 -15.52
CA VAL A 85 -12.35 23.19 -15.86
C VAL A 85 -11.39 24.27 -15.53
N PRO A 86 -10.65 24.10 -14.42
CA PRO A 86 -9.72 25.08 -13.93
C PRO A 86 -8.37 24.93 -14.66
N TRP A 87 -8.08 25.86 -15.56
CA TRP A 87 -6.91 25.84 -16.40
C TRP A 87 -5.64 25.60 -15.53
N ASN A 88 -5.48 26.36 -14.43
CA ASN A 88 -4.27 26.21 -13.61
C ASN A 88 -4.17 24.81 -12.99
N PHE A 89 -5.29 24.11 -12.90
CA PHE A 89 -5.32 22.74 -12.37
C PHE A 89 -4.69 21.73 -13.35
N HIS A 90 -4.56 22.10 -14.62
CA HIS A 90 -4.23 21.19 -15.75
C HIS A 90 -2.97 21.59 -16.50
N GLU A 91 -2.56 22.86 -16.40
CA GLU A 91 -1.31 23.36 -17.05
C GLU A 91 -0.56 24.24 -16.02
N PRO A 92 -0.01 23.61 -14.98
CA PRO A 92 0.65 24.41 -13.96
C PRO A 92 1.93 25.13 -14.43
N TRP A 93 2.58 24.66 -15.51
CA TRP A 93 3.58 25.41 -16.29
C TRP A 93 3.32 25.31 -17.78
N PRO A 94 3.71 26.33 -18.56
CA PRO A 94 3.35 26.24 -19.98
C PRO A 94 3.82 24.92 -20.62
N GLY A 95 2.89 24.22 -21.27
CA GLY A 95 3.19 23.00 -21.99
C GLY A 95 3.42 21.75 -21.14
N GLN A 96 3.25 21.87 -19.80
CA GLN A 96 3.23 20.72 -18.92
C GLN A 96 1.79 20.45 -18.37
N TYR A 97 1.21 19.33 -18.76
CA TYR A 97 -0.17 19.05 -18.54
C TYR A 97 -0.43 17.96 -17.50
N GLN A 98 -1.57 18.06 -16.81
CA GLN A 98 -1.98 17.09 -15.79
C GLN A 98 -3.39 16.70 -16.12
N PHE A 99 -3.50 15.45 -16.59
CA PHE A 99 -4.78 14.89 -17.01
C PHE A 99 -5.08 13.51 -16.46
N SER A 100 -4.33 13.10 -15.43
CA SER A 100 -4.39 11.77 -14.83
C SER A 100 -4.89 11.86 -13.38
N GLU A 101 -5.37 10.74 -12.84
CA GLU A 101 -5.77 10.62 -11.44
C GLU A 101 -6.83 11.66 -11.13
N ASP A 102 -6.54 12.55 -10.20
CA ASP A 102 -7.54 13.51 -9.69
C ASP A 102 -7.70 14.61 -10.70
N HIS A 103 -6.83 14.61 -11.71
CA HIS A 103 -6.85 15.62 -12.76
C HIS A 103 -7.50 15.14 -14.08
N ASP A 104 -8.17 14.00 -14.06
CA ASP A 104 -8.64 13.31 -15.25
C ASP A 104 -10.06 13.72 -15.57
N VAL A 105 -10.16 14.90 -16.19
CA VAL A 105 -11.48 15.44 -16.48
C VAL A 105 -12.21 14.57 -17.47
N GLU A 106 -11.48 13.92 -18.38
CA GLU A 106 -12.13 13.03 -19.33
C GLU A 106 -12.86 11.88 -18.61
N TYR A 107 -12.16 11.24 -17.69
CA TYR A 107 -12.76 10.18 -16.89
C TYR A 107 -14.01 10.60 -16.06
N PHE A 108 -13.92 11.71 -15.37
CA PHE A 108 -15.05 12.26 -14.64
C PHE A 108 -16.25 12.39 -15.57
N LEU A 109 -16.03 12.97 -16.74
CA LEU A 109 -17.12 13.15 -17.71
C LEU A 109 -17.66 11.81 -18.21
N ARG A 110 -16.81 10.81 -18.38
CA ARG A 110 -17.26 9.44 -18.71
C ARG A 110 -18.12 8.86 -17.61
N LEU A 111 -17.64 8.91 -16.36
CA LEU A 111 -18.44 8.46 -15.22
C LEU A 111 -19.83 9.07 -15.24
N ALA A 112 -19.88 10.39 -15.34
CA ALA A 112 -21.19 11.05 -15.41
C ALA A 112 -22.08 10.42 -16.47
N HIS A 113 -21.57 10.31 -17.68
CA HIS A 113 -22.32 9.68 -18.80
C HIS A 113 -22.72 8.24 -18.55
N GLU A 114 -21.80 7.45 -18.03
CA GLU A 114 -22.08 6.04 -17.65
C GLU A 114 -23.15 5.96 -16.56
N LEU A 115 -23.34 7.02 -15.78
CA LEU A 115 -24.42 7.04 -14.79
C LEU A 115 -25.73 7.59 -15.40
N GLY A 116 -25.72 7.88 -16.70
CA GLY A 116 -26.90 8.45 -17.38
C GLY A 116 -27.15 9.95 -17.13
N LEU A 117 -26.18 10.66 -16.56
CA LEU A 117 -26.28 12.12 -16.41
C LEU A 117 -25.74 12.89 -17.64
N LEU A 118 -26.33 14.05 -17.93
CA LEU A 118 -25.72 14.90 -18.96
C LEU A 118 -24.74 15.84 -18.27
N VAL A 119 -23.96 16.56 -19.05
CA VAL A 119 -23.03 17.50 -18.49
C VAL A 119 -23.09 18.86 -19.12
N ILE A 120 -23.08 19.88 -18.29
CA ILE A 120 -22.90 21.26 -18.71
C ILE A 120 -21.46 21.63 -18.37
N LEU A 121 -20.64 21.91 -19.40
CA LEU A 121 -19.21 22.12 -19.16
C LEU A 121 -18.88 23.59 -19.12
N ARG A 122 -18.16 24.02 -18.10
CA ARG A 122 -17.74 25.42 -18.02
C ARG A 122 -16.21 25.50 -17.99
N PRO A 123 -15.58 25.58 -19.20
CA PRO A 123 -14.12 25.57 -19.27
C PRO A 123 -13.47 26.94 -19.20
N GLY A 124 -14.22 27.96 -18.83
CA GLY A 124 -13.63 29.27 -18.58
C GLY A 124 -13.28 29.96 -19.89
N PRO A 125 -12.02 30.37 -20.08
CA PRO A 125 -10.82 30.03 -19.34
C PRO A 125 -10.66 30.66 -17.98
N TYR A 126 -11.48 31.66 -17.65
CA TYR A 126 -11.53 32.18 -16.27
C TYR A 126 -12.75 31.56 -15.72
N ILE A 127 -12.69 31.03 -14.48
CA ILE A 127 -13.89 30.40 -13.89
C ILE A 127 -14.38 31.06 -12.62
N CYS A 128 -13.57 31.94 -12.02
CA CYS A 128 -13.89 32.57 -10.73
C CYS A 128 -13.97 31.50 -9.60
N ALA A 129 -15.17 31.05 -9.22
CA ALA A 129 -15.28 29.79 -8.47
C ALA A 129 -14.58 29.69 -7.11
N GLU A 130 -14.28 30.84 -6.47
CA GLU A 130 -13.50 30.84 -5.20
C GLU A 130 -12.23 29.97 -5.29
N TRP A 131 -11.60 30.02 -6.45
CA TRP A 131 -10.46 29.17 -6.77
C TRP A 131 -9.30 30.07 -7.18
N GLU A 132 -8.11 29.62 -6.89
CA GLU A 132 -6.93 30.45 -7.02
C GLU A 132 -6.84 31.10 -8.40
N MET A 133 -6.78 32.45 -8.40
CA MET A 133 -6.80 33.31 -9.60
C MET A 133 -7.95 33.05 -10.59
N GLY A 134 -9.08 32.63 -10.04
CA GLY A 134 -10.17 32.28 -10.86
C GLY A 134 -9.79 31.28 -11.92
N GLY A 135 -8.88 30.36 -11.59
CA GLY A 135 -8.47 29.26 -12.51
C GLY A 135 -7.38 29.65 -13.51
N LEU A 136 -6.99 30.92 -13.54
CA LEU A 136 -5.98 31.34 -14.53
C LEU A 136 -4.59 30.99 -14.04
N PRO A 137 -3.71 30.49 -14.91
CA PRO A 137 -2.41 30.16 -14.34
C PRO A 137 -1.55 31.39 -13.99
N ALA A 138 -0.82 31.27 -12.91
CA ALA A 138 -0.05 32.34 -12.37
C ALA A 138 1.06 32.78 -13.30
N TRP A 139 1.58 31.84 -14.08
CA TRP A 139 2.64 32.10 -15.03
C TRP A 139 2.28 33.07 -16.13
N LEU A 140 0.98 33.29 -16.31
CA LEU A 140 0.52 34.37 -17.17
C LEU A 140 1.08 35.69 -16.66
N LEU A 141 1.23 35.81 -15.35
CA LEU A 141 1.76 37.05 -14.78
C LEU A 141 3.24 37.28 -15.10
N GLU A 142 3.90 36.38 -15.84
CA GLU A 142 5.30 36.65 -16.21
C GLU A 142 5.42 37.87 -17.09
N LYS A 143 4.38 38.16 -17.85
CA LYS A 143 4.27 39.47 -18.43
C LYS A 143 3.57 40.34 -17.36
N GLU A 144 4.34 41.15 -16.66
CA GLU A 144 3.87 42.04 -15.58
C GLU A 144 2.67 42.87 -15.88
N SER A 145 2.63 43.41 -17.08
CA SER A 145 1.58 44.37 -17.47
C SER A 145 0.41 43.67 -18.12
N ILE A 146 0.40 42.35 -18.15
CA ILE A 146 -0.64 41.63 -18.89
C ILE A 146 -2.01 42.08 -18.43
N LEU A 147 -2.92 42.31 -19.37
CA LEU A 147 -4.30 42.58 -18.99
C LEU A 147 -5.08 41.29 -19.18
N LEU A 148 -5.40 40.63 -18.07
CA LEU A 148 -6.17 39.37 -18.08
C LEU A 148 -7.61 39.59 -18.56
N ARG A 149 -8.18 38.55 -19.14
CA ARG A 149 -9.55 38.56 -19.65
C ARG A 149 -9.82 39.75 -20.62
N SER A 150 -8.95 39.86 -21.63
CA SER A 150 -8.98 40.92 -22.62
C SER A 150 -8.35 40.39 -23.92
N SER A 151 -8.30 41.25 -24.95
CA SER A 151 -7.67 40.91 -26.24
C SER A 151 -6.14 41.22 -26.25
N ASP A 152 -5.57 41.50 -25.08
CA ASP A 152 -4.14 41.46 -24.87
C ASP A 152 -3.56 40.23 -25.60
N PRO A 153 -2.65 40.43 -26.60
CA PRO A 153 -2.17 39.36 -27.50
C PRO A 153 -1.47 38.21 -26.80
N ASP A 154 -0.80 38.49 -25.70
CA ASP A 154 -0.11 37.45 -24.95
C ASP A 154 -1.15 36.61 -24.17
N TYR A 155 -2.15 37.25 -23.55
CA TYR A 155 -3.23 36.50 -22.93
C TYR A 155 -3.95 35.61 -23.99
N LEU A 156 -4.32 36.20 -25.12
CA LEU A 156 -5.00 35.43 -26.13
C LEU A 156 -4.12 34.26 -26.58
N ALA A 157 -2.82 34.47 -26.76
CA ALA A 157 -1.99 33.40 -27.30
C ALA A 157 -1.92 32.22 -26.33
N ALA A 158 -1.86 32.54 -25.05
CA ALA A 158 -1.79 31.48 -24.08
C ALA A 158 -3.15 30.76 -24.04
N VAL A 159 -4.25 31.51 -24.05
CA VAL A 159 -5.59 30.90 -24.04
C VAL A 159 -5.72 29.97 -25.21
N ASP A 160 -5.31 30.47 -26.35
CA ASP A 160 -5.41 29.73 -27.59
C ASP A 160 -4.69 28.36 -27.49
N LYS A 161 -3.45 28.38 -27.03
CA LYS A 161 -2.68 27.14 -26.91
C LYS A 161 -3.38 26.16 -25.91
N TRP A 162 -3.87 26.68 -24.75
CA TRP A 162 -4.71 25.88 -23.84
C TRP A 162 -5.95 25.29 -24.49
N LEU A 163 -6.74 26.08 -25.19
CA LEU A 163 -7.95 25.51 -25.85
C LEU A 163 -7.58 24.43 -26.91
N GLY A 164 -6.38 24.56 -27.50
CA GLY A 164 -5.91 23.59 -28.51
C GLY A 164 -5.63 22.25 -27.88
N VAL A 165 -5.44 22.27 -26.57
CA VAL A 165 -5.18 21.07 -25.86
C VAL A 165 -6.43 20.52 -25.23
N LEU A 166 -7.28 21.38 -24.68
CA LEU A 166 -8.47 20.92 -23.93
C LEU A 166 -9.66 20.60 -24.79
N LEU A 167 -10.00 21.48 -25.70
CA LEU A 167 -11.23 21.29 -26.45
C LEU A 167 -11.21 20.03 -27.34
N PRO A 168 -10.07 19.74 -28.00
CA PRO A 168 -10.07 18.47 -28.74
C PRO A 168 -10.38 17.25 -27.90
N LYS A 169 -9.94 17.25 -26.65
CA LYS A 169 -10.29 16.19 -25.70
C LYS A 169 -11.79 16.14 -25.39
N MET A 170 -12.41 17.31 -25.37
CA MET A 170 -13.83 17.44 -25.03
C MET A 170 -14.77 17.10 -26.21
N LYS A 171 -14.28 17.19 -27.44
CA LYS A 171 -15.11 17.00 -28.66
C LYS A 171 -15.86 15.64 -28.70
N PRO A 172 -15.16 14.50 -28.49
CA PRO A 172 -15.96 13.27 -28.46
C PRO A 172 -16.87 13.13 -27.21
N LEU A 173 -16.73 14.00 -26.23
CA LEU A 173 -17.60 13.93 -25.05
C LEU A 173 -18.86 14.75 -25.31
N LEU A 174 -18.90 15.43 -26.44
CA LEU A 174 -20.10 16.20 -26.81
C LEU A 174 -21.24 15.27 -27.09
N TYR A 175 -22.42 15.73 -26.75
CA TYR A 175 -23.61 14.93 -26.89
C TYR A 175 -23.73 14.36 -28.29
N GLN A 176 -23.59 15.24 -29.27
CA GLN A 176 -23.80 14.87 -30.66
C GLN A 176 -22.75 13.83 -31.11
N ASN A 177 -21.67 13.65 -30.36
CA ASN A 177 -20.66 12.66 -30.73
C ASN A 177 -20.68 11.44 -29.82
N GLY A 178 -21.67 11.31 -28.95
CA GLY A 178 -21.83 10.09 -28.15
C GLY A 178 -21.64 10.26 -26.65
N GLY A 179 -21.20 11.45 -26.24
CA GLY A 179 -20.89 11.76 -24.85
C GLY A 179 -22.02 12.57 -24.15
N PRO A 180 -21.74 13.06 -22.92
CA PRO A 180 -22.75 13.70 -22.04
C PRO A 180 -22.90 15.22 -22.13
N VAL A 181 -21.93 15.89 -22.77
CA VAL A 181 -21.89 17.35 -22.82
C VAL A 181 -22.89 17.92 -23.82
N ILE A 182 -23.84 18.67 -23.26
CA ILE A 182 -24.93 19.23 -24.00
C ILE A 182 -24.80 20.74 -24.19
N THR A 183 -24.17 21.45 -23.25
CA THR A 183 -23.93 22.89 -23.38
C THR A 183 -22.56 23.26 -22.83
N VAL A 184 -21.98 24.33 -23.36
CA VAL A 184 -20.67 24.77 -22.93
C VAL A 184 -20.75 26.25 -22.61
N GLN A 185 -20.23 26.66 -21.45
CA GLN A 185 -20.15 28.08 -21.13
C GLN A 185 -18.91 28.70 -21.63
N VAL A 186 -19.03 29.93 -22.10
CA VAL A 186 -17.92 30.70 -22.59
C VAL A 186 -17.65 31.78 -21.59
N GLU A 187 -16.43 31.78 -21.03
CA GLU A 187 -16.04 32.67 -20.01
C GLU A 187 -16.91 32.44 -18.76
N ASN A 188 -16.99 33.44 -17.89
CA ASN A 188 -17.75 33.36 -16.64
C ASN A 188 -17.99 34.77 -16.07
N GLU A 189 -19.24 35.22 -16.10
CA GLU A 189 -19.64 36.53 -15.60
C GLU A 189 -18.73 37.61 -16.09
N TYR A 190 -18.41 37.57 -17.38
CA TYR A 190 -17.57 38.57 -17.96
C TYR A 190 -18.17 39.95 -17.83
N GLY A 191 -19.48 40.03 -17.74
CA GLY A 191 -20.12 41.34 -17.62
C GLY A 191 -19.81 42.02 -16.33
N SER A 192 -19.36 41.27 -15.32
CA SER A 192 -18.95 41.87 -14.06
C SER A 192 -17.52 42.45 -14.12
N TYR A 193 -16.77 42.21 -15.19
CA TYR A 193 -15.35 42.62 -15.23
C TYR A 193 -15.29 44.01 -15.85
N PHE A 194 -14.30 44.80 -15.50
CA PHE A 194 -14.24 46.19 -15.92
C PHE A 194 -14.01 46.33 -17.43
N ALA A 195 -13.24 45.42 -18.01
CA ALA A 195 -12.65 45.67 -19.30
C ALA A 195 -13.60 45.73 -20.47
N CYS A 196 -14.67 44.95 -20.43
CA CYS A 196 -15.68 44.99 -21.48
C CYS A 196 -15.09 44.81 -22.88
N ASP A 197 -14.26 43.79 -23.08
CA ASP A 197 -13.58 43.60 -24.34
C ASP A 197 -14.27 42.53 -25.19
N PHE A 198 -15.10 42.99 -26.12
CA PHE A 198 -15.91 42.12 -26.95
C PHE A 198 -15.09 41.35 -27.99
N ASP A 199 -13.91 41.86 -28.33
CA ASP A 199 -13.02 41.17 -29.26
C ASP A 199 -12.63 39.86 -28.61
N TYR A 200 -12.44 39.91 -27.28
CA TYR A 200 -12.00 38.75 -26.49
C TYR A 200 -13.11 37.70 -26.54
N LEU A 201 -14.36 38.13 -26.32
CA LEU A 201 -15.44 37.20 -26.31
C LEU A 201 -15.57 36.57 -27.69
N ARG A 202 -15.62 37.39 -28.74
CA ARG A 202 -15.60 36.87 -30.13
C ARG A 202 -14.50 35.86 -30.47
N PHE A 203 -13.29 36.08 -29.97
CA PHE A 203 -12.18 35.14 -30.11
C PHE A 203 -12.42 33.79 -29.40
N LEU A 204 -12.86 33.86 -28.16
CA LEU A 204 -13.33 32.68 -27.49
C LEU A 204 -14.37 31.93 -28.38
N GLN A 205 -15.41 32.64 -28.81
CA GLN A 205 -16.45 32.00 -29.60
C GLN A 205 -15.89 31.30 -30.81
N LYS A 206 -15.04 32.00 -31.55
CA LYS A 206 -14.45 31.50 -32.74
C LYS A 206 -13.62 30.22 -32.47
N ARG A 207 -12.85 30.20 -31.38
CA ARG A 207 -11.98 29.07 -31.12
C ARG A 207 -12.73 27.90 -30.52
N PHE A 208 -13.77 28.18 -29.73
CA PHE A 208 -14.60 27.10 -29.26
C PHE A 208 -15.25 26.44 -30.47
N ARG A 209 -15.76 27.28 -31.38
CA ARG A 209 -16.36 26.81 -32.64
C ARG A 209 -15.37 25.97 -33.45
N HIS A 210 -14.15 26.43 -33.58
CA HIS A 210 -13.19 25.75 -34.42
C HIS A 210 -12.93 24.36 -33.87
N HIS A 211 -12.85 24.21 -32.54
CA HIS A 211 -12.47 22.92 -31.97
C HIS A 211 -13.66 22.01 -31.72
N LEU A 212 -14.81 22.59 -31.41
CA LEU A 212 -15.96 21.79 -31.09
C LEU A 212 -17.07 21.69 -32.16
N GLY A 213 -16.99 22.47 -33.23
CA GLY A 213 -17.99 22.39 -34.35
C GLY A 213 -19.11 23.40 -34.20
N ASP A 214 -20.09 23.39 -35.10
CA ASP A 214 -21.11 24.47 -35.13
C ASP A 214 -22.45 24.12 -34.49
N ASP A 215 -22.64 22.87 -34.08
CA ASP A 215 -23.93 22.47 -33.55
C ASP A 215 -24.05 22.65 -32.03
N VAL A 216 -22.90 22.64 -31.37
CA VAL A 216 -22.80 22.73 -29.94
C VAL A 216 -23.30 24.05 -29.41
N VAL A 217 -24.03 23.96 -28.32
CA VAL A 217 -24.70 25.09 -27.70
C VAL A 217 -23.72 25.81 -26.77
N LEU A 218 -23.39 27.04 -27.15
CA LEU A 218 -22.47 27.83 -26.41
C LEU A 218 -23.29 28.86 -25.68
N PHE A 219 -22.97 29.10 -24.42
CA PHE A 219 -23.78 30.04 -23.64
C PHE A 219 -22.91 30.90 -22.76
N THR A 220 -23.50 31.95 -22.17
CA THR A 220 -22.81 32.76 -21.17
C THR A 220 -23.67 32.85 -19.90
N THR A 221 -23.04 33.18 -18.79
CA THR A 221 -23.78 33.43 -17.55
C THR A 221 -23.36 34.76 -16.96
N ASP A 222 -24.34 35.54 -16.49
CA ASP A 222 -24.07 36.84 -15.85
C ASP A 222 -25.10 37.15 -14.78
N GLY A 223 -24.81 38.12 -13.92
CA GLY A 223 -25.79 38.54 -12.90
C GLY A 223 -27.03 38.97 -13.64
N ALA A 224 -28.18 38.78 -13.01
CA ALA A 224 -29.49 39.07 -13.67
C ALA A 224 -29.91 40.55 -13.60
N HIS A 225 -29.18 41.42 -14.25
CA HIS A 225 -29.50 42.84 -14.28
C HIS A 225 -28.77 43.38 -15.50
N LYS A 226 -29.44 44.23 -16.27
CA LYS A 226 -28.83 44.84 -17.48
C LYS A 226 -27.42 45.40 -17.32
N THR A 227 -27.06 45.87 -16.12
CA THR A 227 -25.71 46.43 -15.90
C THR A 227 -24.65 45.35 -16.08
N PHE A 228 -24.98 44.11 -15.70
CA PHE A 228 -24.07 42.98 -15.84
C PHE A 228 -24.14 42.43 -17.26
N LEU A 229 -25.36 42.29 -17.76
CA LEU A 229 -25.57 41.72 -19.10
C LEU A 229 -24.97 42.53 -20.25
N LYS A 230 -24.92 43.86 -20.11
CA LYS A 230 -24.32 44.78 -21.09
C LYS A 230 -22.94 44.35 -21.68
N CYS A 231 -22.03 43.92 -20.82
CA CYS A 231 -20.71 43.57 -21.27
C CYS A 231 -20.51 42.04 -21.35
N GLY A 232 -21.50 41.29 -20.91
CA GLY A 232 -21.36 39.85 -20.81
C GLY A 232 -21.97 39.08 -21.94
N ALA A 233 -23.01 39.62 -22.56
CA ALA A 233 -23.75 38.93 -23.61
C ALA A 233 -23.13 39.12 -25.00
N LEU A 234 -23.12 38.09 -25.83
CA LEU A 234 -22.61 38.23 -27.20
C LEU A 234 -23.56 37.57 -28.15
N GLN A 235 -23.67 38.11 -29.37
CA GLN A 235 -24.46 37.45 -30.45
C GLN A 235 -23.84 36.10 -30.77
N GLY A 236 -24.67 35.08 -30.87
CA GLY A 236 -24.19 33.71 -31.08
C GLY A 236 -23.95 32.93 -29.79
N LEU A 237 -23.88 33.60 -28.64
CA LEU A 237 -23.77 32.89 -27.35
C LEU A 237 -25.08 33.13 -26.60
N TYR A 238 -25.72 32.07 -26.16
CA TYR A 238 -26.98 32.16 -25.48
C TYR A 238 -26.76 32.75 -24.10
N THR A 239 -27.56 33.76 -23.80
CA THR A 239 -27.50 34.51 -22.56
C THR A 239 -28.36 33.86 -21.46
N THR A 240 -27.67 33.42 -20.39
CA THR A 240 -28.30 32.92 -19.19
C THR A 240 -27.84 33.81 -18.08
N VAL A 241 -28.56 33.74 -16.96
CA VAL A 241 -28.33 34.58 -15.81
C VAL A 241 -28.05 33.70 -14.60
N ASP A 242 -27.67 34.34 -13.51
CA ASP A 242 -27.63 33.62 -12.25
C ASP A 242 -28.33 34.43 -11.13
N PHE A 243 -28.87 33.72 -10.17
CA PHE A 243 -29.45 34.35 -8.99
C PHE A 243 -29.81 33.28 -7.96
N GLY A 244 -29.90 33.71 -6.72
CA GLY A 244 -30.25 32.88 -5.61
C GLY A 244 -31.59 33.19 -5.01
N THR A 245 -31.77 32.76 -3.77
CA THR A 245 -33.01 32.90 -3.01
C THR A 245 -33.35 34.34 -2.57
N GLY A 246 -32.41 35.28 -2.69
CA GLY A 246 -32.72 36.68 -2.34
C GLY A 246 -33.31 37.49 -3.50
N SER A 247 -33.36 36.90 -4.69
CA SER A 247 -33.76 37.60 -5.91
C SER A 247 -35.26 37.37 -6.26
N ASN A 248 -35.90 38.36 -6.89
CA ASN A 248 -37.27 38.20 -7.41
C ASN A 248 -37.15 37.43 -8.71
N ILE A 249 -37.78 36.26 -8.80
CA ILE A 249 -37.60 35.39 -9.97
C ILE A 249 -38.05 36.01 -11.30
N THR A 250 -39.21 36.63 -11.27
CA THR A 250 -39.80 37.29 -12.45
C THR A 250 -38.85 38.36 -13.04
N ASP A 251 -38.47 39.29 -12.20
CA ASP A 251 -37.43 40.26 -12.52
C ASP A 251 -36.14 39.63 -13.07
N ALA A 252 -35.64 38.59 -12.43
CA ALA A 252 -34.41 37.94 -12.90
C ALA A 252 -34.55 37.36 -14.33
N PHE A 253 -35.68 36.71 -14.60
CA PHE A 253 -35.89 36.06 -15.89
C PHE A 253 -36.32 37.07 -16.92
N LEU A 254 -37.04 38.11 -16.51
CA LEU A 254 -37.26 39.28 -17.41
C LEU A 254 -35.96 39.91 -17.89
N SER A 255 -34.99 39.99 -16.98
CA SER A 255 -33.69 40.57 -17.39
C SER A 255 -33.04 39.62 -18.41
N GLN A 256 -33.27 38.30 -18.26
CA GLN A 256 -32.78 37.33 -19.22
C GLN A 256 -33.51 37.47 -20.55
N ARG A 257 -34.85 37.62 -20.50
CA ARG A 257 -35.67 37.74 -21.73
C ARG A 257 -35.31 38.98 -22.59
N LYS A 258 -34.89 40.09 -21.98
CA LYS A 258 -34.42 41.22 -22.76
C LYS A 258 -33.27 40.91 -23.71
N CYS A 259 -32.40 39.97 -23.36
CA CYS A 259 -31.24 39.61 -24.21
C CYS A 259 -31.55 38.41 -25.06
N GLU A 260 -32.39 37.50 -24.55
CA GLU A 260 -32.85 36.34 -25.31
C GLU A 260 -34.38 36.25 -25.26
N PRO A 261 -35.05 36.89 -26.20
CA PRO A 261 -36.51 36.92 -26.06
C PRO A 261 -37.10 35.58 -26.38
N LYS A 262 -36.31 34.74 -27.02
CA LYS A 262 -36.76 33.43 -27.41
C LYS A 262 -35.73 32.38 -27.03
N GLY A 263 -36.23 31.31 -26.44
CA GLY A 263 -35.40 30.23 -26.00
C GLY A 263 -35.75 29.88 -24.59
N PRO A 264 -35.09 28.87 -24.03
CA PRO A 264 -35.33 28.44 -22.66
C PRO A 264 -34.90 29.46 -21.62
N LEU A 265 -35.62 29.50 -20.49
CA LEU A 265 -35.23 30.27 -19.33
C LEU A 265 -34.25 29.41 -18.57
N ILE A 266 -33.19 30.04 -18.04
CA ILE A 266 -32.02 29.32 -17.47
C ILE A 266 -31.35 30.15 -16.42
N ASN A 267 -31.25 29.55 -15.24
CA ASN A 267 -30.50 30.06 -14.12
C ASN A 267 -29.34 29.10 -13.95
N SER A 268 -28.15 29.49 -14.45
CA SER A 268 -27.00 28.62 -14.47
C SER A 268 -26.35 28.48 -13.09
N GLU A 269 -26.61 29.40 -12.16
CA GLU A 269 -26.18 29.24 -10.75
C GLU A 269 -27.28 29.72 -9.78
N PHE A 270 -28.10 28.76 -9.37
CA PHE A 270 -29.08 28.94 -8.30
C PHE A 270 -28.43 28.60 -6.96
N TYR A 271 -28.15 29.64 -6.18
CA TYR A 271 -27.28 29.49 -4.99
C TYR A 271 -28.00 28.73 -3.85
N THR A 272 -27.49 27.53 -3.54
CA THR A 272 -28.03 26.72 -2.45
C THR A 272 -27.39 27.10 -1.13
N GLY A 273 -26.29 27.81 -1.26
CA GLY A 273 -25.54 28.32 -0.17
C GLY A 273 -24.66 29.47 -0.63
N TRP A 274 -23.60 29.70 0.11
CA TRP A 274 -22.69 30.76 -0.21
C TRP A 274 -21.30 30.47 0.31
N LEU A 275 -20.38 31.31 -0.13
CA LEU A 275 -18.96 31.13 0.27
C LEU A 275 -18.62 31.75 1.62
N ASP A 276 -17.44 31.35 2.12
CA ASP A 276 -16.86 31.75 3.40
C ASP A 276 -15.57 32.55 3.25
N HIS A 277 -15.17 33.21 4.34
CA HIS A 277 -13.78 33.77 4.46
C HIS A 277 -13.30 33.46 5.85
N TRP A 278 -11.98 33.23 5.98
CA TRP A 278 -11.34 33.13 7.27
C TRP A 278 -11.74 34.34 8.14
N GLY A 279 -12.09 34.08 9.39
CA GLY A 279 -12.46 35.13 10.30
C GLY A 279 -13.89 35.61 10.27
N GLN A 280 -14.71 35.15 9.35
CA GLN A 280 -16.12 35.52 9.29
C GLN A 280 -16.94 34.33 9.62
N PRO A 281 -18.19 34.57 10.08
CA PRO A 281 -19.05 33.40 10.32
C PRO A 281 -19.33 32.59 9.05
N HIS A 282 -19.47 31.30 9.28
CA HIS A 282 -19.82 30.37 8.25
C HIS A 282 -21.16 30.73 7.68
N SER A 283 -21.20 30.84 6.35
CA SER A 283 -22.42 31.08 5.56
C SER A 283 -23.35 29.89 5.49
N THR A 284 -24.63 30.13 5.83
CA THR A 284 -25.71 29.15 5.63
C THR A 284 -26.87 29.80 4.87
N ILE A 285 -27.63 28.98 4.13
CA ILE A 285 -28.91 29.40 3.54
C ILE A 285 -29.96 28.38 3.97
N LYS A 286 -31.08 28.87 4.49
CA LYS A 286 -32.11 28.01 5.07
C LYS A 286 -32.61 27.03 4.00
N THR A 287 -32.77 25.76 4.38
CA THR A 287 -33.38 24.77 3.49
C THR A 287 -34.76 25.19 2.90
N GLU A 288 -35.65 25.77 3.71
CA GLU A 288 -37.01 26.09 3.21
C GLU A 288 -36.93 27.13 2.10
N ALA A 289 -36.00 28.09 2.23
CA ALA A 289 -35.85 29.14 1.25
C ALA A 289 -35.25 28.56 -0.03
N VAL A 290 -34.27 27.67 0.08
CA VAL A 290 -33.73 27.09 -1.17
C VAL A 290 -34.82 26.25 -1.89
N ALA A 291 -35.67 25.61 -1.12
CA ALA A 291 -36.68 24.68 -1.67
C ALA A 291 -37.81 25.45 -2.37
N SER A 292 -38.25 26.54 -1.76
CA SER A 292 -39.36 27.32 -2.32
C SER A 292 -38.94 28.06 -3.58
N SER A 293 -37.70 28.56 -3.62
CA SER A 293 -37.22 29.21 -4.87
C SER A 293 -37.02 28.16 -5.94
N LEU A 294 -36.52 26.98 -5.59
CA LEU A 294 -36.37 25.90 -6.59
C LEU A 294 -37.73 25.52 -7.19
N TYR A 295 -38.74 25.29 -6.34
CA TYR A 295 -40.10 25.00 -6.81
C TYR A 295 -40.56 26.06 -7.79
N ASP A 296 -40.39 27.34 -7.44
CA ASP A 296 -40.93 28.41 -8.31
C ASP A 296 -40.18 28.53 -9.64
N ILE A 297 -38.85 28.40 -9.59
CA ILE A 297 -38.05 28.32 -10.84
C ILE A 297 -38.43 27.14 -11.74
N LEU A 298 -38.64 25.95 -11.17
CA LEU A 298 -38.99 24.74 -12.00
C LEU A 298 -40.40 24.84 -12.59
N ALA A 299 -41.32 25.35 -11.77
CA ALA A 299 -42.70 25.65 -12.17
C ALA A 299 -42.84 26.51 -13.45
N ARG A 300 -41.84 27.38 -13.72
CA ARG A 300 -41.78 28.12 -15.00
C ARG A 300 -41.21 27.35 -16.20
N GLY A 301 -40.83 26.10 -16.02
CA GLY A 301 -40.24 25.33 -17.13
C GLY A 301 -38.82 25.78 -17.42
N ALA A 302 -38.17 26.35 -16.40
CA ALA A 302 -36.78 26.84 -16.50
C ALA A 302 -35.78 25.73 -16.32
N SER A 303 -34.68 25.75 -17.06
CA SER A 303 -33.58 24.88 -16.69
C SER A 303 -32.83 25.60 -15.55
N VAL A 304 -32.38 24.85 -14.55
CA VAL A 304 -31.69 25.43 -13.42
C VAL A 304 -30.52 24.53 -12.99
N ASN A 305 -29.40 25.18 -12.67
CA ASN A 305 -28.30 24.49 -12.00
C ASN A 305 -28.12 24.95 -10.53
N LEU A 306 -28.09 23.99 -9.60
CA LEU A 306 -27.84 24.28 -8.20
C LEU A 306 -26.33 24.47 -7.92
N TYR A 307 -25.95 25.68 -7.51
CA TYR A 307 -24.56 26.01 -7.21
C TYR A 307 -24.46 26.20 -5.70
N MET A 308 -23.78 25.34 -4.92
CA MET A 308 -23.15 24.12 -5.30
C MET A 308 -24.12 23.00 -4.96
N PHE A 309 -24.01 21.83 -5.59
CA PHE A 309 -24.73 20.67 -5.08
C PHE A 309 -23.90 19.89 -4.08
N ILE A 310 -22.65 19.62 -4.46
CA ILE A 310 -21.63 19.31 -3.50
C ILE A 310 -20.51 20.29 -3.75
N GLY A 311 -20.01 20.92 -2.68
CA GLY A 311 -18.89 21.83 -2.75
C GLY A 311 -17.52 21.17 -2.57
N GLY A 312 -17.37 20.37 -1.51
CA GLY A 312 -16.12 19.63 -1.42
C GLY A 312 -15.05 20.46 -0.74
N THR A 313 -13.80 20.35 -1.22
CA THR A 313 -12.62 20.88 -0.55
C THR A 313 -11.59 21.57 -1.48
N ASN A 314 -11.02 22.69 -1.04
CA ASN A 314 -9.86 23.31 -1.69
C ASN A 314 -8.59 22.75 -1.06
N PHE A 315 -8.18 21.58 -1.53
CA PHE A 315 -6.96 20.94 -1.07
C PHE A 315 -5.75 21.83 -1.43
N ALA A 316 -4.60 21.48 -0.89
CA ALA A 316 -3.33 22.18 -1.16
C ALA A 316 -3.44 23.68 -1.00
N TYR A 317 -3.21 24.42 -2.07
CA TYR A 317 -3.25 25.90 -2.09
C TYR A 317 -4.27 26.40 -3.09
N TRP A 318 -5.31 25.61 -3.36
CA TRP A 318 -6.24 25.98 -4.43
C TRP A 318 -7.27 27.04 -4.09
N ASN A 319 -7.46 27.39 -2.84
CA ASN A 319 -8.46 28.42 -2.53
C ASN A 319 -8.11 29.71 -3.23
N GLY A 320 -9.12 30.53 -3.34
CA GLY A 320 -9.05 31.92 -3.90
C GLY A 320 -9.19 33.00 -2.84
N ALA A 321 -9.36 34.25 -3.25
CA ALA A 321 -9.65 35.37 -2.33
C ALA A 321 -10.47 36.42 -3.05
N ASN A 322 -11.10 37.27 -2.24
CA ASN A 322 -11.73 38.50 -2.66
C ASN A 322 -10.93 39.71 -2.21
N SER A 323 -11.36 40.84 -2.71
CA SER A 323 -10.71 42.11 -2.54
C SER A 323 -11.80 43.01 -2.00
N PRO A 324 -11.50 43.76 -0.93
CA PRO A 324 -10.19 43.86 -0.29
C PRO A 324 -9.75 42.57 0.42
N TYR A 325 -8.44 42.33 0.38
CA TYR A 325 -7.88 40.97 0.47
C TYR A 325 -8.49 40.19 1.61
N ALA A 326 -9.23 39.14 1.28
CA ALA A 326 -9.87 38.24 2.23
C ALA A 326 -9.91 36.81 1.62
N ALA A 327 -9.15 35.91 2.20
CA ALA A 327 -9.04 34.59 1.56
C ALA A 327 -10.20 33.71 2.02
N GLN A 328 -10.70 32.95 1.07
CA GLN A 328 -11.58 31.84 1.37
C GLN A 328 -10.80 30.70 2.01
N PRO A 329 -11.44 29.92 2.88
CA PRO A 329 -10.79 28.82 3.58
C PRO A 329 -10.68 27.51 2.79
N THR A 330 -10.15 26.49 3.44
CA THR A 330 -10.01 25.14 2.93
C THR A 330 -11.33 24.42 2.58
N SER A 331 -12.27 24.36 3.50
CA SER A 331 -13.54 23.70 3.23
C SER A 331 -14.21 24.48 2.14
N TYR A 332 -14.75 23.80 1.14
CA TYR A 332 -15.74 24.39 0.26
C TYR A 332 -17.10 23.72 0.57
N ASP A 333 -17.38 23.46 1.85
CA ASP A 333 -18.64 22.85 2.19
C ASP A 333 -19.80 23.59 1.49
N TYR A 334 -19.77 24.93 1.59
CA TYR A 334 -20.73 25.87 0.92
C TYR A 334 -22.15 25.73 1.43
N ASP A 335 -22.36 24.99 2.50
CA ASP A 335 -23.72 24.66 2.94
C ASP A 335 -24.50 23.94 1.88
N ALA A 336 -23.78 23.30 0.98
CA ALA A 336 -24.43 22.55 -0.10
C ALA A 336 -25.33 21.40 0.40
N PRO A 337 -26.24 20.91 -0.46
CA PRO A 337 -27.12 19.83 -0.06
C PRO A 337 -26.34 18.58 0.27
N LEU A 338 -25.24 18.38 -0.42
CA LEU A 338 -24.30 17.35 0.02
C LEU A 338 -23.18 18.07 0.72
N SER A 339 -22.87 17.67 1.94
CA SER A 339 -21.83 18.27 2.73
C SER A 339 -20.40 17.98 2.21
N GLU A 340 -19.41 18.68 2.77
CA GLU A 340 -18.02 18.57 2.25
C GLU A 340 -17.59 17.13 1.94
N ALA A 341 -17.82 16.24 2.90
CA ALA A 341 -17.43 14.83 2.80
C ALA A 341 -18.50 13.96 2.13
N GLY A 342 -19.50 14.58 1.50
CA GLY A 342 -20.53 13.85 0.74
C GLY A 342 -21.80 13.40 1.48
N ASP A 343 -22.05 13.92 2.68
CA ASP A 343 -23.18 13.44 3.46
C ASP A 343 -24.45 13.97 2.91
N LEU A 344 -25.49 13.16 3.08
CA LEU A 344 -26.86 13.54 2.71
C LEU A 344 -27.36 14.34 3.91
N THR A 345 -27.71 15.59 3.69
CA THR A 345 -28.21 16.46 4.73
C THR A 345 -29.71 16.65 4.52
N GLU A 346 -30.36 17.34 5.47
CA GLU A 346 -31.81 17.63 5.37
C GLU A 346 -32.08 18.38 4.07
N LYS A 347 -31.17 19.26 3.72
CA LYS A 347 -31.29 20.00 2.51
C LYS A 347 -31.40 19.08 1.30
N TYR A 348 -30.59 18.04 1.22
CA TYR A 348 -30.58 17.12 0.08
C TYR A 348 -31.96 16.53 -0.15
N PHE A 349 -32.53 16.02 0.94
CA PHE A 349 -33.86 15.40 0.90
C PHE A 349 -34.97 16.38 0.60
N ALA A 350 -34.85 17.62 1.07
CA ALA A 350 -35.88 18.63 0.80
C ALA A 350 -35.88 18.95 -0.67
N LEU A 351 -34.67 19.02 -1.27
CA LEU A 351 -34.59 19.37 -2.70
C LEU A 351 -34.93 18.21 -3.60
N ARG A 352 -34.54 17.00 -3.21
CA ARG A 352 -35.03 15.80 -3.88
C ARG A 352 -36.60 15.79 -3.97
N ASN A 353 -37.26 16.09 -2.85
CA ASN A 353 -38.73 16.16 -2.73
C ASN A 353 -39.31 17.23 -3.66
N ILE A 354 -38.67 18.38 -3.71
CA ILE A 354 -39.10 19.42 -4.65
C ILE A 354 -39.02 18.84 -6.07
N ILE A 355 -37.92 18.21 -6.42
CA ILE A 355 -37.76 17.72 -7.77
C ILE A 355 -38.78 16.65 -8.10
N GLN A 356 -39.02 15.72 -7.17
CA GLN A 356 -40.09 14.71 -7.33
C GLN A 356 -41.44 15.29 -7.78
N LYS A 357 -41.70 16.57 -7.49
CA LYS A 357 -42.94 17.21 -7.88
C LYS A 357 -43.00 17.47 -9.38
N PHE A 358 -41.85 17.50 -10.05
CA PHE A 358 -41.78 17.84 -11.49
C PHE A 358 -41.26 16.70 -12.39
N GLU A 359 -40.48 15.78 -11.85
CA GLU A 359 -39.82 14.73 -12.68
C GLU A 359 -39.73 13.44 -11.87
N LYS A 360 -39.70 12.30 -12.58
CA LYS A 360 -39.60 10.98 -11.93
C LYS A 360 -38.19 10.88 -11.39
N VAL A 361 -38.08 10.46 -10.15
CA VAL A 361 -36.79 10.40 -9.50
C VAL A 361 -36.40 8.94 -9.48
N PRO A 362 -35.13 8.63 -9.68
CA PRO A 362 -34.81 7.19 -9.65
C PRO A 362 -35.25 6.44 -8.34
N GLU A 363 -35.59 5.16 -8.56
CA GLU A 363 -36.04 4.23 -7.54
C GLU A 363 -34.81 3.53 -6.96
N GLY A 364 -34.96 3.05 -5.73
CA GLY A 364 -33.88 2.33 -5.04
C GLY A 364 -33.27 3.10 -3.87
N PRO A 365 -32.48 2.40 -3.05
CA PRO A 365 -31.84 3.16 -1.98
C PRO A 365 -30.68 4.08 -2.44
N ILE A 366 -30.51 5.14 -1.70
CA ILE A 366 -29.48 6.14 -1.96
C ILE A 366 -28.16 5.74 -1.25
N PRO A 367 -27.03 5.80 -1.94
CA PRO A 367 -25.75 5.50 -1.31
C PRO A 367 -25.54 6.31 -0.05
N PRO A 368 -24.98 5.69 0.97
CA PRO A 368 -25.04 6.46 2.18
C PRO A 368 -23.92 7.49 2.36
N SER A 369 -24.17 8.35 3.33
CA SER A 369 -23.17 9.05 4.05
C SER A 369 -22.09 8.10 4.46
N THR A 370 -20.85 8.48 4.16
CA THR A 370 -19.74 7.66 4.59
C THR A 370 -19.66 7.59 6.13
N PRO A 371 -19.25 6.45 6.65
CA PRO A 371 -18.86 6.38 8.06
C PRO A 371 -17.57 7.19 8.33
N LYS A 372 -17.54 7.80 9.52
CA LYS A 372 -16.43 8.66 9.93
C LYS A 372 -15.90 8.06 11.18
N PHE A 373 -14.59 8.15 11.39
CA PHE A 373 -13.97 7.47 12.53
C PHE A 373 -13.04 8.40 13.26
N ALA A 374 -13.13 8.38 14.57
CA ALA A 374 -12.30 9.23 15.37
C ALA A 374 -11.00 8.49 15.72
N TYR A 375 -9.93 8.73 14.99
CA TYR A 375 -8.73 7.99 15.32
C TYR A 375 -8.12 8.44 16.66
N GLY A 376 -8.54 9.62 17.15
CA GLY A 376 -8.08 10.13 18.43
C GLY A 376 -6.85 11.04 18.37
N LYS A 377 -6.17 11.14 19.50
CA LYS A 377 -4.99 12.00 19.64
C LYS A 377 -3.77 11.34 19.08
N VAL A 378 -3.08 12.05 18.19
CA VAL A 378 -1.76 11.66 17.73
C VAL A 378 -0.68 12.72 18.08
N THR A 379 0.36 12.32 18.79
CA THR A 379 1.47 13.24 19.15
C THR A 379 2.41 13.48 17.98
N LEU A 380 2.92 14.69 17.92
CA LEU A 380 3.88 15.09 16.91
C LEU A 380 5.13 15.59 17.64
N GLU A 381 6.21 15.71 16.89
CA GLU A 381 7.40 16.35 17.39
C GLU A 381 8.06 17.11 16.29
N LYS A 382 8.66 18.19 16.71
CA LYS A 382 9.38 19.06 15.85
C LYS A 382 10.52 18.29 15.16
N LEU A 383 10.57 18.30 13.83
CA LEU A 383 11.66 17.67 13.14
C LEU A 383 12.72 18.71 12.82
N LYS A 384 12.32 19.74 12.09
CA LYS A 384 13.20 20.83 11.72
C LYS A 384 12.45 22.13 11.49
N THR A 385 13.08 23.25 11.88
CA THR A 385 12.69 24.57 11.45
C THR A 385 12.74 24.68 9.92
N VAL A 386 11.95 25.60 9.38
CA VAL A 386 12.02 25.89 7.98
C VAL A 386 13.41 26.40 7.68
N GLY A 387 13.94 27.28 8.55
CA GLY A 387 15.29 27.85 8.34
C GLY A 387 16.34 26.75 8.18
N ALA A 388 16.18 25.66 8.91
CA ALA A 388 17.14 24.54 8.90
C ALA A 388 16.90 23.62 7.72
N ALA A 389 15.77 23.74 7.08
CA ALA A 389 15.50 22.80 6.02
C ALA A 389 15.73 23.42 4.63
N LEU A 390 16.36 24.58 4.56
CA LEU A 390 16.55 25.27 3.27
C LEU A 390 17.21 24.41 2.22
N ASP A 391 18.24 23.70 2.62
CA ASP A 391 18.93 22.82 1.66
C ASP A 391 17.95 21.85 0.95
N ILE A 392 16.99 21.29 1.67
CA ILE A 392 16.04 20.33 1.05
C ILE A 392 14.90 21.06 0.39
N LEU A 393 14.53 22.24 0.91
CA LEU A 393 13.42 22.96 0.31
C LEU A 393 13.82 23.66 -0.94
N CYS A 394 15.08 24.00 -1.02
CA CYS A 394 15.58 24.83 -2.11
C CYS A 394 16.89 24.23 -2.62
N PRO A 395 16.83 23.04 -3.23
CA PRO A 395 18.04 22.29 -3.57
C PRO A 395 18.87 22.81 -4.76
N SER A 396 18.29 23.66 -5.61
CA SER A 396 19.07 24.40 -6.63
C SER A 396 19.52 25.80 -6.18
N GLY A 397 19.39 26.10 -4.89
CA GLY A 397 19.88 27.38 -4.34
C GLY A 397 19.07 28.63 -4.68
N PRO A 398 19.40 29.74 -4.01
CA PRO A 398 18.61 30.93 -4.12
C PRO A 398 18.94 31.84 -5.24
N ILE A 399 18.04 32.79 -5.46
CA ILE A 399 18.18 33.85 -6.44
C ILE A 399 18.59 35.11 -5.68
N LYS A 400 19.48 35.86 -6.27
CA LYS A 400 20.11 36.95 -5.57
C LYS A 400 19.55 38.15 -6.26
N SER A 401 19.22 39.20 -5.51
CA SER A 401 18.60 40.38 -6.10
C SER A 401 18.81 41.63 -5.27
N LEU A 402 19.05 42.75 -5.91
CA LEU A 402 19.21 44.04 -5.21
C LEU A 402 17.91 44.44 -4.48
N TYR A 403 16.77 44.36 -5.13
CA TYR A 403 15.48 44.63 -4.47
C TYR A 403 14.68 43.34 -4.47
N PRO A 404 13.57 43.30 -3.72
CA PRO A 404 12.82 42.05 -3.69
C PRO A 404 12.17 41.68 -4.97
N LEU A 405 12.14 40.38 -5.24
CA LEU A 405 11.41 39.82 -6.40
C LEU A 405 10.17 39.15 -5.92
N THR A 406 9.16 39.14 -6.77
CA THR A 406 7.89 38.48 -6.45
C THR A 406 7.96 36.96 -6.64
N PHE A 407 6.91 36.24 -6.22
CA PHE A 407 6.80 34.78 -6.37
C PHE A 407 7.00 34.46 -7.85
N ILE A 408 6.37 35.24 -8.69
CA ILE A 408 6.33 34.92 -10.13
C ILE A 408 7.73 35.04 -10.80
N GLN A 409 8.47 36.07 -10.44
CA GLN A 409 9.82 36.27 -10.94
C GLN A 409 10.77 35.17 -10.57
N VAL A 410 10.47 34.51 -9.46
CA VAL A 410 11.30 33.56 -8.85
C VAL A 410 10.76 32.13 -9.18
N LYS A 411 9.77 32.02 -10.08
CA LYS A 411 9.29 30.73 -10.55
C LYS A 411 8.57 29.89 -9.50
N GLN A 412 7.99 30.55 -8.50
CA GLN A 412 7.02 29.86 -7.60
C GLN A 412 5.62 30.40 -7.63
N HIS A 413 4.64 29.52 -7.73
CA HIS A 413 3.29 30.07 -7.87
C HIS A 413 2.53 30.02 -6.59
N TYR A 414 2.66 28.92 -5.87
CA TYR A 414 1.86 28.62 -4.68
C TYR A 414 2.75 28.36 -3.50
N GLY A 415 2.20 28.45 -2.30
CA GLY A 415 2.98 28.14 -1.06
C GLY A 415 3.82 29.29 -0.47
N PHE A 416 5.10 29.02 -0.25
CA PHE A 416 5.94 29.88 0.55
C PHE A 416 7.30 30.16 -0.12
N VAL A 417 7.77 31.39 0.02
CA VAL A 417 9.10 31.80 -0.42
C VAL A 417 9.79 32.48 0.77
N LEU A 418 11.07 32.22 0.97
CA LEU A 418 11.81 32.82 2.10
C LEU A 418 12.69 33.94 1.56
N TYR A 419 12.54 35.11 2.12
CA TYR A 419 13.33 36.28 1.72
C TYR A 419 14.33 36.55 2.82
N ARG A 420 15.62 36.62 2.45
CA ARG A 420 16.71 36.79 3.41
C ARG A 420 17.59 38.00 3.06
N THR A 421 17.86 38.84 4.07
CA THR A 421 18.89 39.87 3.95
C THR A 421 19.72 40.02 5.22
N THR A 422 20.56 41.03 5.32
CA THR A 422 21.21 41.28 6.64
C THR A 422 20.91 42.70 7.17
N LEU A 423 20.81 42.87 8.50
CA LEU A 423 20.49 44.20 9.04
C LEU A 423 21.72 45.07 8.88
N PRO A 424 21.61 46.24 8.21
CA PRO A 424 22.73 47.18 7.96
C PRO A 424 22.92 48.26 9.04
N GLN A 425 22.48 48.00 10.27
CA GLN A 425 22.59 48.93 11.39
C GLN A 425 22.21 48.17 12.67
N ASP A 426 22.80 48.58 13.78
CA ASP A 426 22.44 47.99 15.03
C ASP A 426 20.97 48.30 15.29
N CYS A 427 20.24 47.29 15.77
CA CYS A 427 18.85 47.44 16.14
C CYS A 427 18.70 46.84 17.52
N SER A 428 19.61 47.24 18.38
CA SER A 428 19.49 46.92 19.80
C SER A 428 18.24 47.59 20.38
N ASN A 429 17.91 48.80 19.95
CA ASN A 429 16.61 49.37 20.27
C ASN A 429 15.71 49.01 19.13
N PRO A 430 14.43 48.75 19.40
CA PRO A 430 13.50 48.27 18.39
C PRO A 430 13.50 49.17 17.20
N ALA A 431 13.71 48.65 15.99
CA ALA A 431 13.55 49.49 14.79
C ALA A 431 12.44 48.97 13.90
N PRO A 432 11.76 49.89 13.21
CA PRO A 432 10.60 49.62 12.39
C PRO A 432 10.94 48.99 11.06
N LEU A 433 10.54 47.72 10.89
CA LEU A 433 10.55 47.05 9.61
C LEU A 433 9.20 47.26 8.96
N SER A 434 9.17 47.80 7.77
CA SER A 434 7.95 48.23 7.18
C SER A 434 7.92 48.00 5.67
N SER A 435 6.71 47.81 5.15
CA SER A 435 6.43 47.83 3.68
C SER A 435 5.54 49.04 3.39
N PRO A 436 6.16 50.21 3.19
CA PRO A 436 5.38 51.46 3.05
C PRO A 436 4.21 51.36 2.06
N LEU A 437 4.34 50.61 0.96
CA LEU A 437 3.22 50.54 0.00
C LEU A 437 2.32 49.34 0.24
N ASN A 438 2.39 48.69 1.40
CA ASN A 438 1.48 47.55 1.65
C ASN A 438 1.76 46.41 0.67
N GLY A 439 3.06 46.09 0.48
CA GLY A 439 3.52 45.08 -0.49
C GLY A 439 3.92 43.72 0.08
N VAL A 440 3.40 43.42 1.27
CA VAL A 440 3.57 42.08 1.80
C VAL A 440 2.34 41.24 1.39
N HIS A 441 2.42 40.60 0.23
CA HIS A 441 1.34 39.76 -0.24
C HIS A 441 1.63 38.26 -0.01
N ASP A 442 1.20 37.71 1.11
CA ASP A 442 0.05 38.19 1.88
C ASP A 442 0.29 38.20 3.37
N ARG A 443 1.27 37.43 3.81
CA ARG A 443 1.56 37.33 5.22
C ARG A 443 3.05 36.98 5.32
N ALA A 444 3.78 37.57 6.27
CA ALA A 444 5.17 37.23 6.44
C ALA A 444 5.48 36.93 7.86
N TYR A 445 6.20 35.83 8.06
CA TYR A 445 6.66 35.37 9.36
C TYR A 445 8.13 35.77 9.50
N VAL A 446 8.39 36.70 10.41
CA VAL A 446 9.70 37.39 10.44
C VAL A 446 10.57 36.91 11.57
N ALA A 447 11.81 36.58 11.23
CA ALA A 447 12.80 36.25 12.24
C ALA A 447 14.07 37.05 12.07
N VAL A 448 14.77 37.27 13.18
CA VAL A 448 16.10 37.87 13.18
C VAL A 448 17.08 36.97 13.93
N ASP A 449 18.08 36.46 13.23
CA ASP A 449 18.99 35.45 13.81
C ASP A 449 18.23 34.36 14.55
N GLY A 450 17.18 33.82 13.94
CA GLY A 450 16.48 32.69 14.53
C GLY A 450 15.59 33.05 15.70
N ILE A 451 15.39 34.34 15.97
CA ILE A 451 14.40 34.79 16.92
C ILE A 451 13.12 35.35 16.22
N PRO A 452 11.95 34.71 16.44
CA PRO A 452 10.74 35.18 15.82
C PRO A 452 10.38 36.59 16.27
N GLN A 453 10.02 37.44 15.32
CA GLN A 453 9.72 38.84 15.62
C GLN A 453 8.22 39.14 15.53
N GLY A 454 7.45 38.24 14.92
CA GLY A 454 6.02 38.46 14.66
C GLY A 454 5.66 38.43 13.18
N VAL A 455 4.66 39.17 12.78
CA VAL A 455 4.04 39.01 11.49
C VAL A 455 3.72 40.34 10.80
N LEU A 456 4.01 40.43 9.51
CA LEU A 456 3.53 41.51 8.66
C LEU A 456 2.34 41.00 7.85
N GLU A 457 1.30 41.81 7.69
CA GLU A 457 0.04 41.30 7.07
C GLU A 457 -0.49 42.20 5.98
N ARG A 458 -0.83 41.62 4.86
CA ARG A 458 -1.46 42.43 3.84
C ARG A 458 -2.64 43.23 4.45
N ASN A 459 -2.59 44.56 4.29
CA ASN A 459 -3.62 45.51 4.69
C ASN A 459 -3.60 45.89 6.15
N ASN A 460 -3.48 44.92 7.01
CA ASN A 460 -3.64 45.13 8.43
C ASN A 460 -2.45 45.64 9.21
N VAL A 461 -1.26 45.21 8.85
CA VAL A 461 -0.09 45.55 9.65
C VAL A 461 1.08 45.70 8.70
N ILE A 462 1.43 46.92 8.36
CA ILE A 462 2.50 47.09 7.40
C ILE A 462 3.87 47.37 8.02
N THR A 463 3.90 47.38 9.34
CA THR A 463 5.11 47.70 10.10
C THR A 463 5.23 46.82 11.32
N LEU A 464 6.43 46.34 11.57
CA LEU A 464 6.76 45.51 12.71
C LEU A 464 8.11 45.96 13.31
N ASN A 465 8.18 46.10 14.61
CA ASN A 465 9.46 46.43 15.24
C ASN A 465 10.34 45.21 15.43
N ILE A 466 11.63 45.32 15.09
CA ILE A 466 12.54 44.18 15.23
C ILE A 466 13.73 44.60 16.08
N THR A 467 14.38 43.62 16.70
CA THR A 467 15.64 43.84 17.32
C THR A 467 16.69 42.82 16.83
N GLY A 468 17.96 43.18 16.96
CA GLY A 468 19.04 42.32 16.54
C GLY A 468 20.27 43.11 16.21
N LYS A 469 21.41 42.42 16.16
CA LYS A 469 22.68 43.11 15.98
C LYS A 469 22.91 43.36 14.53
N ALA A 470 23.71 44.38 14.27
CA ALA A 470 24.16 44.70 12.93
C ALA A 470 24.73 43.45 12.26
N GLY A 471 24.33 43.20 11.03
CA GLY A 471 24.81 42.00 10.34
C GLY A 471 24.01 40.73 10.64
N ALA A 472 23.01 40.82 11.52
CA ALA A 472 22.10 39.68 11.77
C ALA A 472 21.31 39.36 10.51
N THR A 473 20.95 38.11 10.38
CA THR A 473 20.15 37.65 9.26
C THR A 473 18.66 37.94 9.50
N LEU A 474 18.08 38.75 8.62
CA LEU A 474 16.64 38.99 8.62
C LEU A 474 15.93 38.05 7.64
N ASP A 475 15.05 37.23 8.16
CA ASP A 475 14.24 36.29 7.36
C ASP A 475 12.74 36.70 7.38
N LEU A 476 12.11 36.77 6.20
CA LEU A 476 10.69 36.79 6.05
C LEU A 476 10.22 35.60 5.21
N LEU A 477 9.42 34.73 5.82
CA LEU A 477 8.83 33.62 5.11
C LEU A 477 7.48 34.15 4.64
N VAL A 478 7.29 34.29 3.33
CA VAL A 478 6.06 34.88 2.83
C VAL A 478 5.15 33.80 2.28
N GLU A 479 3.87 33.92 2.66
CA GLU A 479 2.82 33.00 2.23
C GLU A 479 1.87 33.66 1.28
N ASN A 480 1.64 32.95 0.20
CA ASN A 480 0.59 33.25 -0.71
C ASN A 480 -0.71 32.62 -0.17
N MET A 481 -1.63 33.47 0.27
CA MET A 481 -2.85 32.99 0.94
C MET A 481 -4.00 32.74 -0.08
N GLY A 482 -3.69 33.00 -1.35
CA GLY A 482 -4.58 32.70 -2.47
C GLY A 482 -4.73 33.92 -3.32
N ARG A 483 -4.53 33.75 -4.62
CA ARG A 483 -4.76 34.82 -5.57
C ARG A 483 -6.23 35.12 -5.78
N VAL A 484 -6.54 36.40 -5.62
CA VAL A 484 -7.87 36.96 -5.85
C VAL A 484 -8.51 36.39 -7.12
N ASN A 485 -9.75 35.94 -7.01
CA ASN A 485 -10.45 35.24 -8.10
C ASN A 485 -11.59 36.03 -8.69
N TYR A 486 -11.84 37.22 -8.14
CA TYR A 486 -12.90 38.07 -8.62
C TYR A 486 -12.57 39.50 -8.50
N GLY A 487 -12.90 40.25 -9.53
CA GLY A 487 -12.80 41.71 -9.46
C GLY A 487 -11.65 42.11 -10.38
N ALA A 488 -11.15 43.30 -10.15
CA ALA A 488 -10.22 43.90 -11.05
C ALA A 488 -8.78 43.50 -10.70
N TYR A 489 -8.56 43.02 -9.47
CA TYR A 489 -7.22 42.78 -8.99
C TYR A 489 -6.90 41.28 -8.94
N ILE A 490 -7.33 40.54 -9.97
CA ILE A 490 -6.89 39.14 -10.20
C ILE A 490 -5.38 39.00 -10.62
N ASN A 491 -4.74 40.10 -11.05
CA ASN A 491 -3.27 40.15 -11.31
C ASN A 491 -2.49 40.40 -10.01
N ASP A 492 -2.61 39.40 -9.14
CA ASP A 492 -2.13 39.33 -7.80
C ASP A 492 -0.78 38.54 -7.83
N PHE A 493 0.35 39.25 -7.89
CA PHE A 493 1.63 38.59 -8.12
C PHE A 493 2.07 37.64 -6.98
N LYS A 494 2.01 38.21 -5.76
CA LYS A 494 2.35 37.58 -4.46
C LYS A 494 3.83 37.66 -4.13
N GLY A 495 4.10 37.63 -2.84
CA GLY A 495 5.47 37.79 -2.26
C GLY A 495 5.69 39.19 -1.68
N LEU A 496 6.98 39.61 -1.61
CA LEU A 496 7.30 41.05 -1.44
C LEU A 496 7.22 41.74 -2.81
N VAL A 497 6.08 42.36 -3.08
CA VAL A 497 5.87 43.01 -4.36
C VAL A 497 6.36 44.46 -4.41
N SER A 498 6.84 45.01 -3.31
CA SER A 498 7.43 46.33 -3.30
C SER A 498 8.45 46.30 -2.20
N ASN A 499 9.14 47.41 -1.97
CA ASN A 499 10.27 47.41 -1.04
C ASN A 499 9.94 47.27 0.46
N LEU A 500 10.86 46.72 1.22
CA LEU A 500 10.88 46.89 2.66
C LEU A 500 11.86 48.02 3.08
N THR A 501 11.49 48.74 4.14
CA THR A 501 12.36 49.71 4.76
C THR A 501 12.61 49.31 6.20
N LEU A 502 13.83 49.60 6.68
CA LEU A 502 14.16 49.51 8.06
C LEU A 502 14.54 50.91 8.53
N SER A 503 13.87 51.44 9.54
CA SER A 503 14.06 52.84 9.97
C SER A 503 13.88 53.79 8.79
N SER A 504 12.94 53.49 7.87
CA SER A 504 12.68 54.26 6.64
C SER A 504 13.69 54.17 5.49
N ASN A 505 14.80 53.44 5.65
CA ASN A 505 15.74 53.27 4.54
C ASN A 505 15.52 51.95 3.81
N ILE A 506 15.69 51.96 2.51
CA ILE A 506 15.36 50.75 1.75
C ILE A 506 16.36 49.64 2.06
N LEU A 507 15.85 48.44 2.27
CA LEU A 507 16.67 47.28 2.51
C LEU A 507 16.99 46.72 1.14
N THR A 508 18.28 46.62 0.85
CA THR A 508 18.77 46.04 -0.40
C THR A 508 19.55 44.75 -0.12
N ASP A 509 19.89 44.05 -1.20
CA ASP A 509 20.66 42.77 -1.22
C ASP A 509 19.88 41.63 -0.60
N TRP A 510 19.05 41.01 -1.43
CA TRP A 510 18.21 39.90 -1.02
C TRP A 510 18.72 38.57 -1.52
N THR A 511 18.56 37.57 -0.68
CA THR A 511 18.74 36.20 -1.07
C THR A 511 17.37 35.49 -0.89
N ILE A 512 16.80 35.06 -2.01
CA ILE A 512 15.41 34.60 -2.10
C ILE A 512 15.35 33.08 -2.43
N PHE A 513 14.71 32.30 -1.57
CA PHE A 513 14.63 30.84 -1.66
C PHE A 513 13.20 30.46 -1.93
N PRO A 514 12.92 30.04 -3.16
CA PRO A 514 11.65 29.34 -3.45
C PRO A 514 11.64 28.05 -2.70
N LEU A 515 10.49 27.70 -2.11
CA LEU A 515 10.43 26.53 -1.24
C LEU A 515 9.54 25.45 -1.87
N ASP A 516 10.21 24.34 -2.18
CA ASP A 516 9.58 23.08 -2.67
C ASP A 516 9.05 22.30 -1.52
N THR A 517 8.08 22.90 -0.85
CA THR A 517 7.48 22.25 0.29
C THR A 517 6.91 20.89 0.01
N GLU A 518 6.29 20.72 -1.14
CA GLU A 518 5.61 19.45 -1.45
C GLU A 518 6.56 18.25 -1.60
N ASP A 519 7.68 18.44 -2.31
CA ASP A 519 8.73 17.41 -2.44
C ASP A 519 9.37 17.16 -1.09
N ALA A 520 9.68 18.24 -0.38
CA ALA A 520 10.40 18.10 0.82
C ALA A 520 9.54 17.28 1.74
N VAL A 521 8.21 17.50 1.74
CA VAL A 521 7.37 16.80 2.69
C VAL A 521 7.30 15.32 2.28
N ARG A 522 7.18 15.02 0.99
CA ARG A 522 7.14 13.62 0.54
C ARG A 522 8.43 12.80 0.74
N SER A 523 9.58 13.44 0.85
CA SER A 523 10.84 12.77 1.19
C SER A 523 11.16 12.80 2.71
N HIS A 524 10.19 13.24 3.53
CA HIS A 524 10.37 13.43 4.98
C HIS A 524 11.60 14.34 5.24
N LEU A 525 11.58 15.48 4.57
CA LEU A 525 12.66 16.45 4.58
C LEU A 525 13.96 15.75 4.27
N GLY A 526 13.94 14.82 3.31
CA GLY A 526 15.20 14.23 2.80
C GLY A 526 15.56 12.94 3.53
N GLY A 527 14.81 12.65 4.59
CA GLY A 527 15.08 11.51 5.44
C GLY A 527 14.83 10.15 4.78
N TRP A 528 13.83 10.08 3.89
CA TRP A 528 13.54 8.89 3.07
C TRP A 528 14.30 8.89 1.73
N GLY A 529 15.24 9.81 1.55
CA GLY A 529 16.02 9.81 0.32
C GLY A 529 15.16 10.17 -0.87
N HIS A 530 15.60 9.76 -2.05
CA HIS A 530 15.04 10.31 -3.29
C HIS A 530 14.69 9.26 -4.39
N ARG A 531 14.62 7.99 -4.05
CA ARG A 531 13.94 7.04 -4.92
C ARG A 531 12.42 7.35 -4.85
N ASN A 546 3.10 36.21 21.39
CA ASN A 546 4.30 35.32 21.37
C ASN A 546 4.34 34.28 20.20
N TYR A 547 5.53 34.01 19.65
CA TYR A 547 5.63 33.27 18.37
C TYR A 547 6.68 32.19 18.46
N THR A 548 6.60 31.21 17.58
CA THR A 548 7.73 30.29 17.40
C THR A 548 8.14 30.38 15.95
N LEU A 549 9.35 29.93 15.69
CA LEU A 549 9.87 29.84 14.34
C LEU A 549 9.09 28.86 13.49
N PRO A 550 8.69 29.29 12.29
CA PRO A 550 8.09 28.36 11.34
C PRO A 550 8.84 27.02 11.28
N ALA A 551 8.16 25.89 11.48
CA ALA A 551 8.82 24.59 11.52
C ALA A 551 7.87 23.47 11.16
N PHE A 552 8.46 22.31 10.86
CA PHE A 552 7.73 21.09 10.50
C PHE A 552 7.61 20.16 11.71
N TYR A 553 6.41 19.66 12.02
CA TYR A 553 6.20 18.70 13.08
C TYR A 553 5.61 17.43 12.49
N MET A 554 6.07 16.28 12.96
CA MET A 554 5.73 14.99 12.36
C MET A 554 5.33 14.03 13.40
N GLY A 555 4.33 13.20 13.12
CA GLY A 555 4.08 12.00 13.89
C GLY A 555 3.35 10.92 13.10
N ASN A 556 3.35 9.71 13.63
CA ASN A 556 2.84 8.58 12.92
C ASN A 556 1.64 8.05 13.73
N PHE A 557 0.69 7.46 13.03
CA PHE A 557 -0.32 6.59 13.63
C PHE A 557 -0.60 5.43 12.69
N SER A 558 -0.87 4.29 13.30
CA SER A 558 -1.13 3.05 12.58
C SER A 558 -2.60 2.73 12.61
N ILE A 559 -3.03 1.99 11.59
CA ILE A 559 -4.38 1.55 11.55
C ILE A 559 -4.33 0.09 11.21
N PRO A 560 -5.12 -0.75 11.88
CA PRO A 560 -5.02 -2.20 11.65
C PRO A 560 -5.51 -2.66 10.27
N SER A 561 -4.85 -3.68 9.70
CA SER A 561 -5.28 -4.28 8.42
C SER A 561 -6.30 -5.37 8.73
N GLY A 562 -6.94 -5.92 7.70
CA GLY A 562 -7.93 -7.01 7.85
C GLY A 562 -9.26 -6.62 8.54
N ILE A 563 -9.49 -5.31 8.72
CA ILE A 563 -10.72 -4.81 9.28
C ILE A 563 -11.50 -4.22 8.15
N PRO A 564 -12.61 -4.85 7.79
CA PRO A 564 -13.28 -4.36 6.60
C PRO A 564 -13.64 -2.91 6.63
N ASP A 565 -13.95 -2.38 7.77
CA ASP A 565 -14.44 -1.00 7.81
C ASP A 565 -13.44 0.00 8.28
N LEU A 566 -12.15 -0.36 8.24
CA LEU A 566 -11.06 0.60 8.36
C LEU A 566 -10.13 0.47 7.15
N PRO A 567 -9.59 1.59 6.69
CA PRO A 567 -9.75 2.93 7.27
C PRO A 567 -11.09 3.58 6.91
N GLN A 568 -11.45 4.61 7.65
CA GLN A 568 -12.63 5.43 7.37
C GLN A 568 -12.26 6.91 7.29
N ASP A 569 -13.07 7.66 6.55
CA ASP A 569 -12.98 9.13 6.56
C ASP A 569 -12.89 9.69 7.99
N THR A 570 -12.18 10.80 8.13
CA THR A 570 -12.04 11.44 9.40
C THR A 570 -11.89 12.94 9.25
N PHE A 571 -11.74 13.65 10.37
CA PHE A 571 -11.60 15.09 10.40
C PHE A 571 -10.48 15.37 11.42
N ILE A 572 -9.52 16.19 11.04
CA ILE A 572 -8.38 16.52 11.85
C ILE A 572 -8.59 17.93 12.38
N GLN A 573 -8.18 18.09 13.63
CA GLN A 573 -8.42 19.30 14.45
C GLN A 573 -7.08 19.66 15.09
N PHE A 574 -6.79 20.92 15.35
CA PHE A 574 -5.50 21.32 15.82
C PHE A 574 -5.59 22.22 17.08
N PRO A 575 -6.17 21.71 18.19
CA PRO A 575 -6.22 22.55 19.40
C PRO A 575 -4.80 22.96 19.93
N GLY A 576 -4.63 24.22 20.31
CA GLY A 576 -3.31 24.77 20.69
C GLY A 576 -2.43 25.29 19.52
N TRP A 577 -2.67 24.81 18.30
CA TRP A 577 -1.91 25.24 17.13
C TRP A 577 -2.46 26.59 16.70
N THR A 578 -1.92 27.19 15.63
CA THR A 578 -2.29 28.52 15.29
C THR A 578 -2.61 28.70 13.79
N LYS A 579 -1.60 28.65 12.91
CA LYS A 579 -1.79 28.81 11.47
C LYS A 579 -0.78 27.93 10.72
N GLY A 580 -1.22 27.16 9.72
CA GLY A 580 -0.29 26.33 8.96
C GLY A 580 -0.92 25.49 7.85
N GLN A 581 -0.12 24.52 7.41
CA GLN A 581 -0.45 23.58 6.37
C GLN A 581 -0.29 22.20 6.94
N VAL A 582 -1.08 21.26 6.43
CA VAL A 582 -1.02 19.91 6.92
C VAL A 582 -1.03 18.91 5.82
N TRP A 583 -0.24 17.88 6.00
CA TRP A 583 -0.17 16.77 5.02
C TRP A 583 -0.41 15.52 5.80
N ILE A 584 -1.05 14.53 5.16
CA ILE A 584 -1.00 13.19 5.66
C ILE A 584 -0.46 12.28 4.58
N ASN A 585 0.56 11.52 4.90
CA ASN A 585 1.30 10.70 3.92
C ASN A 585 1.66 11.46 2.65
N GLY A 586 2.05 12.74 2.80
CA GLY A 586 2.43 13.57 1.65
C GLY A 586 1.23 14.16 0.90
N PHE A 587 -0.01 13.92 1.33
CA PHE A 587 -1.19 14.55 0.62
C PHE A 587 -1.51 15.82 1.37
N ASN A 588 -1.47 16.93 0.66
CA ASN A 588 -1.59 18.24 1.24
C ASN A 588 -3.08 18.51 1.39
N LEU A 589 -3.57 18.46 2.64
CA LEU A 589 -5.01 18.53 2.88
C LEU A 589 -5.46 19.99 2.93
N GLY A 590 -4.47 20.89 2.99
CA GLY A 590 -4.74 22.30 2.99
C GLY A 590 -4.25 23.04 4.21
N ARG A 591 -4.93 24.19 4.41
CA ARG A 591 -4.57 25.16 5.43
C ARG A 591 -5.51 25.07 6.66
N TYR A 592 -4.89 25.18 7.84
CA TYR A 592 -5.58 25.19 9.14
C TYR A 592 -5.40 26.58 9.74
N TRP A 593 -6.41 27.09 10.41
CA TRP A 593 -6.27 28.39 11.06
C TRP A 593 -7.34 28.52 12.19
N PRO A 594 -7.24 27.67 13.23
CA PRO A 594 -8.21 27.68 14.34
C PRO A 594 -8.22 28.97 15.11
N ALA A 595 -7.11 29.68 15.10
CA ALA A 595 -7.10 31.08 15.57
C ALA A 595 -8.17 31.99 14.96
N ARG A 596 -8.54 31.79 13.70
CA ARG A 596 -9.50 32.69 13.11
C ARG A 596 -10.85 32.04 12.91
N GLY A 597 -10.86 30.74 12.60
CA GLY A 597 -12.08 30.10 12.21
C GLY A 597 -12.63 30.63 10.89
N PRO A 598 -13.88 30.25 10.55
CA PRO A 598 -14.82 29.46 11.28
C PRO A 598 -14.51 27.94 11.26
N GLN A 599 -13.71 27.53 10.28
CA GLN A 599 -13.36 26.11 10.17
C GLN A 599 -12.26 25.79 11.18
N LEU A 600 -12.58 24.85 12.09
CA LEU A 600 -11.60 24.20 13.01
C LEU A 600 -11.09 22.81 12.48
N THR A 601 -11.95 21.99 11.88
CA THR A 601 -11.55 20.68 11.35
C THR A 601 -11.16 20.75 9.86
N LEU A 602 -10.34 19.82 9.42
CA LEU A 602 -10.16 19.64 8.01
C LEU A 602 -10.58 18.22 7.66
N PHE A 603 -11.29 18.08 6.54
CA PHE A 603 -11.65 16.82 5.98
C PHE A 603 -10.45 15.97 5.54
N VAL A 604 -10.42 14.75 6.06
CA VAL A 604 -9.46 13.71 5.65
C VAL A 604 -10.15 12.50 5.02
N PRO A 605 -9.97 12.32 3.72
CA PRO A 605 -10.57 11.22 3.01
C PRO A 605 -9.84 9.93 3.22
N GLN A 606 -10.55 8.80 3.29
CA GLN A 606 -9.91 7.57 3.72
C GLN A 606 -8.84 6.98 2.81
N HIS A 607 -8.94 7.21 1.51
CA HIS A 607 -8.10 6.51 0.57
C HIS A 607 -6.61 6.88 0.63
N ILE A 608 -6.27 7.96 1.34
CA ILE A 608 -4.84 8.34 1.58
C ILE A 608 -4.25 7.74 2.85
N LEU A 609 -5.12 7.11 3.68
CA LEU A 609 -4.69 6.47 4.90
C LEU A 609 -4.32 5.04 4.58
N MET A 610 -3.35 4.50 5.29
CA MET A 610 -2.84 3.17 4.98
C MET A 610 -3.03 2.26 6.19
N THR A 611 -2.99 0.94 5.99
CA THR A 611 -2.96 -0.03 7.07
C THR A 611 -1.67 -0.82 7.17
N SER A 612 -1.40 -1.23 8.41
CA SER A 612 -0.10 -1.78 8.91
C SER A 612 1.09 -0.76 8.88
N ALA A 613 1.42 -0.25 7.67
CA ALA A 613 2.39 0.83 7.48
C ALA A 613 2.00 2.15 8.20
N PRO A 614 2.96 2.81 8.85
CA PRO A 614 2.60 4.03 9.57
C PRO A 614 2.14 5.19 8.68
N ASN A 615 1.05 5.82 9.09
CA ASN A 615 0.62 7.08 8.51
C ASN A 615 1.41 8.29 9.03
N THR A 616 2.09 9.06 8.16
CA THR A 616 2.87 10.20 8.61
C THR A 616 2.08 11.48 8.46
N ILE A 617 1.88 12.16 9.58
CA ILE A 617 1.27 13.47 9.59
C ILE A 617 2.37 14.47 9.62
N THR A 618 2.31 15.42 8.71
CA THR A 618 3.25 16.50 8.72
C THR A 618 2.48 17.81 8.88
N VAL A 619 2.79 18.53 9.93
CA VAL A 619 2.29 19.86 10.14
C VAL A 619 3.40 20.92 9.97
N LEU A 620 3.14 21.87 9.08
CA LEU A 620 4.00 23.04 8.99
C LEU A 620 3.37 24.22 9.75
N GLU A 621 3.81 24.49 10.98
CA GLU A 621 3.19 25.55 11.78
C GLU A 621 3.94 26.85 11.59
N LEU A 622 3.23 27.93 11.33
CA LEU A 622 3.86 29.19 10.93
C LEU A 622 4.01 30.22 12.08
N GLU A 623 3.24 30.10 13.16
CA GLU A 623 3.12 31.19 14.12
C GLU A 623 3.40 30.80 15.53
N TRP A 624 2.74 29.76 16.03
CA TRP A 624 2.93 29.31 17.39
C TRP A 624 2.47 27.86 17.55
N ALA A 625 3.40 26.98 17.96
CA ALA A 625 3.18 25.54 18.15
C ALA A 625 3.08 25.17 19.62
N PRO A 626 2.19 24.26 20.01
CA PRO A 626 2.06 23.92 21.42
C PRO A 626 3.06 22.86 21.90
N CYS A 627 4.36 23.08 21.69
CA CYS A 627 5.34 22.04 21.76
C CYS A 627 6.61 22.40 22.53
N SER A 628 6.60 23.50 23.29
CA SER A 628 7.82 23.87 24.02
C SER A 628 7.82 23.07 25.32
N SER A 629 6.86 23.39 26.20
CA SER A 629 6.78 22.82 27.56
C SER A 629 7.12 21.34 27.53
N ASP A 630 7.63 20.81 28.64
CA ASP A 630 7.98 19.39 28.62
C ASP A 630 6.73 18.52 28.82
N ASP A 631 5.56 19.01 28.39
CA ASP A 631 4.38 18.18 28.17
C ASP A 631 4.21 17.87 26.67
N PRO A 632 4.75 16.73 26.24
CA PRO A 632 4.68 16.36 24.82
C PRO A 632 3.24 16.07 24.38
N GLU A 633 2.45 15.57 25.31
CA GLU A 633 1.06 15.31 25.06
C GLU A 633 0.32 16.60 24.57
N LEU A 634 0.90 17.79 24.77
CA LEU A 634 0.32 18.98 24.20
C LEU A 634 0.70 19.09 22.74
N CYS A 635 1.87 18.62 22.34
CA CYS A 635 2.31 18.61 20.93
C CYS A 635 1.64 17.48 20.14
N ALA A 636 0.39 17.70 19.79
CA ALA A 636 -0.46 16.67 19.23
C ALA A 636 -1.61 17.29 18.41
N VAL A 637 -2.15 16.47 17.51
CA VAL A 637 -3.39 16.78 16.80
C VAL A 637 -4.42 15.67 17.17
N THR A 638 -5.65 15.85 16.78
CA THR A 638 -6.77 14.97 17.12
C THR A 638 -7.66 14.72 15.89
N PHE A 639 -8.03 13.48 15.69
CA PHE A 639 -8.92 13.10 14.60
C PHE A 639 -10.26 12.86 15.29
N VAL A 640 -11.33 13.51 14.78
CA VAL A 640 -12.70 13.43 15.32
C VAL A 640 -13.68 12.99 14.23
N ASP A 641 -14.93 12.73 14.61
CA ASP A 641 -15.86 12.08 13.68
C ASP A 641 -16.96 13.01 13.14
N ARG A 642 -16.88 14.26 13.54
CA ARG A 642 -17.81 15.27 13.08
C ARG A 642 -17.03 16.52 12.70
N PRO A 643 -17.44 17.15 11.60
CA PRO A 643 -16.86 18.41 11.21
C PRO A 643 -17.27 19.54 12.15
N VAL A 644 -16.38 20.51 12.29
CA VAL A 644 -16.66 21.82 12.91
C VAL A 644 -16.17 22.88 11.91
N ILE A 645 -17.10 23.29 11.04
CA ILE A 645 -16.86 24.35 10.07
C ILE A 645 -17.78 25.54 10.39
N GLY A 646 -18.38 25.53 11.58
CA GLY A 646 -19.50 26.45 11.91
C GLY A 646 -19.54 26.80 13.37
N SER A 647 -18.38 27.21 13.88
CA SER A 647 -18.15 27.54 15.29
C SER A 647 -17.97 29.08 15.45
N SER A 648 -17.37 29.50 16.56
CA SER A 648 -16.93 30.90 16.75
C SER A 648 -15.40 31.02 16.63
N GLN B 30 7.24 26.26 -37.30
CA GLN B 30 6.36 25.05 -37.16
C GLN B 30 7.05 23.75 -37.69
N ARG B 31 6.80 22.64 -37.01
CA ARG B 31 7.66 21.46 -37.09
C ARG B 31 7.27 20.59 -38.28
N MET B 32 8.27 20.02 -38.95
CA MET B 32 8.07 19.29 -40.21
C MET B 32 8.90 18.02 -40.28
N PHE B 33 8.25 16.95 -40.70
CA PHE B 33 8.94 15.69 -40.98
C PHE B 33 8.44 15.12 -42.28
N GLU B 34 9.35 14.75 -43.18
CA GLU B 34 8.90 14.29 -44.48
C GLU B 34 9.92 13.47 -45.17
N ILE B 35 9.44 12.72 -46.15
CA ILE B 35 10.30 11.99 -47.01
C ILE B 35 10.86 12.96 -48.02
N ASP B 36 12.19 13.04 -48.09
CA ASP B 36 12.82 13.76 -49.21
C ASP B 36 13.15 12.80 -50.33
N TYR B 37 12.28 12.81 -51.31
CA TYR B 37 12.42 12.00 -52.49
C TYR B 37 13.66 12.38 -53.35
N SER B 38 14.26 13.54 -53.10
CA SER B 38 15.44 13.99 -53.82
C SER B 38 16.74 13.49 -53.31
N ARG B 39 16.83 13.19 -52.03
CA ARG B 39 18.08 12.75 -51.44
C ARG B 39 17.92 11.36 -50.88
N ASP B 40 16.86 10.67 -51.28
CA ASP B 40 16.58 9.34 -50.75
C ASP B 40 16.71 9.25 -49.21
N SER B 41 16.06 10.19 -48.52
CA SER B 41 16.22 10.27 -47.07
C SER B 41 14.97 10.83 -46.45
N PHE B 42 15.06 11.16 -45.16
CA PHE B 42 14.05 11.97 -44.49
C PHE B 42 14.59 13.39 -44.28
N LEU B 43 13.68 14.34 -44.20
CA LEU B 43 14.01 15.72 -43.72
C LEU B 43 13.20 16.01 -42.47
N LYS B 44 13.91 16.32 -41.40
CA LYS B 44 13.31 16.79 -40.16
C LYS B 44 13.62 18.27 -39.95
N ASP B 45 12.61 19.11 -39.97
CA ASP B 45 12.80 20.55 -39.96
C ASP B 45 13.88 21.02 -40.96
N GLY B 46 13.75 20.53 -42.20
CA GLY B 46 14.66 20.87 -43.31
C GLY B 46 16.05 20.25 -43.27
N GLN B 47 16.33 19.43 -42.27
CA GLN B 47 17.66 18.83 -42.18
C GLN B 47 17.54 17.33 -42.52
N PRO B 48 18.56 16.75 -43.20
CA PRO B 48 18.64 15.30 -43.37
C PRO B 48 18.53 14.53 -42.08
N PHE B 49 17.88 13.37 -42.14
CA PHE B 49 17.59 12.56 -40.94
C PHE B 49 17.48 11.09 -41.30
N ARG B 50 18.17 10.18 -40.60
CA ARG B 50 17.75 8.75 -40.64
C ARG B 50 17.63 8.19 -39.24
N TYR B 51 16.79 7.17 -39.10
CA TYR B 51 16.58 6.66 -37.78
C TYR B 51 17.21 5.30 -37.55
N THR B 52 17.68 5.14 -36.33
CA THR B 52 18.07 3.89 -35.74
C THR B 52 17.12 3.69 -34.54
N SER B 53 16.20 2.76 -34.68
CA SER B 53 15.07 2.62 -33.81
C SER B 53 15.16 1.23 -33.22
N GLY B 54 14.46 1.06 -32.12
CA GLY B 54 14.31 -0.26 -31.54
C GLY B 54 12.87 -0.39 -31.13
N SER B 55 12.39 -1.61 -31.27
CA SER B 55 11.02 -1.97 -30.91
C SER B 55 10.89 -2.18 -29.40
N ILE B 56 9.84 -1.60 -28.84
CA ILE B 56 9.43 -1.74 -27.44
C ILE B 56 7.91 -1.71 -27.45
N HIS B 57 7.29 -2.69 -26.81
CA HIS B 57 5.84 -2.77 -26.80
C HIS B 57 5.36 -2.43 -25.41
N TYR B 58 4.73 -1.27 -25.27
CA TYR B 58 4.34 -0.80 -23.96
C TYR B 58 3.40 -1.80 -23.25
N SER B 59 2.60 -2.55 -24.03
CA SER B 59 1.75 -3.63 -23.49
C SER B 59 2.48 -4.84 -22.94
N ARG B 60 3.78 -4.97 -23.20
CA ARG B 60 4.62 -6.06 -22.68
C ARG B 60 5.65 -5.65 -21.59
N VAL B 61 5.56 -4.39 -21.15
CA VAL B 61 6.41 -3.84 -20.14
C VAL B 61 5.49 -3.12 -19.15
N PRO B 62 5.60 -3.43 -17.86
CA PRO B 62 4.82 -2.63 -16.91
C PRO B 62 5.16 -1.14 -16.95
N ARG B 63 4.17 -0.31 -16.76
CA ARG B 63 4.38 1.11 -16.79
C ARG B 63 5.43 1.58 -15.78
N PHE B 64 5.44 1.00 -14.60
CA PHE B 64 6.47 1.23 -13.64
C PHE B 64 7.89 1.33 -14.25
N TYR B 65 8.16 0.47 -15.23
CA TYR B 65 9.47 0.37 -15.86
C TYR B 65 9.55 1.03 -17.22
N TRP B 66 8.55 1.79 -17.65
CA TRP B 66 8.66 2.32 -19.02
C TRP B 66 9.87 3.23 -19.14
N LYS B 67 10.03 4.13 -18.19
CA LYS B 67 11.15 5.05 -18.29
C LYS B 67 12.54 4.36 -18.24
N ASP B 68 12.66 3.30 -17.47
CA ASP B 68 13.91 2.54 -17.39
C ASP B 68 14.29 1.94 -18.72
N ARG B 69 13.34 1.36 -19.43
CA ARG B 69 13.65 0.69 -20.66
C ARG B 69 13.96 1.73 -21.71
N LEU B 70 13.12 2.76 -21.77
CA LEU B 70 13.30 3.86 -22.76
C LEU B 70 14.63 4.56 -22.56
N LEU B 71 14.98 4.88 -21.30
CA LEU B 71 16.27 5.55 -21.07
C LEU B 71 17.48 4.68 -21.54
N LYS B 72 17.40 3.36 -21.35
CA LYS B 72 18.45 2.42 -21.71
C LYS B 72 18.60 2.32 -23.20
N MET B 73 17.45 2.30 -23.86
CA MET B 73 17.37 2.39 -25.32
C MET B 73 18.09 3.62 -25.85
N LYS B 74 17.83 4.76 -25.23
CA LYS B 74 18.40 6.02 -25.62
C LYS B 74 19.91 5.96 -25.35
N MET B 75 20.33 5.36 -24.24
CA MET B 75 21.73 5.32 -23.95
C MET B 75 22.47 4.41 -24.92
N ALA B 76 21.74 3.58 -25.68
CA ALA B 76 22.40 2.71 -26.64
C ALA B 76 22.68 3.46 -27.94
N GLY B 77 22.14 4.66 -28.07
CA GLY B 77 22.31 5.44 -29.29
C GLY B 77 21.11 5.44 -30.21
N LEU B 78 20.00 4.81 -29.84
CA LEU B 78 18.81 4.86 -30.72
C LEU B 78 18.24 6.27 -30.68
N ASN B 79 17.85 6.81 -31.83
CA ASN B 79 17.17 8.08 -31.81
C ASN B 79 15.68 7.96 -31.95
N ALA B 80 15.15 6.74 -32.08
CA ALA B 80 13.68 6.58 -32.07
C ALA B 80 13.30 5.22 -31.53
N ILE B 81 12.03 5.09 -31.16
CA ILE B 81 11.49 3.81 -30.78
C ILE B 81 10.32 3.50 -31.69
N GLN B 82 10.02 2.21 -31.79
CA GLN B 82 8.88 1.71 -32.53
C GLN B 82 8.05 0.83 -31.62
N THR B 83 6.73 0.93 -31.80
CA THR B 83 5.76 0.22 -30.96
C THR B 83 4.47 -0.05 -31.68
N TYR B 84 3.74 -1.02 -31.15
CA TYR B 84 2.47 -1.50 -31.72
C TYR B 84 1.36 -1.01 -30.82
N VAL B 85 0.23 -0.60 -31.39
CA VAL B 85 -0.97 -0.39 -30.58
C VAL B 85 -1.88 -1.64 -30.70
N PRO B 86 -1.97 -2.47 -29.64
CA PRO B 86 -2.82 -3.60 -29.85
C PRO B 86 -4.26 -3.22 -29.54
N TRP B 87 -5.09 -3.22 -30.58
CA TRP B 87 -6.50 -2.87 -30.45
C TRP B 87 -7.18 -3.62 -29.27
N ASN B 88 -6.98 -4.93 -29.15
CA ASN B 88 -7.69 -5.73 -28.13
C ASN B 88 -7.25 -5.36 -26.72
N PHE B 89 -6.03 -4.80 -26.61
CA PHE B 89 -5.50 -4.25 -25.36
C PHE B 89 -6.31 -3.03 -24.97
N HIS B 90 -6.85 -2.26 -25.90
CA HIS B 90 -7.50 -1.00 -25.58
C HIS B 90 -9.05 -1.07 -25.72
N GLU B 91 -9.58 -2.05 -26.45
CA GLU B 91 -11.04 -2.17 -26.58
C GLU B 91 -11.51 -3.58 -26.36
N PRO B 92 -11.46 -4.01 -25.11
CA PRO B 92 -11.91 -5.35 -24.72
C PRO B 92 -13.35 -5.69 -25.09
N TRP B 93 -14.26 -4.72 -25.03
CA TRP B 93 -15.67 -4.87 -25.52
C TRP B 93 -16.03 -3.65 -26.34
N PRO B 94 -16.96 -3.80 -27.27
CA PRO B 94 -17.18 -2.59 -28.09
C PRO B 94 -17.67 -1.38 -27.28
N GLY B 95 -17.00 -0.23 -27.46
CA GLY B 95 -17.36 1.00 -26.74
C GLY B 95 -16.88 1.03 -25.31
N GLN B 96 -16.13 0.01 -24.89
CA GLN B 96 -15.57 0.02 -23.59
C GLN B 96 -14.01 0.08 -23.66
N TYR B 97 -13.44 1.25 -23.37
CA TYR B 97 -12.01 1.52 -23.68
C TYR B 97 -11.07 1.47 -22.45
N GLN B 98 -9.82 1.09 -22.67
CA GLN B 98 -8.80 1.11 -21.61
C GLN B 98 -7.56 1.90 -22.07
N PHE B 99 -7.42 3.10 -21.52
CA PHE B 99 -6.31 3.98 -21.86
C PHE B 99 -5.58 4.53 -20.64
N SER B 100 -5.67 3.83 -19.52
CA SER B 100 -5.09 4.26 -18.24
C SER B 100 -4.06 3.32 -17.71
N GLU B 101 -3.15 3.83 -16.87
CA GLU B 101 -2.18 3.02 -16.18
C GLU B 101 -1.35 2.26 -17.19
N ASP B 102 -1.30 0.92 -17.18
CA ASP B 102 -0.45 0.17 -18.14
C ASP B 102 -1.02 0.23 -19.58
N HIS B 103 -2.24 0.72 -19.75
CA HIS B 103 -2.82 0.92 -21.07
C HIS B 103 -2.70 2.37 -21.61
N ASP B 104 -2.00 3.24 -20.89
CA ASP B 104 -1.90 4.66 -21.30
C ASP B 104 -0.85 4.86 -22.34
N VAL B 105 -1.20 4.58 -23.59
CA VAL B 105 -0.31 4.75 -24.75
C VAL B 105 0.07 6.22 -24.96
N GLU B 106 -0.88 7.13 -24.69
CA GLU B 106 -0.55 8.57 -24.79
C GLU B 106 0.64 8.91 -23.87
N TYR B 107 0.54 8.52 -22.59
CA TYR B 107 1.60 8.76 -21.63
C TYR B 107 2.88 8.13 -22.09
N PHE B 108 2.80 6.92 -22.64
CA PHE B 108 3.98 6.23 -23.11
C PHE B 108 4.67 7.03 -24.16
N LEU B 109 3.89 7.55 -25.10
CA LEU B 109 4.47 8.30 -26.18
C LEU B 109 4.99 9.63 -25.65
N ARG B 110 4.35 10.21 -24.63
CA ARG B 110 4.83 11.52 -24.11
C ARG B 110 6.14 11.31 -23.41
N LEU B 111 6.25 10.16 -22.76
CA LEU B 111 7.44 9.79 -22.08
C LEU B 111 8.62 9.51 -23.02
N ALA B 112 8.40 8.81 -24.12
CA ALA B 112 9.49 8.71 -25.15
C ALA B 112 9.93 10.08 -25.58
N HIS B 113 8.97 10.97 -25.85
CA HIS B 113 9.23 12.39 -26.22
C HIS B 113 10.06 13.26 -25.23
N GLU B 114 9.70 13.20 -23.95
CA GLU B 114 10.45 13.89 -22.90
C GLU B 114 11.88 13.40 -22.80
N LEU B 115 12.13 12.13 -23.16
CA LEU B 115 13.50 11.62 -23.24
C LEU B 115 14.23 12.00 -24.53
N GLY B 116 13.55 12.69 -25.46
CA GLY B 116 14.17 13.08 -26.74
C GLY B 116 14.22 11.95 -27.77
N LEU B 117 13.30 10.99 -27.69
CA LEU B 117 13.17 9.93 -28.65
C LEU B 117 12.00 10.23 -29.52
N LEU B 118 12.12 9.91 -30.79
CA LEU B 118 10.98 10.01 -31.70
C LEU B 118 10.31 8.62 -31.75
N VAL B 119 9.10 8.57 -32.30
CA VAL B 119 8.33 7.35 -32.37
C VAL B 119 7.85 6.98 -33.80
N ILE B 120 8.07 5.72 -34.16
CA ILE B 120 7.42 5.12 -35.32
C ILE B 120 6.29 4.32 -34.73
N LEU B 121 5.07 4.73 -35.05
CA LEU B 121 3.85 4.16 -34.43
C LEU B 121 3.20 3.15 -35.37
N ARG B 122 2.88 1.98 -34.85
CA ARG B 122 2.34 0.93 -35.68
C ARG B 122 0.99 0.46 -35.10
N PRO B 123 -0.12 1.16 -35.47
CA PRO B 123 -1.44 0.95 -34.88
C PRO B 123 -2.36 -0.04 -35.61
N GLY B 124 -1.83 -0.78 -36.54
CA GLY B 124 -2.55 -1.94 -37.05
C GLY B 124 -3.59 -1.50 -38.09
N PRO B 125 -4.88 -1.91 -37.94
CA PRO B 125 -5.56 -2.57 -36.82
C PRO B 125 -5.07 -3.96 -36.52
N TYR B 126 -4.40 -4.63 -37.45
CA TYR B 126 -3.76 -5.92 -37.22
C TYR B 126 -2.30 -5.69 -37.07
N ILE B 127 -1.70 -6.21 -36.00
CA ILE B 127 -0.25 -6.09 -35.77
C ILE B 127 0.58 -7.41 -35.73
N CYS B 128 -0.07 -8.58 -35.74
CA CYS B 128 0.68 -9.89 -35.63
C CYS B 128 1.30 -10.00 -34.26
N ALA B 129 2.60 -9.69 -34.15
CA ALA B 129 3.27 -9.43 -32.85
C ALA B 129 3.32 -10.55 -31.84
N GLU B 130 3.09 -11.81 -32.28
CA GLU B 130 3.02 -12.95 -31.36
C GLU B 130 2.08 -12.59 -30.22
N TRP B 131 0.99 -11.93 -30.59
CA TRP B 131 0.05 -11.35 -29.66
C TRP B 131 -1.34 -11.89 -30.03
N GLU B 132 -2.18 -12.14 -29.00
CA GLU B 132 -3.54 -12.68 -29.15
C GLU B 132 -4.21 -12.13 -30.37
N MET B 133 -4.55 -13.03 -31.26
CA MET B 133 -5.28 -12.72 -32.49
C MET B 133 -4.63 -11.61 -33.31
N GLY B 134 -3.35 -11.45 -33.16
CA GLY B 134 -2.68 -10.42 -33.94
C GLY B 134 -3.18 -9.05 -33.52
N GLY B 135 -3.64 -8.91 -32.29
CA GLY B 135 -4.19 -7.66 -31.79
C GLY B 135 -5.65 -7.42 -32.09
N LEU B 136 -6.26 -8.24 -32.91
CA LEU B 136 -7.66 -8.00 -33.29
C LEU B 136 -8.61 -8.46 -32.20
N PRO B 137 -9.67 -7.69 -31.92
CA PRO B 137 -10.53 -8.07 -30.78
C PRO B 137 -11.38 -9.35 -31.05
N ALA B 138 -11.42 -10.25 -30.05
CA ALA B 138 -12.12 -11.51 -30.24
C ALA B 138 -13.61 -11.34 -30.62
N TRP B 139 -14.21 -10.24 -30.19
CA TRP B 139 -15.63 -9.97 -30.45
C TRP B 139 -16.01 -9.63 -31.88
N LEU B 140 -15.05 -9.39 -32.74
CA LEU B 140 -15.29 -9.35 -34.18
C LEU B 140 -15.84 -10.68 -34.67
N LEU B 141 -15.53 -11.76 -33.95
CA LEU B 141 -15.99 -13.10 -34.33
C LEU B 141 -17.45 -13.43 -34.00
N GLU B 142 -18.14 -12.46 -33.37
CA GLU B 142 -19.59 -12.59 -33.13
C GLU B 142 -20.33 -12.72 -34.47
N LYS B 143 -19.75 -12.14 -35.50
CA LYS B 143 -20.08 -12.51 -36.87
C LYS B 143 -19.19 -13.75 -37.25
N GLU B 144 -19.76 -14.95 -37.02
CA GLU B 144 -19.13 -16.24 -37.38
C GLU B 144 -18.38 -16.17 -38.70
N SER B 145 -19.00 -15.58 -39.73
CA SER B 145 -18.48 -15.62 -41.11
C SER B 145 -17.52 -14.49 -41.53
N ILE B 146 -17.16 -13.61 -40.59
CA ILE B 146 -16.29 -12.44 -40.90
C ILE B 146 -14.98 -12.78 -41.58
N LEU B 147 -14.65 -12.03 -42.59
CA LEU B 147 -13.35 -12.13 -43.22
C LEU B 147 -12.51 -10.96 -42.66
N LEU B 148 -11.67 -11.30 -41.71
CA LEU B 148 -10.80 -10.34 -41.05
C LEU B 148 -9.77 -9.83 -42.06
N ARG B 149 -9.36 -8.57 -41.89
CA ARG B 149 -8.36 -7.95 -42.76
C ARG B 149 -8.84 -7.87 -44.22
N SER B 150 -10.05 -7.38 -44.42
CA SER B 150 -10.64 -7.24 -45.78
C SER B 150 -11.75 -6.19 -45.81
N SER B 151 -12.38 -6.03 -46.97
CA SER B 151 -13.41 -5.02 -47.15
C SER B 151 -14.77 -5.53 -46.69
N ASP B 152 -14.82 -6.69 -46.02
CA ASP B 152 -16.00 -7.19 -45.30
C ASP B 152 -16.54 -5.99 -44.53
N PRO B 153 -17.78 -5.57 -44.81
CA PRO B 153 -18.23 -4.30 -44.25
C PRO B 153 -18.41 -4.27 -42.72
N ASP B 154 -18.51 -5.45 -42.13
CA ASP B 154 -18.64 -5.46 -40.67
C ASP B 154 -17.23 -5.29 -40.05
N TYR B 155 -16.20 -5.85 -40.65
CA TYR B 155 -14.87 -5.61 -40.19
C TYR B 155 -14.50 -4.12 -40.33
N LEU B 156 -14.68 -3.55 -41.53
CA LEU B 156 -14.38 -2.15 -41.80
C LEU B 156 -15.19 -1.26 -40.90
N ALA B 157 -16.45 -1.59 -40.61
CA ALA B 157 -17.20 -0.74 -39.67
C ALA B 157 -16.53 -0.72 -38.32
N ALA B 158 -16.17 -1.88 -37.83
CA ALA B 158 -15.57 -2.00 -36.51
C ALA B 158 -14.22 -1.28 -36.48
N VAL B 159 -13.44 -1.45 -37.56
CA VAL B 159 -12.16 -0.76 -37.70
C VAL B 159 -12.35 0.75 -37.72
N ASP B 160 -13.39 1.23 -38.40
CA ASP B 160 -13.62 2.67 -38.50
C ASP B 160 -13.89 3.25 -37.10
N LYS B 161 -14.71 2.55 -36.31
CA LYS B 161 -15.11 3.08 -35.03
C LYS B 161 -13.86 3.16 -34.12
N TRP B 162 -13.03 2.13 -34.16
CA TRP B 162 -11.76 2.13 -33.44
C TRP B 162 -10.80 3.24 -33.86
N LEU B 163 -10.58 3.38 -35.18
CA LEU B 163 -9.75 4.46 -35.67
C LEU B 163 -10.26 5.81 -35.27
N GLY B 164 -11.59 5.95 -35.18
CA GLY B 164 -12.17 7.24 -34.81
C GLY B 164 -11.91 7.62 -33.36
N VAL B 165 -11.51 6.63 -32.57
CA VAL B 165 -11.19 6.86 -31.17
C VAL B 165 -9.67 6.96 -30.96
N LEU B 166 -8.90 6.00 -31.48
CA LEU B 166 -7.47 6.03 -31.34
C LEU B 166 -6.84 7.19 -32.12
N LEU B 167 -7.09 7.32 -33.41
CA LEU B 167 -6.30 8.33 -34.16
C LEU B 167 -6.40 9.82 -33.68
N PRO B 168 -7.57 10.23 -33.25
CA PRO B 168 -7.59 11.61 -32.76
C PRO B 168 -6.74 11.85 -31.51
N LYS B 169 -6.47 10.79 -30.73
CA LYS B 169 -5.59 10.91 -29.57
C LYS B 169 -4.15 11.00 -30.03
N MET B 170 -3.86 10.31 -31.14
CA MET B 170 -2.50 10.30 -31.74
C MET B 170 -2.17 11.58 -32.45
N LYS B 171 -3.18 12.25 -32.92
CA LYS B 171 -2.98 13.43 -33.75
C LYS B 171 -2.03 14.47 -33.08
N PRO B 172 -2.29 14.83 -31.82
CA PRO B 172 -1.41 15.83 -31.17
C PRO B 172 0.02 15.33 -30.85
N LEU B 173 0.18 14.01 -30.84
CA LEU B 173 1.50 13.40 -30.68
C LEU B 173 2.26 13.30 -32.02
N LEU B 174 1.68 13.72 -33.12
CA LEU B 174 2.43 13.79 -34.40
C LEU B 174 3.48 14.84 -34.28
N TYR B 175 4.60 14.62 -34.95
CA TYR B 175 5.72 15.54 -34.89
C TYR B 175 5.30 16.92 -35.30
N GLN B 176 4.50 17.01 -36.37
CA GLN B 176 4.09 18.28 -36.90
C GLN B 176 3.34 19.10 -35.85
N ASN B 177 2.72 18.41 -34.87
CA ASN B 177 1.96 19.11 -33.80
C ASN B 177 2.65 19.16 -32.43
N GLY B 178 3.95 18.87 -32.39
CA GLY B 178 4.71 19.03 -31.18
C GLY B 178 5.04 17.74 -30.51
N GLY B 179 4.58 16.61 -31.05
CA GLY B 179 4.88 15.29 -30.46
C GLY B 179 6.07 14.53 -31.09
N PRO B 180 6.25 13.25 -30.68
CA PRO B 180 7.37 12.46 -31.10
C PRO B 180 7.14 11.57 -32.33
N VAL B 181 5.89 11.40 -32.77
CA VAL B 181 5.56 10.44 -33.87
C VAL B 181 5.83 10.99 -35.27
N ILE B 182 6.78 10.36 -35.95
CA ILE B 182 7.34 10.83 -37.19
C ILE B 182 6.80 10.03 -38.38
N THR B 183 6.56 8.72 -38.20
CA THR B 183 5.92 7.87 -39.21
C THR B 183 4.87 6.93 -38.59
N VAL B 184 3.89 6.54 -39.38
CA VAL B 184 2.86 5.64 -38.92
C VAL B 184 2.66 4.47 -39.88
N GLN B 185 2.67 3.23 -39.40
CA GLN B 185 2.52 2.10 -40.28
C GLN B 185 1.06 1.78 -40.45
N VAL B 186 0.64 1.46 -41.67
CA VAL B 186 -0.72 0.98 -41.96
C VAL B 186 -0.69 -0.55 -42.14
N GLU B 187 -1.54 -1.25 -41.36
CA GLU B 187 -1.63 -2.67 -41.33
C GLU B 187 -0.28 -3.24 -40.96
N ASN B 188 -0.08 -4.55 -41.19
CA ASN B 188 1.18 -5.16 -40.90
C ASN B 188 1.40 -6.40 -41.77
N GLU B 189 2.31 -6.32 -42.73
CA GLU B 189 2.68 -7.43 -43.62
C GLU B 189 1.47 -7.99 -44.32
N TYR B 190 0.65 -7.11 -44.81
CA TYR B 190 -0.58 -7.51 -45.48
C TYR B 190 -0.29 -8.34 -46.71
N GLY B 191 0.86 -8.13 -47.32
CA GLY B 191 1.25 -8.97 -48.45
C GLY B 191 1.44 -10.42 -48.14
N SER B 192 1.64 -10.74 -46.86
CA SER B 192 1.70 -12.13 -46.42
C SER B 192 0.35 -12.79 -46.18
N TYR B 193 -0.74 -12.06 -46.32
CA TYR B 193 -2.13 -12.63 -46.10
C TYR B 193 -2.82 -12.99 -47.41
N PHE B 194 -3.65 -14.03 -47.37
CA PHE B 194 -4.27 -14.53 -48.60
C PHE B 194 -5.17 -13.56 -49.35
N ALA B 195 -5.81 -12.59 -48.66
CA ALA B 195 -6.98 -11.93 -49.26
C ALA B 195 -6.72 -10.87 -50.30
N CYS B 196 -5.57 -10.24 -50.19
CA CYS B 196 -5.09 -9.33 -51.23
C CYS B 196 -6.22 -8.37 -51.64
N ASP B 197 -6.82 -7.72 -50.63
CA ASP B 197 -7.94 -6.81 -50.81
C ASP B 197 -7.47 -5.34 -50.72
N PHE B 198 -7.29 -4.74 -51.91
CA PHE B 198 -6.74 -3.42 -52.02
C PHE B 198 -7.73 -2.37 -51.59
N ASP B 199 -9.02 -2.67 -51.66
CA ASP B 199 -10.05 -1.77 -51.17
C ASP B 199 -9.86 -1.53 -49.64
N TYR B 200 -9.58 -2.60 -48.92
CA TYR B 200 -9.25 -2.51 -47.49
C TYR B 200 -8.05 -1.58 -47.27
N LEU B 201 -6.99 -1.72 -48.08
CA LEU B 201 -5.82 -0.91 -47.81
C LEU B 201 -6.12 0.53 -48.07
N ARG B 202 -6.90 0.76 -49.12
CA ARG B 202 -7.29 2.15 -49.44
C ARG B 202 -8.26 2.70 -48.41
N PHE B 203 -9.08 1.85 -47.85
CA PHE B 203 -9.88 2.34 -46.78
C PHE B 203 -9.00 2.89 -45.60
N LEU B 204 -7.99 2.12 -45.21
CA LEU B 204 -7.21 2.49 -44.06
C LEU B 204 -6.52 3.80 -44.35
N GLN B 205 -5.75 3.82 -45.44
CA GLN B 205 -5.23 5.09 -45.98
C GLN B 205 -6.21 6.31 -45.87
N LYS B 206 -7.43 6.18 -46.38
CA LYS B 206 -8.41 7.29 -46.29
C LYS B 206 -8.70 7.64 -44.86
N ARG B 207 -8.93 6.64 -44.02
CA ARG B 207 -9.25 6.96 -42.67
C ARG B 207 -8.02 7.47 -41.94
N PHE B 208 -6.82 6.94 -42.23
CA PHE B 208 -5.62 7.46 -41.51
C PHE B 208 -5.49 8.95 -41.83
N ARG B 209 -5.52 9.27 -43.12
CA ARG B 209 -5.50 10.65 -43.60
C ARG B 209 -6.59 11.53 -42.95
N HIS B 210 -7.82 11.03 -42.87
CA HIS B 210 -8.91 11.84 -42.32
C HIS B 210 -8.55 12.26 -40.87
N HIS B 211 -8.01 11.34 -40.09
CA HIS B 211 -7.78 11.63 -38.69
C HIS B 211 -6.46 12.30 -38.36
N LEU B 212 -5.46 12.06 -39.18
CA LEU B 212 -4.13 12.55 -38.85
C LEU B 212 -3.67 13.66 -39.77
N GLY B 213 -4.38 13.91 -40.90
CA GLY B 213 -3.96 14.99 -41.84
C GLY B 213 -3.09 14.46 -42.97
N ASP B 214 -2.81 15.30 -43.97
CA ASP B 214 -2.07 14.92 -45.19
C ASP B 214 -0.54 14.96 -45.10
N ASP B 215 0.00 15.45 -44.00
CA ASP B 215 1.44 15.53 -43.89
C ASP B 215 2.12 14.28 -43.35
N VAL B 216 1.36 13.46 -42.66
CA VAL B 216 1.98 12.42 -41.81
C VAL B 216 2.52 11.40 -42.77
N VAL B 217 3.73 10.93 -42.54
CA VAL B 217 4.30 9.88 -43.32
C VAL B 217 3.68 8.55 -42.91
N LEU B 218 2.92 8.02 -43.84
CA LEU B 218 2.34 6.70 -43.75
C LEU B 218 3.12 5.72 -44.58
N PHE B 219 3.30 4.51 -44.04
CA PHE B 219 4.07 3.47 -44.71
C PHE B 219 3.57 2.06 -44.42
N THR B 220 4.07 1.10 -45.19
CA THR B 220 3.86 -0.31 -44.98
C THR B 220 5.18 -1.04 -44.79
N THR B 221 5.06 -2.21 -44.18
CA THR B 221 6.13 -3.14 -44.04
C THR B 221 5.73 -4.52 -44.59
N ASP B 222 6.61 -5.15 -45.37
CA ASP B 222 6.38 -6.46 -45.94
C ASP B 222 7.71 -7.22 -46.09
N GLY B 223 7.65 -8.54 -46.30
CA GLY B 223 8.84 -9.33 -46.54
C GLY B 223 9.58 -8.82 -47.78
N ALA B 224 10.93 -8.88 -47.75
CA ALA B 224 11.74 -8.24 -48.78
C ALA B 224 11.83 -9.14 -50.01
N HIS B 225 10.72 -9.28 -50.75
CA HIS B 225 10.64 -10.12 -51.93
C HIS B 225 9.35 -9.75 -52.64
N LYS B 226 9.45 -9.65 -53.96
CA LYS B 226 8.34 -9.20 -54.77
C LYS B 226 7.03 -9.94 -54.50
N THR B 227 7.09 -11.20 -54.11
CA THR B 227 5.88 -11.94 -53.85
C THR B 227 5.11 -11.50 -52.60
N PHE B 228 5.77 -10.83 -51.67
CA PHE B 228 5.09 -10.30 -50.47
C PHE B 228 4.66 -8.87 -50.75
N LEU B 229 5.53 -8.13 -51.46
CA LEU B 229 5.23 -6.75 -51.83
C LEU B 229 4.03 -6.61 -52.78
N LYS B 230 3.73 -7.66 -53.50
CA LYS B 230 2.66 -7.59 -54.50
C LYS B 230 1.34 -7.13 -53.86
N CYS B 231 0.95 -7.71 -52.74
CA CYS B 231 -0.32 -7.38 -52.04
C CYS B 231 -0.21 -6.47 -50.84
N GLY B 232 1.00 -6.05 -50.49
CA GLY B 232 1.22 -5.23 -49.32
C GLY B 232 1.38 -3.79 -49.70
N ALA B 233 2.08 -3.56 -50.82
CA ALA B 233 2.35 -2.21 -51.35
C ALA B 233 1.11 -1.49 -51.88
N LEU B 234 1.06 -0.18 -51.63
CA LEU B 234 -0.02 0.67 -52.12
C LEU B 234 0.53 2.07 -52.42
N GLN B 235 0.15 2.57 -53.58
CA GLN B 235 0.31 3.97 -53.99
C GLN B 235 -0.15 4.91 -52.83
N GLY B 236 0.73 5.79 -52.39
CA GLY B 236 0.38 6.69 -51.28
C GLY B 236 0.82 6.24 -49.90
N LEU B 237 1.19 4.97 -49.74
CA LEU B 237 1.88 4.45 -48.51
C LEU B 237 3.32 4.07 -48.90
N TYR B 238 4.33 4.71 -48.31
CA TYR B 238 5.72 4.39 -48.61
C TYR B 238 6.00 2.95 -48.27
N THR B 239 6.58 2.19 -49.20
CA THR B 239 6.80 0.75 -49.00
C THR B 239 8.12 0.46 -48.35
N THR B 240 8.12 -0.22 -47.20
CA THR B 240 9.33 -0.65 -46.52
C THR B 240 9.31 -2.18 -46.42
N VAL B 241 10.47 -2.73 -46.05
CA VAL B 241 10.63 -4.19 -45.93
C VAL B 241 11.15 -4.54 -44.59
N ASP B 242 11.08 -5.82 -44.26
CA ASP B 242 11.81 -6.31 -43.12
C ASP B 242 12.73 -7.50 -43.48
N PHE B 243 13.84 -7.68 -42.76
CA PHE B 243 14.59 -8.90 -42.93
C PHE B 243 15.52 -8.94 -41.79
N GLY B 244 16.04 -10.12 -41.47
CA GLY B 244 17.08 -10.24 -40.46
C GLY B 244 18.46 -10.64 -40.96
N THR B 245 19.25 -11.25 -40.09
CA THR B 245 20.66 -11.57 -40.37
C THR B 245 20.83 -12.70 -41.40
N GLY B 246 19.78 -13.50 -41.64
CA GLY B 246 19.87 -14.56 -42.64
C GLY B 246 19.99 -14.01 -44.06
N SER B 247 19.42 -12.83 -44.30
CA SER B 247 19.10 -12.35 -45.65
C SER B 247 20.27 -11.63 -46.32
N ASN B 248 20.36 -11.70 -47.65
CA ASN B 248 21.29 -10.87 -48.42
C ASN B 248 20.76 -9.45 -48.46
N ILE B 249 21.52 -8.49 -47.91
CA ILE B 249 21.01 -7.14 -47.71
C ILE B 249 20.72 -6.38 -48.99
N THR B 250 21.66 -6.48 -49.94
CA THR B 250 21.54 -5.91 -51.27
C THR B 250 20.24 -6.29 -51.93
N ASP B 251 19.96 -7.58 -51.99
CA ASP B 251 18.75 -8.11 -52.57
C ASP B 251 17.48 -7.63 -51.85
N ALA B 252 17.53 -7.64 -50.53
CA ALA B 252 16.39 -7.19 -49.78
C ALA B 252 16.12 -5.72 -50.13
N PHE B 253 17.17 -4.87 -50.19
CA PHE B 253 16.95 -3.46 -50.50
C PHE B 253 16.65 -3.22 -51.97
N LEU B 254 17.19 -4.03 -52.90
CA LEU B 254 16.72 -3.99 -54.28
C LEU B 254 15.24 -4.31 -54.40
N SER B 255 14.72 -5.27 -53.65
CA SER B 255 13.27 -5.48 -53.69
C SER B 255 12.52 -4.23 -53.16
N GLN B 256 13.07 -3.51 -52.16
CA GLN B 256 12.42 -2.24 -51.72
C GLN B 256 12.48 -1.21 -52.81
N ARG B 257 13.66 -1.05 -53.39
CA ARG B 257 13.93 -0.01 -54.42
C ARG B 257 13.01 -0.06 -55.60
N LYS B 258 12.66 -1.25 -56.04
CA LYS B 258 11.68 -1.53 -57.11
C LYS B 258 10.28 -0.94 -56.81
N CYS B 259 9.83 -0.98 -55.56
CA CYS B 259 8.54 -0.31 -55.18
C CYS B 259 8.66 1.19 -54.91
N GLU B 260 9.84 1.63 -54.46
CA GLU B 260 10.06 3.02 -54.17
C GLU B 260 11.43 3.40 -54.75
N PRO B 261 11.47 3.77 -56.04
CA PRO B 261 12.72 4.10 -56.69
C PRO B 261 13.38 5.29 -56.07
N LYS B 262 12.59 6.11 -55.38
CA LYS B 262 13.13 7.25 -54.67
C LYS B 262 12.59 7.27 -53.22
N GLY B 263 13.44 7.73 -52.32
CA GLY B 263 13.15 7.80 -50.90
C GLY B 263 14.13 6.96 -50.13
N PRO B 264 14.01 6.96 -48.81
CA PRO B 264 14.98 6.17 -48.02
C PRO B 264 14.74 4.64 -48.07
N LEU B 265 15.84 3.89 -48.03
CA LEU B 265 15.86 2.48 -47.61
C LEU B 265 15.51 2.35 -46.10
N ILE B 266 14.58 1.44 -45.79
CA ILE B 266 14.06 1.23 -44.46
C ILE B 266 13.86 -0.25 -44.21
N ASN B 267 14.57 -0.76 -43.23
CA ASN B 267 14.29 -2.04 -42.72
C ASN B 267 13.53 -1.83 -41.40
N SER B 268 12.20 -1.95 -41.48
CA SER B 268 11.28 -1.77 -40.35
C SER B 268 11.34 -2.87 -39.25
N GLU B 269 11.86 -4.03 -39.57
CA GLU B 269 12.05 -5.09 -38.60
C GLU B 269 13.33 -5.89 -38.86
N PHE B 270 14.45 -5.38 -38.36
CA PHE B 270 15.70 -6.07 -38.36
C PHE B 270 15.77 -6.93 -37.16
N TYR B 271 15.62 -8.24 -37.37
CA TYR B 271 15.37 -9.15 -36.29
C TYR B 271 16.67 -9.44 -35.42
N THR B 272 16.64 -9.11 -34.12
CA THR B 272 17.81 -9.31 -33.24
C THR B 272 17.78 -10.67 -32.49
N GLY B 273 16.65 -11.33 -32.63
CA GLY B 273 16.28 -12.57 -32.02
C GLY B 273 15.09 -13.17 -32.77
N TRP B 274 14.34 -14.04 -32.13
CA TRP B 274 13.19 -14.62 -32.80
C TRP B 274 12.28 -15.17 -31.70
N LEU B 275 11.14 -15.70 -32.09
CA LEU B 275 10.11 -16.06 -31.16
C LEU B 275 10.25 -17.52 -30.73
N ASP B 276 9.48 -17.87 -29.70
CA ASP B 276 9.57 -19.17 -29.06
C ASP B 276 8.20 -19.81 -29.20
N HIS B 277 8.17 -21.12 -29.03
CA HIS B 277 6.90 -21.87 -28.83
C HIS B 277 7.10 -22.80 -27.65
N TRP B 278 6.08 -22.99 -26.82
CA TRP B 278 6.14 -24.04 -25.79
C TRP B 278 6.63 -25.35 -26.45
N GLY B 279 7.47 -26.10 -25.75
CA GLY B 279 7.98 -27.39 -26.25
C GLY B 279 9.16 -27.35 -27.22
N GLN B 280 9.66 -26.15 -27.54
CA GLN B 280 10.73 -25.99 -28.48
C GLN B 280 11.87 -25.29 -27.78
N PRO B 281 13.11 -25.55 -28.22
CA PRO B 281 14.24 -24.86 -27.62
C PRO B 281 14.08 -23.34 -27.79
N HIS B 282 14.61 -22.59 -26.86
CA HIS B 282 14.56 -21.14 -26.86
C HIS B 282 15.36 -20.61 -28.04
N SER B 283 14.79 -19.71 -28.84
CA SER B 283 15.50 -19.09 -29.96
C SER B 283 16.55 -18.04 -29.50
N THR B 284 17.73 -18.09 -30.11
CA THR B 284 18.79 -17.12 -29.91
C THR B 284 19.36 -16.81 -31.29
N ILE B 285 19.86 -15.61 -31.47
CA ILE B 285 20.63 -15.24 -32.62
C ILE B 285 21.95 -14.72 -32.04
N LYS B 286 23.10 -15.13 -32.61
CA LYS B 286 24.38 -14.70 -32.03
C LYS B 286 24.62 -13.20 -32.16
N THR B 287 25.27 -12.63 -31.18
CA THR B 287 25.56 -11.17 -31.13
C THR B 287 26.31 -10.67 -32.37
N GLU B 288 27.28 -11.46 -32.80
CA GLU B 288 28.19 -11.07 -33.84
C GLU B 288 27.46 -11.05 -35.18
N ALA B 289 26.48 -11.93 -35.36
CA ALA B 289 25.66 -11.86 -36.58
C ALA B 289 24.82 -10.61 -36.59
N VAL B 290 24.17 -10.32 -35.48
CA VAL B 290 23.31 -9.15 -35.40
C VAL B 290 24.14 -7.92 -35.62
N ALA B 291 25.29 -7.84 -34.96
CA ALA B 291 26.15 -6.67 -35.05
C ALA B 291 26.76 -6.47 -36.45
N SER B 292 27.23 -7.51 -37.12
CA SER B 292 27.69 -7.28 -38.51
C SER B 292 26.56 -6.80 -39.38
N SER B 293 25.39 -7.44 -39.35
CA SER B 293 24.35 -6.99 -40.27
C SER B 293 23.98 -5.54 -39.94
N LEU B 294 23.93 -5.14 -38.67
CA LEU B 294 23.51 -3.76 -38.39
C LEU B 294 24.53 -2.76 -38.92
N TYR B 295 25.82 -3.10 -38.83
CA TYR B 295 26.87 -2.29 -39.47
C TYR B 295 26.51 -2.15 -40.97
N ASP B 296 26.32 -3.28 -41.66
CA ASP B 296 26.05 -3.19 -43.11
C ASP B 296 24.83 -2.37 -43.45
N ILE B 297 23.73 -2.62 -42.74
CA ILE B 297 22.52 -1.83 -42.94
C ILE B 297 22.78 -0.33 -42.72
N LEU B 298 23.48 0.06 -41.65
CA LEU B 298 23.75 1.51 -41.38
C LEU B 298 24.67 2.21 -42.41
N ALA B 299 25.58 1.41 -42.96
CA ALA B 299 26.58 1.91 -43.91
C ALA B 299 25.95 2.19 -45.25
N ARG B 300 24.79 1.62 -45.51
CA ARG B 300 24.01 1.97 -46.71
C ARG B 300 23.21 3.19 -46.55
N GLY B 301 23.17 3.77 -45.36
CA GLY B 301 22.43 5.01 -45.17
C GLY B 301 20.97 4.77 -44.90
N ALA B 302 20.60 3.53 -44.68
CA ALA B 302 19.21 3.16 -44.37
C ALA B 302 18.81 3.56 -42.97
N SER B 303 17.53 3.87 -42.82
CA SER B 303 16.91 3.86 -41.52
C SER B 303 16.57 2.40 -41.13
N VAL B 304 16.74 2.04 -39.86
CA VAL B 304 16.53 0.69 -39.42
C VAL B 304 15.83 0.66 -38.05
N ASN B 305 14.98 -0.35 -37.84
CA ASN B 305 14.48 -0.65 -36.53
C ASN B 305 14.81 -2.07 -36.13
N LEU B 306 15.33 -2.18 -34.92
CA LEU B 306 15.68 -3.44 -34.31
C LEU B 306 14.48 -4.11 -33.62
N TYR B 307 14.11 -5.30 -34.12
CA TYR B 307 13.01 -6.06 -33.59
C TYR B 307 13.48 -7.36 -32.99
N MET B 308 13.39 -7.59 -31.67
CA MET B 308 12.96 -6.63 -30.63
C MET B 308 14.19 -5.85 -30.11
N PHE B 309 13.96 -4.70 -29.47
CA PHE B 309 14.98 -4.12 -28.64
C PHE B 309 14.85 -4.55 -27.18
N ILE B 310 13.67 -4.37 -26.61
CA ILE B 310 13.34 -5.11 -25.41
C ILE B 310 12.12 -5.88 -25.72
N GLY B 311 12.11 -7.19 -25.41
CA GLY B 311 10.91 -7.97 -25.73
C GLY B 311 9.85 -7.87 -24.67
N GLY B 312 10.23 -8.18 -23.43
CA GLY B 312 9.29 -8.08 -22.32
C GLY B 312 8.51 -9.36 -22.07
N THR B 313 7.25 -9.22 -21.68
CA THR B 313 6.43 -10.30 -21.23
C THR B 313 5.01 -10.19 -21.78
N ASN B 314 4.44 -11.36 -22.13
CA ASN B 314 3.01 -11.50 -22.41
C ASN B 314 2.38 -11.88 -21.09
N PHE B 315 1.94 -10.90 -20.35
CA PHE B 315 1.28 -11.16 -19.08
C PHE B 315 -0.09 -11.70 -19.44
N ALA B 316 -0.73 -12.27 -18.45
CA ALA B 316 -2.11 -12.73 -18.54
C ALA B 316 -2.26 -13.70 -19.67
N TYR B 317 -3.17 -13.46 -20.60
CA TYR B 317 -3.47 -14.36 -21.71
C TYR B 317 -3.08 -13.70 -23.02
N TRP B 318 -2.17 -12.72 -22.99
CA TRP B 318 -1.93 -11.92 -24.18
C TRP B 318 -1.11 -12.58 -25.29
N ASN B 319 -0.51 -13.72 -25.02
CA ASN B 319 0.30 -14.45 -26.02
C ASN B 319 -0.52 -14.87 -27.21
N GLY B 320 0.17 -15.08 -28.32
CA GLY B 320 -0.44 -15.60 -29.55
C GLY B 320 -0.04 -17.05 -29.85
N ALA B 321 -0.15 -17.42 -31.10
CA ALA B 321 0.09 -18.78 -31.51
C ALA B 321 0.40 -18.80 -32.99
N ASN B 322 0.98 -19.87 -33.48
CA ASN B 322 1.05 -20.09 -34.94
C ASN B 322 0.29 -21.36 -35.38
N SER B 323 0.12 -21.49 -36.70
CA SER B 323 -0.55 -22.63 -37.34
C SER B 323 0.47 -23.43 -38.09
N PRO B 324 0.41 -24.76 -37.97
CA PRO B 324 -0.47 -25.56 -37.17
C PRO B 324 -0.26 -25.30 -35.66
N TYR B 325 -1.29 -25.51 -34.82
CA TYR B 325 -1.43 -24.85 -33.54
C TYR B 325 -0.27 -25.05 -32.60
N ALA B 326 0.42 -23.94 -32.30
CA ALA B 326 1.54 -23.92 -31.36
C ALA B 326 1.62 -22.53 -30.76
N ALA B 327 1.31 -22.47 -29.47
CA ALA B 327 1.29 -21.24 -28.74
C ALA B 327 2.71 -20.75 -28.38
N GLN B 328 2.89 -19.44 -28.46
CA GLN B 328 4.07 -18.80 -27.90
C GLN B 328 3.93 -18.73 -26.39
N PRO B 329 5.03 -18.84 -25.66
CA PRO B 329 4.99 -18.78 -24.24
C PRO B 329 4.83 -17.40 -23.61
N THR B 330 4.86 -17.36 -22.29
CA THR B 330 4.66 -16.17 -21.52
C THR B 330 5.85 -15.18 -21.72
N SER B 331 7.08 -15.66 -21.59
CA SER B 331 8.26 -14.79 -21.81
C SER B 331 8.28 -14.27 -23.22
N TYR B 332 8.50 -12.97 -23.41
CA TYR B 332 8.79 -12.47 -24.74
C TYR B 332 10.25 -11.98 -24.79
N ASP B 333 11.14 -12.68 -24.14
CA ASP B 333 12.49 -12.22 -24.08
C ASP B 333 13.02 -11.91 -25.49
N TYR B 334 12.76 -12.83 -26.42
CA TYR B 334 13.17 -12.71 -27.82
C TYR B 334 14.68 -12.74 -28.00
N ASP B 335 15.45 -13.01 -26.95
CA ASP B 335 16.87 -12.90 -27.02
C ASP B 335 17.26 -11.45 -27.41
N ALA B 336 16.47 -10.47 -26.96
CA ALA B 336 16.69 -9.09 -27.33
C ALA B 336 17.90 -8.51 -26.61
N PRO B 337 18.50 -7.42 -27.11
CA PRO B 337 19.58 -6.68 -26.45
C PRO B 337 19.30 -6.37 -25.00
N LEU B 338 18.04 -6.07 -24.70
CA LEU B 338 17.57 -5.99 -23.29
C LEU B 338 16.76 -7.23 -22.98
N SER B 339 17.10 -7.87 -21.85
CA SER B 339 16.41 -9.07 -21.42
C SER B 339 15.00 -8.74 -20.99
N GLU B 340 14.22 -9.76 -20.69
CA GLU B 340 12.80 -9.60 -20.38
C GLU B 340 12.59 -8.59 -19.26
N ALA B 341 13.49 -8.59 -18.29
CA ALA B 341 13.41 -7.77 -17.08
C ALA B 341 14.25 -6.49 -17.24
N GLY B 342 14.66 -6.22 -18.45
CA GLY B 342 15.35 -4.98 -18.77
C GLY B 342 16.86 -5.00 -18.58
N ASP B 343 17.45 -6.18 -18.50
CA ASP B 343 18.87 -6.24 -18.31
C ASP B 343 19.72 -5.85 -19.55
N LEU B 344 20.84 -5.21 -19.26
CA LEU B 344 21.91 -4.89 -20.23
C LEU B 344 22.63 -6.18 -20.50
N THR B 345 22.71 -6.61 -21.74
CA THR B 345 23.41 -7.87 -22.09
C THR B 345 24.64 -7.57 -22.96
N GLU B 346 25.37 -8.61 -23.32
CA GLU B 346 26.51 -8.44 -24.21
C GLU B 346 26.10 -7.81 -25.52
N LYS B 347 24.98 -8.30 -26.04
CA LYS B 347 24.34 -7.82 -27.25
C LYS B 347 23.98 -6.34 -27.18
N TYR B 348 23.46 -5.89 -26.07
CA TYR B 348 23.20 -4.47 -25.91
C TYR B 348 24.51 -3.68 -26.13
N PHE B 349 25.60 -4.05 -25.48
CA PHE B 349 26.86 -3.32 -25.59
C PHE B 349 27.49 -3.41 -26.99
N ALA B 350 27.44 -4.59 -27.61
CA ALA B 350 27.96 -4.76 -28.98
C ALA B 350 27.18 -3.91 -29.98
N LEU B 351 25.84 -3.85 -29.85
CA LEU B 351 25.02 -2.99 -30.69
C LEU B 351 25.23 -1.47 -30.44
N ARG B 352 25.41 -1.05 -29.18
CA ARG B 352 25.78 0.32 -28.88
C ARG B 352 27.15 0.63 -29.49
N ASN B 353 28.10 -0.31 -29.47
CA ASN B 353 29.41 -0.11 -30.11
C ASN B 353 29.24 0.17 -31.57
N ILE B 354 28.39 -0.58 -32.24
CA ILE B 354 28.15 -0.36 -33.66
C ILE B 354 27.53 1.01 -33.95
N ILE B 355 26.55 1.42 -33.18
CA ILE B 355 25.91 2.70 -33.44
C ILE B 355 26.90 3.84 -33.28
N GLN B 356 27.74 3.76 -32.26
CA GLN B 356 28.80 4.73 -32.02
C GLN B 356 29.68 5.04 -33.23
N LYS B 357 29.92 4.04 -34.08
CA LYS B 357 30.70 4.24 -35.29
C LYS B 357 30.08 5.20 -36.30
N PHE B 358 28.76 5.43 -36.16
CA PHE B 358 28.01 6.28 -37.07
C PHE B 358 27.49 7.56 -36.41
N GLU B 359 27.15 7.46 -35.12
CA GLU B 359 26.59 8.59 -34.38
C GLU B 359 27.34 8.66 -33.08
N LYS B 360 27.30 9.82 -32.45
CA LYS B 360 27.76 9.98 -31.08
C LYS B 360 26.59 9.46 -30.25
N VAL B 361 26.89 8.57 -29.32
CA VAL B 361 25.88 8.08 -28.39
C VAL B 361 25.91 8.97 -27.14
N PRO B 362 24.81 9.06 -26.38
CA PRO B 362 24.84 10.01 -25.26
C PRO B 362 25.81 9.69 -24.13
N GLU B 363 26.10 10.69 -23.32
CA GLU B 363 27.13 10.55 -22.29
C GLU B 363 26.52 10.25 -20.93
N GLY B 364 27.37 9.74 -20.06
CA GLY B 364 26.97 9.31 -18.73
C GLY B 364 26.87 7.81 -18.51
N PRO B 365 26.76 7.42 -17.23
CA PRO B 365 26.48 6.04 -16.92
C PRO B 365 25.07 5.60 -17.43
N ILE B 366 24.96 4.34 -17.83
CA ILE B 366 23.71 3.74 -18.30
C ILE B 366 22.90 3.22 -17.06
N PRO B 367 21.59 3.50 -16.98
CA PRO B 367 20.81 2.91 -15.89
C PRO B 367 21.06 1.37 -15.81
N PRO B 368 21.24 0.81 -14.63
CA PRO B 368 21.68 -0.57 -14.61
C PRO B 368 20.55 -1.64 -14.74
N SER B 369 20.97 -2.90 -14.94
CA SER B 369 20.11 -4.08 -14.76
C SER B 369 19.60 -4.02 -13.34
N THR B 370 18.33 -4.31 -13.12
CA THR B 370 17.75 -4.12 -11.83
C THR B 370 18.32 -5.16 -10.90
N PRO B 371 18.36 -4.89 -9.59
CA PRO B 371 18.70 -6.02 -8.67
C PRO B 371 17.57 -7.08 -8.64
N LYS B 372 17.95 -8.35 -8.50
CA LYS B 372 16.99 -9.44 -8.38
C LYS B 372 17.24 -10.15 -7.07
N PHE B 373 16.16 -10.60 -6.45
CA PHE B 373 16.24 -11.15 -5.12
C PHE B 373 15.53 -12.52 -5.12
N ALA B 374 16.16 -13.46 -4.42
CA ALA B 374 15.58 -14.75 -4.19
C ALA B 374 14.78 -14.79 -2.89
N TYR B 375 13.47 -14.65 -2.97
CA TYR B 375 12.66 -14.73 -1.76
C TYR B 375 12.60 -16.18 -1.20
N GLY B 376 12.91 -17.18 -2.03
CA GLY B 376 12.89 -18.55 -1.61
C GLY B 376 11.55 -19.29 -1.73
N LYS B 377 11.46 -20.33 -0.94
CA LYS B 377 10.38 -21.26 -1.04
C LYS B 377 9.21 -20.63 -0.33
N VAL B 378 8.02 -20.68 -0.93
CA VAL B 378 6.80 -20.30 -0.27
C VAL B 378 5.78 -21.38 -0.44
N THR B 379 5.24 -21.82 0.69
CA THR B 379 4.39 -22.96 0.75
C THR B 379 3.04 -22.42 0.37
N LEU B 380 2.31 -23.22 -0.38
CA LEU B 380 0.91 -22.91 -0.76
C LEU B 380 -0.03 -23.99 -0.26
N GLU B 381 -1.32 -23.70 -0.15
CA GLU B 381 -2.28 -24.74 0.14
C GLU B 381 -3.51 -24.69 -0.76
N LYS B 382 -4.02 -25.85 -1.12
CA LYS B 382 -5.24 -25.94 -1.88
C LYS B 382 -6.36 -25.19 -1.14
N LEU B 383 -7.10 -24.36 -1.83
CA LEU B 383 -8.19 -23.64 -1.25
C LEU B 383 -9.52 -24.22 -1.76
N LYS B 384 -9.67 -24.32 -3.06
CA LYS B 384 -10.89 -24.83 -3.73
C LYS B 384 -10.61 -25.34 -5.16
N THR B 385 -11.36 -26.34 -5.57
CA THR B 385 -11.35 -26.76 -6.97
C THR B 385 -12.07 -25.71 -7.79
N VAL B 386 -11.82 -25.71 -9.09
CA VAL B 386 -12.58 -24.87 -10.03
C VAL B 386 -14.08 -25.25 -9.91
N GLY B 387 -14.40 -26.56 -9.83
CA GLY B 387 -15.76 -27.06 -9.75
C GLY B 387 -16.46 -26.58 -8.50
N ALA B 388 -15.73 -26.38 -7.41
CA ALA B 388 -16.32 -25.96 -6.15
C ALA B 388 -16.38 -24.44 -6.04
N ALA B 389 -15.70 -23.72 -6.94
CA ALA B 389 -15.85 -22.26 -6.99
C ALA B 389 -16.69 -21.67 -8.15
N LEU B 390 -17.53 -22.48 -8.79
CA LEU B 390 -18.45 -21.97 -9.82
C LEU B 390 -19.35 -20.81 -9.42
N ASP B 391 -19.84 -20.80 -8.19
CA ASP B 391 -20.68 -19.68 -7.75
C ASP B 391 -19.89 -18.38 -7.84
N ILE B 392 -18.64 -18.35 -7.43
CA ILE B 392 -17.90 -17.11 -7.46
C ILE B 392 -17.26 -16.89 -8.87
N LEU B 393 -16.96 -17.97 -9.61
CA LEU B 393 -16.40 -17.82 -10.96
C LEU B 393 -17.45 -17.39 -12.05
N CYS B 394 -18.72 -17.75 -11.86
CA CYS B 394 -19.75 -17.45 -12.82
C CYS B 394 -20.99 -16.93 -12.05
N PRO B 395 -20.91 -15.71 -11.48
CA PRO B 395 -21.98 -15.23 -10.62
C PRO B 395 -23.34 -14.94 -11.32
N SER B 396 -23.34 -14.56 -12.59
CA SER B 396 -24.62 -14.50 -13.37
C SER B 396 -25.15 -15.85 -13.89
N GLY B 397 -24.56 -16.97 -13.48
CA GLY B 397 -25.03 -18.27 -13.92
C GLY B 397 -24.67 -18.67 -15.35
N PRO B 398 -24.78 -19.95 -15.67
CA PRO B 398 -24.37 -20.60 -16.90
C PRO B 398 -25.33 -20.36 -18.07
N ILE B 399 -24.85 -20.61 -19.31
CA ILE B 399 -25.66 -20.60 -20.49
C ILE B 399 -26.00 -22.07 -20.78
N LYS B 400 -27.27 -22.35 -21.03
CA LYS B 400 -27.74 -23.68 -21.34
C LYS B 400 -27.78 -23.81 -22.85
N SER B 401 -27.39 -24.95 -23.35
CA SER B 401 -27.42 -25.13 -24.80
C SER B 401 -27.51 -26.58 -25.17
N LEU B 402 -28.09 -26.85 -26.32
CA LEU B 402 -28.22 -28.20 -26.81
C LEU B 402 -26.89 -28.84 -27.25
N TYR B 403 -26.15 -28.19 -28.16
CA TYR B 403 -24.74 -28.52 -28.51
C TYR B 403 -23.77 -27.46 -27.95
N PRO B 404 -22.47 -27.71 -28.00
CA PRO B 404 -21.65 -26.75 -27.27
C PRO B 404 -21.55 -25.45 -28.03
N LEU B 405 -21.33 -24.37 -27.29
CA LEU B 405 -21.11 -23.02 -27.83
C LEU B 405 -19.62 -22.67 -27.68
N THR B 406 -19.13 -21.82 -28.54
CA THR B 406 -17.76 -21.33 -28.47
C THR B 406 -17.62 -20.25 -27.37
N PHE B 407 -16.36 -19.88 -27.07
CA PHE B 407 -16.03 -18.79 -26.16
C PHE B 407 -16.74 -17.53 -26.63
N ILE B 408 -16.60 -17.23 -27.88
CA ILE B 408 -17.24 -16.03 -28.41
C ILE B 408 -18.76 -15.98 -28.14
N GLN B 409 -19.44 -17.11 -28.28
CA GLN B 409 -20.90 -17.08 -28.19
C GLN B 409 -21.32 -17.03 -26.75
N VAL B 410 -20.47 -17.47 -25.80
CA VAL B 410 -20.78 -17.25 -24.38
C VAL B 410 -20.13 -16.00 -23.84
N LYS B 411 -19.64 -15.13 -24.71
CA LYS B 411 -19.17 -13.79 -24.29
C LYS B 411 -17.90 -13.80 -23.46
N GLN B 412 -17.05 -14.80 -23.69
CA GLN B 412 -15.80 -14.85 -23.03
C GLN B 412 -14.73 -14.93 -24.06
N HIS B 413 -13.63 -14.22 -23.85
CA HIS B 413 -12.60 -14.07 -24.88
C HIS B 413 -11.30 -14.72 -24.51
N TYR B 414 -10.91 -14.55 -23.26
CA TYR B 414 -9.66 -15.08 -22.73
C TYR B 414 -9.88 -16.01 -21.59
N GLY B 415 -8.91 -16.92 -21.37
CA GLY B 415 -8.97 -17.76 -20.19
C GLY B 415 -9.69 -19.11 -20.33
N PHE B 416 -10.69 -19.37 -19.47
CA PHE B 416 -11.23 -20.69 -19.27
C PHE B 416 -12.78 -20.67 -19.27
N VAL B 417 -13.37 -21.79 -19.75
CA VAL B 417 -14.79 -22.02 -19.75
C VAL B 417 -15.00 -23.48 -19.38
N LEU B 418 -15.96 -23.70 -18.48
CA LEU B 418 -16.27 -25.02 -18.02
C LEU B 418 -17.55 -25.47 -18.80
N TYR B 419 -17.42 -26.53 -19.55
CA TYR B 419 -18.56 -27.18 -20.19
C TYR B 419 -19.03 -28.38 -19.41
N ARG B 420 -20.32 -28.41 -19.10
CA ARG B 420 -20.88 -29.48 -18.28
C ARG B 420 -22.08 -30.19 -18.92
N THR B 421 -22.07 -31.51 -18.79
CA THR B 421 -23.19 -32.35 -19.16
C THR B 421 -23.28 -33.55 -18.24
N THR B 422 -24.22 -34.44 -18.52
CA THR B 422 -24.25 -35.73 -17.78
C THR B 422 -24.07 -36.86 -18.75
N LEU B 423 -23.52 -37.98 -18.27
CA LEU B 423 -23.33 -39.16 -19.12
C LEU B 423 -24.72 -39.78 -19.37
N PRO B 424 -25.13 -39.93 -20.63
CA PRO B 424 -26.39 -40.54 -21.00
C PRO B 424 -26.39 -42.06 -20.84
N GLN B 425 -25.23 -42.67 -20.70
CA GLN B 425 -25.12 -44.11 -20.56
C GLN B 425 -24.16 -44.50 -19.46
N ASP B 426 -24.34 -45.70 -18.92
CA ASP B 426 -23.33 -46.28 -18.05
C ASP B 426 -21.96 -46.43 -18.72
N CYS B 427 -20.87 -46.04 -18.04
CA CYS B 427 -19.51 -46.17 -18.58
C CYS B 427 -18.57 -46.85 -17.59
N SER B 428 -19.00 -47.96 -17.01
CA SER B 428 -18.17 -48.68 -16.04
C SER B 428 -16.97 -49.33 -16.75
N ASN B 429 -17.17 -49.65 -18.00
CA ASN B 429 -16.06 -49.96 -18.87
C ASN B 429 -15.66 -48.68 -19.59
N PRO B 430 -14.35 -48.46 -19.77
CA PRO B 430 -13.92 -47.26 -20.48
C PRO B 430 -14.70 -46.99 -21.76
N ALA B 431 -15.26 -45.80 -21.88
CA ALA B 431 -15.91 -45.35 -23.10
C ALA B 431 -15.13 -44.19 -23.72
N PRO B 432 -15.04 -44.14 -25.05
CA PRO B 432 -14.27 -43.07 -25.66
C PRO B 432 -15.09 -41.76 -25.79
N LEU B 433 -14.57 -40.69 -25.17
CA LEU B 433 -15.05 -39.33 -25.32
C LEU B 433 -14.19 -38.70 -26.39
N SER B 434 -14.82 -38.16 -27.43
CA SER B 434 -14.05 -37.75 -28.57
C SER B 434 -14.58 -36.48 -29.23
N SER B 435 -13.70 -35.73 -29.88
CA SER B 435 -14.08 -34.58 -30.69
C SER B 435 -13.69 -34.92 -32.09
N PRO B 436 -14.60 -35.56 -32.82
CA PRO B 436 -14.11 -36.15 -34.09
C PRO B 436 -13.56 -35.14 -35.05
N LEU B 437 -14.04 -33.89 -35.02
CA LEU B 437 -13.57 -32.90 -36.00
C LEU B 437 -12.43 -32.08 -35.43
N ASN B 438 -11.82 -32.53 -34.34
CA ASN B 438 -10.67 -31.85 -33.79
C ASN B 438 -11.10 -30.51 -33.35
N GLY B 439 -12.15 -30.49 -32.52
CA GLY B 439 -12.85 -29.26 -32.14
C GLY B 439 -12.69 -28.78 -30.70
N VAL B 440 -11.68 -29.31 -30.06
CA VAL B 440 -11.25 -28.85 -28.76
C VAL B 440 -10.16 -27.77 -28.95
N HIS B 441 -10.53 -26.52 -28.77
CA HIS B 441 -9.63 -25.45 -29.03
C HIS B 441 -9.48 -24.71 -27.70
N ASP B 442 -8.47 -25.00 -26.90
CA ASP B 442 -7.23 -25.69 -27.33
C ASP B 442 -6.86 -26.90 -26.47
N ARG B 443 -7.40 -26.95 -25.25
CA ARG B 443 -7.03 -27.99 -24.32
C ARG B 443 -8.20 -28.13 -23.37
N ALA B 444 -8.55 -29.37 -23.01
CA ALA B 444 -9.61 -29.59 -22.03
C ALA B 444 -9.12 -30.48 -20.93
N TYR B 445 -9.45 -30.09 -19.69
CA TYR B 445 -9.14 -30.89 -18.52
C TYR B 445 -10.41 -31.53 -18.08
N VAL B 446 -10.48 -32.84 -18.22
CA VAL B 446 -11.71 -33.59 -18.09
C VAL B 446 -11.89 -34.32 -16.73
N ALA B 447 -13.11 -34.24 -16.20
CA ALA B 447 -13.49 -34.99 -15.00
C ALA B 447 -14.92 -35.54 -15.05
N VAL B 448 -15.09 -36.67 -14.40
CA VAL B 448 -16.39 -37.26 -14.18
C VAL B 448 -16.60 -37.49 -12.69
N ASP B 449 -17.64 -36.86 -12.14
CA ASP B 449 -17.94 -36.83 -10.70
C ASP B 449 -16.74 -36.57 -9.84
N GLY B 450 -16.02 -35.54 -10.21
CA GLY B 450 -14.86 -35.11 -9.46
C GLY B 450 -13.65 -36.00 -9.59
N ILE B 451 -13.64 -36.94 -10.55
CA ILE B 451 -12.48 -37.76 -10.81
C ILE B 451 -11.85 -37.29 -12.14
N PRO B 452 -10.64 -36.76 -12.07
CA PRO B 452 -9.92 -36.42 -13.29
C PRO B 452 -9.73 -37.60 -14.28
N GLN B 453 -9.92 -37.39 -15.58
CA GLN B 453 -9.77 -38.45 -16.58
C GLN B 453 -8.60 -38.25 -17.54
N GLY B 454 -7.97 -37.09 -17.49
CA GLY B 454 -6.95 -36.77 -18.47
C GLY B 454 -7.31 -35.53 -19.25
N VAL B 455 -6.71 -35.41 -20.43
CA VAL B 455 -6.66 -34.17 -21.17
C VAL B 455 -6.97 -34.41 -22.67
N LEU B 456 -7.73 -33.50 -23.29
CA LEU B 456 -7.91 -33.46 -24.76
C LEU B 456 -7.18 -32.24 -25.25
N GLU B 457 -6.51 -32.40 -26.36
CA GLU B 457 -5.56 -31.43 -26.82
C GLU B 457 -5.76 -31.28 -28.30
N ARG B 458 -5.85 -30.04 -28.74
CA ARG B 458 -6.00 -29.75 -30.13
C ARG B 458 -4.92 -30.44 -30.96
N ASN B 459 -5.35 -31.07 -32.06
CA ASN B 459 -4.44 -31.82 -32.97
C ASN B 459 -3.98 -33.16 -32.34
N ASN B 460 -3.37 -33.12 -31.15
CA ASN B 460 -2.66 -34.28 -30.61
C ASN B 460 -3.48 -35.42 -30.06
N VAL B 461 -4.56 -35.10 -29.34
CA VAL B 461 -5.34 -36.11 -28.67
C VAL B 461 -6.80 -35.70 -28.77
N ILE B 462 -7.52 -36.34 -29.69
CA ILE B 462 -8.90 -36.00 -29.85
C ILE B 462 -9.84 -37.00 -29.17
N THR B 463 -9.28 -37.99 -28.49
CA THR B 463 -10.07 -39.00 -27.85
C THR B 463 -9.46 -39.39 -26.53
N LEU B 464 -10.33 -39.61 -25.56
CA LEU B 464 -9.94 -39.95 -24.22
C LEU B 464 -10.99 -40.91 -23.67
N ASN B 465 -10.55 -42.03 -23.14
CA ASN B 465 -11.45 -42.94 -22.44
C ASN B 465 -11.83 -42.46 -21.08
N ILE B 466 -13.14 -42.52 -20.80
CA ILE B 466 -13.66 -42.16 -19.50
C ILE B 466 -14.42 -43.31 -18.84
N THR B 467 -14.57 -43.20 -17.54
CA THR B 467 -15.40 -44.09 -16.79
C THR B 467 -16.31 -43.30 -15.85
N GLY B 468 -17.53 -43.80 -15.67
CA GLY B 468 -18.40 -43.30 -14.64
C GLY B 468 -19.80 -43.87 -14.71
N LYS B 469 -20.60 -43.57 -13.69
CA LYS B 469 -21.98 -44.03 -13.67
C LYS B 469 -22.81 -43.24 -14.63
N ALA B 470 -23.81 -43.93 -15.18
CA ALA B 470 -24.90 -43.28 -15.86
C ALA B 470 -25.33 -42.09 -15.02
N GLY B 471 -25.63 -40.97 -15.66
CA GLY B 471 -26.10 -39.77 -14.95
C GLY B 471 -25.02 -39.01 -14.19
N ALA B 472 -23.77 -39.46 -14.25
CA ALA B 472 -22.67 -38.73 -13.66
C ALA B 472 -22.33 -37.43 -14.39
N THR B 473 -21.83 -36.45 -13.64
CA THR B 473 -21.53 -35.14 -14.16
C THR B 473 -20.21 -35.16 -14.97
N LEU B 474 -20.28 -34.77 -16.23
CA LEU B 474 -19.12 -34.68 -17.12
C LEU B 474 -18.75 -33.22 -17.28
N ASP B 475 -17.53 -32.87 -16.83
CA ASP B 475 -16.99 -31.51 -16.89
C ASP B 475 -15.77 -31.49 -17.83
N LEU B 476 -15.71 -30.49 -18.70
CA LEU B 476 -14.55 -30.15 -19.46
C LEU B 476 -14.20 -28.69 -19.18
N LEU B 477 -13.07 -28.45 -18.52
CA LEU B 477 -12.52 -27.09 -18.38
C LEU B 477 -11.69 -26.83 -19.62
N VAL B 478 -12.12 -25.91 -20.50
CA VAL B 478 -11.44 -25.63 -21.78
C VAL B 478 -10.64 -24.32 -21.69
N GLU B 479 -9.38 -24.40 -22.11
CA GLU B 479 -8.50 -23.27 -22.10
C GLU B 479 -8.19 -22.75 -23.49
N ASN B 480 -8.27 -21.43 -23.64
CA ASN B 480 -7.77 -20.76 -24.77
C ASN B 480 -6.26 -20.51 -24.57
N MET B 481 -5.45 -21.25 -25.29
CA MET B 481 -4.02 -21.15 -25.17
C MET B 481 -3.43 -19.98 -25.95
N GLY B 482 -4.27 -19.33 -26.74
CA GLY B 482 -3.91 -18.16 -27.49
C GLY B 482 -4.38 -18.25 -28.91
N ARG B 483 -4.98 -17.15 -29.40
CA ARG B 483 -5.48 -17.11 -30.76
C ARG B 483 -4.35 -16.80 -31.78
N VAL B 484 -4.33 -17.64 -32.81
CA VAL B 484 -3.37 -17.52 -33.86
C VAL B 484 -3.30 -16.08 -34.32
N ASN B 485 -2.08 -15.60 -34.44
CA ASN B 485 -1.84 -14.21 -34.75
C ASN B 485 -1.26 -14.02 -36.15
N TYR B 486 -1.12 -15.10 -36.90
CA TYR B 486 -0.55 -15.01 -38.25
C TYR B 486 -1.04 -16.16 -39.04
N GLY B 487 -1.52 -15.89 -40.24
CA GLY B 487 -1.91 -16.96 -41.12
C GLY B 487 -3.32 -16.71 -41.53
N ALA B 488 -3.83 -17.60 -42.38
CA ALA B 488 -5.24 -17.58 -42.79
C ALA B 488 -6.17 -17.90 -41.62
N TYR B 489 -5.67 -18.62 -40.62
CA TYR B 489 -6.54 -19.07 -39.50
C TYR B 489 -6.54 -18.21 -38.21
N ILE B 490 -6.52 -16.88 -38.36
CA ILE B 490 -6.63 -15.95 -37.20
C ILE B 490 -8.08 -15.83 -36.66
N ASN B 491 -9.06 -16.29 -37.42
CA ASN B 491 -10.46 -16.42 -36.95
C ASN B 491 -10.70 -17.74 -36.13
N ASP B 492 -10.12 -17.72 -34.96
CA ASP B 492 -9.86 -18.84 -34.14
C ASP B 492 -10.82 -18.65 -32.93
N PHE B 493 -11.99 -19.32 -32.96
CA PHE B 493 -13.08 -19.06 -32.05
C PHE B 493 -12.83 -19.40 -30.57
N LYS B 494 -12.31 -20.62 -30.40
CA LYS B 494 -11.94 -21.20 -29.12
C LYS B 494 -13.20 -21.74 -28.41
N GLY B 495 -12.94 -22.72 -27.55
CA GLY B 495 -13.91 -23.47 -26.81
C GLY B 495 -14.04 -24.85 -27.45
N LEU B 496 -15.18 -25.47 -27.21
CA LEU B 496 -15.59 -26.60 -27.98
C LEU B 496 -16.25 -26.02 -29.21
N VAL B 497 -15.53 -26.07 -30.33
CA VAL B 497 -15.98 -25.47 -31.57
C VAL B 497 -16.71 -26.47 -32.47
N SER B 498 -16.73 -27.75 -32.10
CA SER B 498 -17.57 -28.75 -32.76
C SER B 498 -18.02 -29.77 -31.71
N ASN B 499 -18.92 -30.69 -32.08
CA ASN B 499 -19.45 -31.63 -31.11
C ASN B 499 -18.49 -32.57 -30.44
N LEU B 500 -18.79 -32.94 -29.19
CA LEU B 500 -18.19 -34.07 -28.57
C LEU B 500 -19.05 -35.34 -28.72
N THR B 501 -18.41 -36.49 -28.96
CA THR B 501 -19.13 -37.76 -28.89
C THR B 501 -18.70 -38.64 -27.72
N LEU B 502 -19.62 -39.46 -27.26
CA LEU B 502 -19.34 -40.55 -26.33
C LEU B 502 -19.83 -41.88 -26.95
N SER B 503 -18.89 -42.80 -27.16
CA SER B 503 -19.12 -44.08 -27.89
C SER B 503 -19.74 -43.80 -29.23
N SER B 504 -19.25 -42.74 -29.88
CA SER B 504 -19.79 -42.28 -31.20
C SER B 504 -21.11 -41.53 -31.21
N ASN B 505 -21.73 -41.32 -30.06
CA ASN B 505 -23.03 -40.64 -30.03
C ASN B 505 -22.86 -39.19 -29.59
N ILE B 506 -23.43 -38.25 -30.34
CA ILE B 506 -23.19 -36.85 -30.06
C ILE B 506 -23.74 -36.56 -28.69
N LEU B 507 -22.98 -35.79 -27.91
CA LEU B 507 -23.41 -35.48 -26.55
C LEU B 507 -24.12 -34.15 -26.60
N THR B 508 -25.32 -34.10 -25.97
CA THR B 508 -26.22 -32.93 -25.97
C THR B 508 -26.58 -32.52 -24.54
N ASP B 509 -27.22 -31.34 -24.32
CA ASP B 509 -27.62 -30.82 -22.96
C ASP B 509 -26.41 -30.37 -22.18
N TRP B 510 -25.93 -29.21 -22.55
CA TRP B 510 -24.74 -28.61 -22.02
C TRP B 510 -25.08 -27.44 -21.09
N THR B 511 -24.39 -27.41 -19.95
CA THR B 511 -24.43 -26.29 -19.08
C THR B 511 -23.04 -25.71 -19.10
N ILE B 512 -22.95 -24.47 -19.56
CA ILE B 512 -21.71 -23.83 -19.85
C ILE B 512 -21.42 -22.58 -19.04
N PHE B 513 -20.33 -22.62 -18.26
CA PHE B 513 -19.96 -21.59 -17.32
C PHE B 513 -18.73 -20.81 -17.86
N PRO B 514 -18.99 -19.63 -18.40
CA PRO B 514 -17.92 -18.68 -18.45
C PRO B 514 -17.40 -18.41 -17.06
N LEU B 515 -16.08 -18.26 -16.96
CA LEU B 515 -15.42 -18.23 -15.66
C LEU B 515 -14.63 -16.93 -15.54
N ASP B 516 -15.02 -16.12 -14.56
CA ASP B 516 -14.38 -14.83 -14.29
C ASP B 516 -13.13 -15.04 -13.38
N THR B 517 -12.13 -15.74 -13.90
CA THR B 517 -10.93 -15.99 -13.12
C THR B 517 -10.30 -14.75 -12.50
N GLU B 518 -10.30 -13.64 -13.22
CA GLU B 518 -9.54 -12.45 -12.80
C GLU B 518 -10.20 -11.80 -11.58
N ASP B 519 -11.51 -11.58 -11.65
CA ASP B 519 -12.32 -11.08 -10.52
C ASP B 519 -12.25 -12.02 -9.33
N ALA B 520 -12.41 -13.32 -9.59
CA ALA B 520 -12.49 -14.28 -8.51
C ALA B 520 -11.18 -14.36 -7.70
N VAL B 521 -10.06 -14.33 -8.38
CA VAL B 521 -8.75 -14.31 -7.72
C VAL B 521 -8.56 -12.99 -6.95
N ARG B 522 -9.00 -11.86 -7.52
CA ARG B 522 -8.87 -10.53 -6.85
C ARG B 522 -9.68 -10.39 -5.57
N SER B 523 -10.74 -11.18 -5.41
CA SER B 523 -11.55 -11.26 -4.21
C SER B 523 -11.21 -12.49 -3.39
N HIS B 524 -10.14 -13.21 -3.76
CA HIS B 524 -9.72 -14.41 -3.03
C HIS B 524 -10.90 -15.42 -2.99
N LEU B 525 -11.47 -15.64 -4.17
CA LEU B 525 -12.59 -16.53 -4.36
C LEU B 525 -13.72 -16.16 -3.45
N GLY B 526 -13.98 -14.86 -3.23
CA GLY B 526 -15.08 -14.40 -2.37
C GLY B 526 -14.75 -14.25 -0.90
N GLY B 527 -13.58 -14.70 -0.49
CA GLY B 527 -13.15 -14.55 0.89
C GLY B 527 -12.99 -13.11 1.40
N TRP B 528 -12.72 -12.17 0.50
CA TRP B 528 -12.59 -10.74 0.84
C TRP B 528 -13.76 -9.88 0.42
N GLY B 529 -14.84 -10.49 -0.03
CA GLY B 529 -16.01 -9.73 -0.32
C GLY B 529 -15.84 -9.02 -1.65
N HIS B 530 -16.68 -8.04 -1.90
CA HIS B 530 -16.76 -7.40 -3.20
C HIS B 530 -16.69 -5.86 -3.16
N ARG B 531 -16.41 -5.28 -2.00
CA ARG B 531 -16.04 -3.88 -1.96
C ARG B 531 -14.79 -3.64 -2.81
N ASN B 546 -0.88 -39.53 -14.12
CA ASN B 546 -1.97 -39.14 -13.24
C ASN B 546 -2.24 -37.62 -13.15
N TYR B 547 -3.47 -37.28 -12.71
CA TYR B 547 -4.01 -35.93 -12.76
C TYR B 547 -4.70 -35.62 -11.43
N THR B 548 -4.76 -34.33 -11.08
CA THR B 548 -5.60 -33.81 -10.00
C THR B 548 -6.61 -32.89 -10.64
N LEU B 549 -7.72 -32.68 -9.97
CA LEU B 549 -8.70 -31.72 -10.40
C LEU B 549 -8.11 -30.28 -10.47
N PRO B 550 -8.37 -29.57 -11.59
CA PRO B 550 -8.05 -28.12 -11.68
C PRO B 550 -8.45 -27.39 -10.42
N ALA B 551 -7.52 -26.68 -9.77
CA ALA B 551 -7.82 -26.04 -8.48
C ALA B 551 -6.90 -24.84 -8.18
N PHE B 552 -7.38 -23.96 -7.33
CA PHE B 552 -6.67 -22.82 -6.82
C PHE B 552 -5.86 -23.14 -5.57
N TYR B 553 -4.57 -22.84 -5.62
CA TYR B 553 -3.67 -23.03 -4.46
C TYR B 553 -3.17 -21.68 -4.01
N MET B 554 -3.13 -21.45 -2.71
CA MET B 554 -2.79 -20.12 -2.20
C MET B 554 -1.81 -20.12 -1.07
N GLY B 555 -0.98 -19.08 -1.06
CA GLY B 555 0.07 -18.92 -0.08
C GLY B 555 0.50 -17.47 0.00
N ASN B 556 0.91 -17.10 1.19
CA ASN B 556 1.31 -15.78 1.54
C ASN B 556 2.82 -15.76 1.83
N PHE B 557 3.48 -14.64 1.52
CA PHE B 557 4.79 -14.33 2.06
C PHE B 557 4.92 -12.83 2.32
N SER B 558 5.64 -12.49 3.39
CA SER B 558 5.91 -11.11 3.79
C SER B 558 7.33 -10.63 3.44
N ILE B 559 7.47 -9.31 3.32
CA ILE B 559 8.70 -8.67 2.97
C ILE B 559 8.81 -7.51 3.95
N PRO B 560 9.98 -7.32 4.59
CA PRO B 560 10.05 -6.27 5.65
C PRO B 560 9.92 -4.89 5.09
N SER B 561 9.26 -4.00 5.82
CA SER B 561 9.19 -2.57 5.40
C SER B 561 10.47 -1.87 5.84
N GLY B 562 10.68 -0.65 5.38
CA GLY B 562 11.81 0.17 5.89
C GLY B 562 13.20 -0.30 5.43
N ILE B 563 13.23 -1.21 4.44
CA ILE B 563 14.45 -1.67 3.77
C ILE B 563 14.49 -1.03 2.40
N PRO B 564 15.45 -0.12 2.22
CA PRO B 564 15.41 0.69 1.00
C PRO B 564 15.46 -0.16 -0.24
N ASP B 565 16.14 -1.29 -0.18
CA ASP B 565 16.28 -2.12 -1.36
C ASP B 565 15.35 -3.31 -1.46
N LEU B 566 14.28 -3.31 -0.70
CA LEU B 566 13.21 -4.29 -0.86
C LEU B 566 11.89 -3.56 -0.88
N PRO B 567 10.96 -4.05 -1.66
CA PRO B 567 11.10 -5.25 -2.52
C PRO B 567 11.99 -5.11 -3.77
N GLN B 568 12.44 -6.26 -4.29
CA GLN B 568 13.13 -6.36 -5.62
C GLN B 568 12.42 -7.29 -6.54
N ASP B 569 12.76 -7.15 -7.83
CA ASP B 569 12.35 -8.05 -8.93
C ASP B 569 12.77 -9.44 -8.57
N THR B 570 12.10 -10.43 -9.12
CA THR B 570 12.46 -11.81 -8.86
C THR B 570 11.87 -12.67 -9.95
N PHE B 571 12.10 -13.96 -9.84
CA PHE B 571 11.64 -14.90 -10.83
C PHE B 571 11.00 -16.03 -10.09
N ILE B 572 9.82 -16.44 -10.57
CA ILE B 572 9.10 -17.52 -9.90
C ILE B 572 9.19 -18.83 -10.67
N GLN B 573 9.54 -19.94 -9.95
CA GLN B 573 9.64 -21.30 -10.49
C GLN B 573 8.67 -22.26 -9.79
N PHE B 574 8.28 -23.32 -10.50
CA PHE B 574 7.18 -24.16 -10.06
C PHE B 574 7.60 -25.62 -10.11
N PRO B 575 8.66 -25.99 -9.35
CA PRO B 575 9.16 -27.35 -9.39
C PRO B 575 8.13 -28.31 -8.86
N GLY B 576 7.84 -29.37 -9.62
CA GLY B 576 6.76 -30.32 -9.27
C GLY B 576 5.32 -29.99 -9.74
N TRP B 577 5.05 -28.75 -10.12
CA TRP B 577 3.77 -28.35 -10.70
C TRP B 577 3.84 -28.76 -12.18
N THR B 578 2.72 -28.66 -12.89
CA THR B 578 2.66 -29.18 -14.24
C THR B 578 2.35 -28.12 -15.24
N LYS B 579 1.13 -27.61 -15.20
CA LYS B 579 0.64 -26.58 -16.13
C LYS B 579 -0.47 -25.77 -15.46
N GLY B 580 -0.35 -24.43 -15.52
CA GLY B 580 -1.35 -23.50 -14.98
C GLY B 580 -1.13 -21.98 -15.18
N GLN B 581 -1.85 -21.23 -14.34
CA GLN B 581 -1.87 -19.78 -14.40
C GLN B 581 -1.43 -19.27 -13.02
N VAL B 582 -0.74 -18.12 -12.97
CA VAL B 582 -0.31 -17.64 -11.67
C VAL B 582 -0.54 -16.14 -11.51
N TRP B 583 -1.10 -15.79 -10.34
CA TRP B 583 -1.26 -14.42 -9.88
C TRP B 583 -0.46 -14.11 -8.62
N ILE B 584 0.01 -12.87 -8.49
CA ILE B 584 0.51 -12.40 -7.20
C ILE B 584 -0.15 -11.08 -6.88
N ASN B 585 -0.69 -10.95 -5.65
CA ASN B 585 -1.61 -9.87 -5.29
C ASN B 585 -2.63 -9.56 -6.36
N GLY B 586 -3.15 -10.59 -6.99
CA GLY B 586 -4.15 -10.35 -8.07
C GLY B 586 -3.63 -9.96 -9.48
N PHE B 587 -2.32 -9.82 -9.65
CA PHE B 587 -1.77 -9.47 -10.98
C PHE B 587 -1.39 -10.77 -11.66
N ASN B 588 -2.08 -11.01 -12.76
CA ASN B 588 -1.88 -12.21 -13.58
C ASN B 588 -0.54 -12.18 -14.30
N LEU B 589 0.49 -12.84 -13.78
CA LEU B 589 1.83 -12.88 -14.41
C LEU B 589 1.92 -13.67 -15.69
N GLY B 590 0.92 -14.51 -15.95
CA GLY B 590 0.89 -15.32 -17.17
C GLY B 590 0.90 -16.81 -16.87
N ARG B 591 1.23 -17.61 -17.88
CA ARG B 591 1.10 -19.03 -17.76
C ARG B 591 2.46 -19.68 -17.56
N TYR B 592 2.47 -20.75 -16.74
CA TYR B 592 3.59 -21.67 -16.52
C TYR B 592 3.33 -23.05 -17.10
N TRP B 593 4.42 -23.71 -17.49
CA TRP B 593 4.37 -25.05 -18.14
C TRP B 593 5.74 -25.71 -18.15
N PRO B 594 6.28 -25.99 -16.96
CA PRO B 594 7.59 -26.57 -16.88
C PRO B 594 7.60 -28.00 -17.33
N ALA B 595 6.43 -28.64 -17.46
CA ALA B 595 6.38 -29.93 -18.14
C ALA B 595 6.84 -29.80 -19.62
N ARG B 596 6.72 -28.61 -20.26
CA ARG B 596 7.17 -28.49 -21.66
C ARG B 596 8.40 -27.62 -21.84
N GLY B 597 8.45 -26.52 -21.14
CA GLY B 597 9.55 -25.57 -21.32
C GLY B 597 9.35 -24.88 -22.65
N PRO B 598 10.39 -24.19 -23.18
CA PRO B 598 11.69 -23.90 -22.62
C PRO B 598 11.72 -22.97 -21.38
N GLN B 599 10.64 -22.23 -21.17
CA GLN B 599 10.50 -21.37 -20.02
C GLN B 599 10.19 -22.16 -18.77
N LEU B 600 11.09 -22.09 -17.77
CA LEU B 600 10.82 -22.60 -16.41
C LEU B 600 10.43 -21.50 -15.43
N THR B 601 11.04 -20.33 -15.49
CA THR B 601 10.67 -19.18 -14.60
C THR B 601 9.73 -18.16 -15.25
N LEU B 602 8.93 -17.47 -14.44
CA LEU B 602 8.25 -16.26 -14.88
C LEU B 602 8.80 -15.04 -14.15
N PHE B 603 8.89 -13.92 -14.83
CA PHE B 603 9.28 -12.61 -14.32
C PHE B 603 8.21 -11.99 -13.40
N VAL B 604 8.67 -11.57 -12.20
CA VAL B 604 7.85 -10.88 -11.21
C VAL B 604 8.37 -9.47 -10.95
N PRO B 605 7.73 -8.47 -11.54
CA PRO B 605 8.19 -7.10 -11.37
C PRO B 605 7.94 -6.63 -9.98
N GLN B 606 8.86 -5.89 -9.41
CA GLN B 606 8.77 -5.63 -8.00
C GLN B 606 7.62 -4.76 -7.54
N HIS B 607 7.06 -3.93 -8.40
CA HIS B 607 6.04 -2.98 -7.98
C HIS B 607 4.71 -3.61 -7.64
N ILE B 608 4.46 -4.87 -8.00
CA ILE B 608 3.26 -5.53 -7.51
C ILE B 608 3.49 -6.15 -6.11
N LEU B 609 4.73 -6.20 -5.62
CA LEU B 609 4.99 -6.82 -4.30
C LEU B 609 4.77 -5.80 -3.22
N MET B 610 4.44 -6.23 -2.03
CA MET B 610 4.21 -5.23 -1.01
C MET B 610 4.92 -5.51 0.30
N THR B 611 5.12 -4.45 1.09
CA THR B 611 5.69 -4.61 2.44
C THR B 611 4.70 -4.43 3.58
N SER B 612 3.61 -3.69 3.38
CA SER B 612 2.71 -3.45 4.54
C SER B 612 1.68 -4.58 4.80
N ALA B 613 1.80 -5.70 4.10
CA ALA B 613 0.74 -6.69 4.11
C ALA B 613 1.27 -7.96 3.49
N PRO B 614 0.74 -9.10 3.88
CA PRO B 614 1.20 -10.29 3.16
C PRO B 614 0.91 -10.27 1.64
N ASN B 615 1.90 -10.65 0.87
CA ASN B 615 1.72 -10.96 -0.54
C ASN B 615 1.10 -12.34 -0.79
N THR B 616 -0.01 -12.35 -1.51
CA THR B 616 -0.76 -13.58 -1.80
C THR B 616 -0.49 -14.16 -3.16
N ILE B 617 0.12 -15.34 -3.21
CA ILE B 617 0.31 -16.07 -4.45
C ILE B 617 -0.92 -16.94 -4.75
N THR B 618 -1.52 -16.82 -5.93
CA THR B 618 -2.56 -17.72 -6.40
C THR B 618 -2.04 -18.49 -7.59
N VAL B 619 -2.14 -19.81 -7.49
CA VAL B 619 -1.81 -20.71 -8.57
C VAL B 619 -3.06 -21.52 -8.93
N LEU B 620 -3.46 -21.43 -10.20
CA LEU B 620 -4.43 -22.33 -10.82
C LEU B 620 -3.68 -23.45 -11.53
N GLU B 621 -3.68 -24.65 -10.97
CA GLU B 621 -2.96 -25.80 -11.52
C GLU B 621 -4.00 -26.65 -12.21
N LEU B 622 -3.75 -26.96 -13.46
CA LEU B 622 -4.80 -27.50 -14.34
C LEU B 622 -4.66 -29.01 -14.50
N GLU B 623 -3.48 -29.56 -14.25
CA GLU B 623 -3.18 -30.96 -14.52
C GLU B 623 -2.77 -31.79 -13.34
N TRP B 624 -1.71 -31.36 -12.65
CA TRP B 624 -1.19 -32.15 -11.51
C TRP B 624 -0.37 -31.23 -10.61
N ALA B 625 -0.74 -31.21 -9.34
CA ALA B 625 -0.19 -30.36 -8.28
C ALA B 625 0.62 -31.22 -7.37
N PRO B 626 1.73 -30.73 -6.83
CA PRO B 626 2.46 -31.63 -5.95
C PRO B 626 2.01 -31.42 -4.53
N CYS B 627 0.73 -31.62 -4.26
CA CYS B 627 0.14 -31.22 -2.98
C CYS B 627 -0.73 -32.24 -2.27
N SER B 628 -0.57 -33.52 -2.60
CA SER B 628 -1.41 -34.60 -1.99
C SER B 628 -0.59 -35.41 -0.99
N SER B 629 0.72 -35.29 -1.04
CA SER B 629 1.55 -35.97 -0.04
C SER B 629 1.27 -35.25 1.29
N ASP B 630 1.68 -35.89 2.38
CA ASP B 630 1.58 -35.28 3.66
C ASP B 630 2.93 -34.67 4.01
N ASP B 631 3.60 -34.17 2.96
CA ASP B 631 4.77 -33.34 3.03
C ASP B 631 4.28 -31.97 2.56
N PRO B 632 3.72 -31.17 3.47
CA PRO B 632 3.36 -29.83 3.02
C PRO B 632 4.54 -29.02 2.46
N GLU B 633 5.79 -29.38 2.76
CA GLU B 633 6.95 -28.70 2.16
C GLU B 633 6.94 -28.78 0.62
N LEU B 634 6.33 -29.83 0.03
CA LEU B 634 6.30 -30.01 -1.42
C LEU B 634 5.28 -29.13 -2.16
N CYS B 635 4.16 -28.78 -1.50
CA CYS B 635 3.18 -27.89 -2.10
C CYS B 635 3.67 -26.46 -1.96
N ALA B 636 4.56 -26.07 -2.86
CA ALA B 636 5.30 -24.80 -2.75
C ALA B 636 5.82 -24.32 -4.09
N VAL B 637 6.06 -23.02 -4.19
CA VAL B 637 6.77 -22.44 -5.29
C VAL B 637 8.05 -21.83 -4.73
N THR B 638 8.93 -21.43 -5.64
CA THR B 638 10.25 -20.92 -5.22
C THR B 638 10.60 -19.66 -5.99
N PHE B 639 11.01 -18.60 -5.30
CA PHE B 639 11.52 -17.36 -5.93
C PHE B 639 13.06 -17.39 -6.09
N VAL B 640 13.57 -17.15 -7.29
CA VAL B 640 15.00 -17.20 -7.54
C VAL B 640 15.41 -15.88 -8.20
N ASP B 641 16.73 -15.62 -8.24
CA ASP B 641 17.26 -14.37 -8.74
C ASP B 641 17.83 -14.42 -10.14
N ARG B 642 17.76 -15.58 -10.80
CA ARG B 642 18.10 -15.65 -12.24
C ARG B 642 17.01 -16.41 -13.06
N PRO B 643 16.67 -15.90 -14.25
CA PRO B 643 15.61 -16.55 -15.05
C PRO B 643 16.10 -17.83 -15.63
N VAL B 644 15.21 -18.77 -15.87
CA VAL B 644 15.54 -19.92 -16.70
C VAL B 644 14.50 -19.96 -17.79
N ILE B 645 14.84 -19.38 -18.95
CA ILE B 645 13.96 -19.37 -20.14
C ILE B 645 14.52 -20.24 -21.24
N GLY B 646 15.71 -20.83 -21.01
CA GLY B 646 16.46 -21.53 -22.03
C GLY B 646 17.12 -22.80 -21.53
N SER B 647 16.40 -23.53 -20.66
CA SER B 647 16.80 -24.86 -20.20
C SER B 647 16.59 -25.83 -21.35
N SER B 648 17.63 -26.61 -21.66
CA SER B 648 17.70 -27.47 -22.85
C SER B 648 17.74 -26.62 -24.15
N GLN C 30 4.75 -7.39 35.29
CA GLN C 30 5.92 -6.46 35.48
C GLN C 30 7.25 -7.13 35.05
N ARG C 31 7.86 -6.55 34.03
CA ARG C 31 9.05 -7.09 33.39
C ARG C 31 10.27 -6.90 34.27
N MET C 32 11.14 -7.91 34.32
CA MET C 32 12.35 -7.86 35.18
C MET C 32 13.56 -8.43 34.47
N PHE C 33 14.72 -7.89 34.82
CA PHE C 33 15.99 -8.38 34.36
C PHE C 33 17.01 -8.23 35.49
N GLU C 34 17.74 -9.30 35.81
CA GLU C 34 18.64 -9.23 36.92
C GLU C 34 19.73 -10.27 36.78
N ILE C 35 20.73 -10.15 37.64
CA ILE C 35 21.78 -11.15 37.75
C ILE C 35 21.34 -12.10 38.82
N ASP C 36 21.39 -13.40 38.53
CA ASP C 36 21.26 -14.40 39.59
C ASP C 36 22.64 -14.96 39.96
N TYR C 37 23.14 -14.47 41.10
CA TYR C 37 24.41 -14.89 41.66
C TYR C 37 24.50 -16.42 41.95
N SER C 38 23.48 -16.99 42.53
CA SER C 38 23.43 -18.47 42.68
C SER C 38 23.49 -19.28 41.40
N ARG C 39 22.86 -18.78 40.34
CA ARG C 39 22.82 -19.55 39.10
C ARG C 39 23.94 -19.22 38.12
N ASP C 40 24.83 -18.30 38.52
CA ASP C 40 25.88 -17.77 37.65
C ASP C 40 25.33 -17.31 36.31
N SER C 41 24.22 -16.57 36.39
CA SER C 41 23.42 -16.29 35.19
C SER C 41 22.58 -15.00 35.30
N PHE C 42 22.12 -14.51 34.16
CA PHE C 42 21.11 -13.49 34.14
C PHE C 42 19.76 -14.19 34.25
N LEU C 43 18.78 -13.45 34.74
CA LEU C 43 17.43 -13.91 34.65
C LEU C 43 16.66 -12.80 34.01
N LYS C 44 15.91 -13.17 32.99
CA LYS C 44 15.00 -12.28 32.32
C LYS C 44 13.56 -12.81 32.52
N ASP C 45 12.71 -12.00 33.11
CA ASP C 45 11.42 -12.43 33.63
C ASP C 45 11.48 -13.75 34.38
N GLY C 46 12.39 -13.87 35.34
CA GLY C 46 12.54 -15.11 36.15
C GLY C 46 13.21 -16.33 35.47
N GLN C 47 13.56 -16.23 34.19
CA GLN C 47 14.13 -17.37 33.46
C GLN C 47 15.57 -17.13 33.06
N PRO C 48 16.37 -18.20 33.01
CA PRO C 48 17.76 -18.07 32.57
C PRO C 48 17.86 -17.39 31.23
N PHE C 49 18.89 -16.56 31.09
CA PHE C 49 19.06 -15.80 29.87
C PHE C 49 20.51 -15.53 29.61
N ARG C 50 20.96 -15.63 28.36
CA ARG C 50 22.20 -15.01 28.00
C ARG C 50 22.16 -14.42 26.66
N TYR C 51 23.03 -13.44 26.44
CA TYR C 51 22.96 -12.71 25.21
C TYR C 51 24.10 -12.98 24.31
N THR C 52 23.78 -12.91 23.04
CA THR C 52 24.76 -12.92 21.97
C THR C 52 24.42 -11.68 21.21
N SER C 53 25.26 -10.69 21.38
CA SER C 53 25.03 -9.34 20.94
C SER C 53 26.08 -8.92 19.89
N GLY C 54 25.80 -7.85 19.18
CA GLY C 54 26.72 -7.30 18.20
C GLY C 54 26.66 -5.79 18.42
N SER C 55 27.82 -5.13 18.29
CA SER C 55 27.92 -3.67 18.39
C SER C 55 27.52 -3.03 17.07
N ILE C 56 26.78 -1.91 17.18
CA ILE C 56 26.40 -1.11 16.07
C ILE C 56 26.31 0.29 16.65
N HIS C 57 26.98 1.25 16.03
CA HIS C 57 27.01 2.59 16.58
C HIS C 57 26.13 3.42 15.68
N TYR C 58 25.04 3.92 16.26
CA TYR C 58 24.04 4.62 15.46
C TYR C 58 24.62 5.90 14.92
N SER C 59 25.69 6.41 15.54
CA SER C 59 26.38 7.62 15.05
C SER C 59 27.25 7.33 13.83
N ARG C 60 27.39 6.06 13.45
CA ARG C 60 28.28 5.68 12.36
C ARG C 60 27.53 5.11 11.15
N VAL C 61 26.21 5.01 11.26
CA VAL C 61 25.32 4.58 10.17
C VAL C 61 24.18 5.59 9.95
N PRO C 62 23.96 6.02 8.74
CA PRO C 62 22.77 6.92 8.60
C PRO C 62 21.44 6.24 9.04
N ARG C 63 20.56 6.99 9.70
CA ARG C 63 19.26 6.55 10.10
C ARG C 63 18.48 5.91 8.99
N PHE C 64 18.74 6.38 7.76
CA PHE C 64 18.20 5.79 6.57
C PHE C 64 18.42 4.24 6.55
N TYR C 65 19.58 3.80 6.97
CA TYR C 65 19.89 2.39 7.02
C TYR C 65 19.76 1.72 8.37
N TRP C 66 19.24 2.39 9.40
CA TRP C 66 19.33 1.76 10.74
C TRP C 66 18.53 0.45 10.67
N LYS C 67 17.35 0.47 10.08
CA LYS C 67 16.56 -0.72 10.11
C LYS C 67 17.21 -1.83 9.30
N ASP C 68 17.81 -1.52 8.16
CA ASP C 68 18.49 -2.57 7.37
C ASP C 68 19.62 -3.22 8.20
N ARG C 69 20.41 -2.43 8.89
CA ARG C 69 21.55 -3.08 9.56
C ARG C 69 21.03 -3.89 10.75
N LEU C 70 20.13 -3.30 11.51
CA LEU C 70 19.55 -4.01 12.62
C LEU C 70 18.85 -5.31 12.23
N LEU C 71 18.11 -5.26 11.13
CA LEU C 71 17.39 -6.44 10.69
C LEU C 71 18.38 -7.53 10.28
N LYS C 72 19.47 -7.16 9.63
CA LYS C 72 20.48 -8.15 9.28
C LYS C 72 21.15 -8.74 10.54
N MET C 73 21.29 -7.90 11.57
CA MET C 73 21.85 -8.39 12.82
C MET C 73 20.94 -9.44 13.44
N LYS C 74 19.66 -9.14 13.42
CA LYS C 74 18.68 -10.09 13.94
C LYS C 74 18.71 -11.45 13.17
N MET C 75 18.81 -11.39 11.85
CA MET C 75 18.85 -12.57 11.00
C MET C 75 20.10 -13.39 11.21
N ALA C 76 21.12 -12.83 11.85
CA ALA C 76 22.32 -13.58 12.15
C ALA C 76 22.14 -14.41 13.42
N GLY C 77 21.10 -14.15 14.18
CA GLY C 77 20.87 -14.87 15.38
C GLY C 77 21.17 -14.13 16.66
N LEU C 78 21.56 -12.87 16.58
CA LEU C 78 21.76 -12.05 17.74
C LEU C 78 20.42 -11.75 18.45
N ASN C 79 20.39 -11.83 19.79
CA ASN C 79 19.20 -11.45 20.48
C ASN C 79 19.34 -10.06 21.09
N ALA C 80 20.49 -9.43 20.83
CA ALA C 80 20.74 -8.11 21.36
C ALA C 80 21.77 -7.32 20.57
N ILE C 81 21.70 -6.00 20.70
CA ILE C 81 22.67 -5.11 20.10
C ILE C 81 23.30 -4.30 21.26
N GLN C 82 24.51 -3.81 21.03
CA GLN C 82 25.21 -2.96 21.99
C GLN C 82 25.64 -1.69 21.27
N THR C 83 25.58 -0.55 21.94
CA THR C 83 25.86 0.73 21.31
C THR C 83 26.39 1.79 22.28
N TYR C 84 27.02 2.81 21.74
CA TYR C 84 27.65 3.85 22.53
C TYR C 84 26.89 5.11 22.34
N VAL C 85 26.72 5.92 23.37
CA VAL C 85 26.16 7.24 23.18
C VAL C 85 27.26 8.21 23.23
N PRO C 86 27.61 8.84 22.12
CA PRO C 86 28.74 9.77 22.20
C PRO C 86 28.23 11.13 22.60
N TRP C 87 28.64 11.57 23.78
CA TRP C 87 28.24 12.85 24.34
C TRP C 87 28.39 13.93 23.31
N ASN C 88 29.57 14.10 22.74
CA ASN C 88 29.80 15.23 21.80
C ASN C 88 28.98 15.19 20.52
N PHE C 89 28.40 14.03 20.22
CA PHE C 89 27.45 13.88 19.09
C PHE C 89 26.11 14.51 19.38
N HIS C 90 25.79 14.63 20.66
CA HIS C 90 24.50 15.14 21.16
C HIS C 90 24.50 16.49 21.88
N GLU C 91 25.65 16.93 22.39
CA GLU C 91 25.74 18.24 23.08
C GLU C 91 26.98 18.95 22.57
N PRO C 92 26.89 19.43 21.33
CA PRO C 92 27.98 20.07 20.62
C PRO C 92 28.53 21.42 21.22
N TRP C 93 27.66 22.16 21.89
CA TRP C 93 27.97 23.36 22.70
C TRP C 93 27.13 23.21 23.97
N PRO C 94 27.62 23.72 25.10
CA PRO C 94 26.82 23.55 26.33
C PRO C 94 25.35 24.05 26.22
N GLY C 95 24.40 23.24 26.68
CA GLY C 95 22.97 23.54 26.62
C GLY C 95 22.34 23.46 25.22
N GLN C 96 23.09 22.98 24.24
CA GLN C 96 22.59 22.88 22.88
C GLN C 96 22.59 21.38 22.49
N TYR C 97 21.41 20.82 22.30
CA TYR C 97 21.27 19.39 22.17
C TYR C 97 20.83 18.99 20.77
N GLN C 98 21.18 17.76 20.38
CA GLN C 98 20.77 17.16 19.09
C GLN C 98 20.30 15.78 19.35
N PHE C 99 19.01 15.65 19.26
CA PHE C 99 18.37 14.40 19.47
C PHE C 99 17.48 14.07 18.30
N SER C 100 17.70 14.70 17.15
CA SER C 100 16.80 14.56 15.98
C SER C 100 17.47 13.90 14.80
N GLU C 101 16.65 13.24 13.97
CA GLU C 101 17.10 12.65 12.68
C GLU C 101 18.22 11.64 12.95
N ASP C 102 19.40 11.80 12.35
CA ASP C 102 20.55 10.90 12.61
C ASP C 102 21.04 10.89 14.06
N HIS C 103 20.56 11.84 14.89
CA HIS C 103 21.02 12.00 16.26
C HIS C 103 19.95 11.48 17.23
N ASP C 104 18.92 10.84 16.69
CA ASP C 104 17.78 10.40 17.50
C ASP C 104 17.99 9.01 18.08
N VAL C 105 18.76 8.99 19.16
CA VAL C 105 19.13 7.77 19.82
C VAL C 105 17.90 7.10 20.44
N GLU C 106 16.95 7.86 20.95
CA GLU C 106 15.72 7.26 21.49
C GLU C 106 15.00 6.46 20.43
N TYR C 107 14.84 7.03 19.22
CA TYR C 107 14.23 6.31 18.11
C TYR C 107 15.00 5.03 17.75
N PHE C 108 16.33 5.07 17.82
CA PHE C 108 17.14 3.92 17.44
C PHE C 108 16.91 2.82 18.40
N LEU C 109 16.90 3.12 19.67
CA LEU C 109 16.60 2.10 20.65
C LEU C 109 15.14 1.54 20.51
N ARG C 110 14.12 2.37 20.26
CA ARG C 110 12.72 1.83 20.06
C ARG C 110 12.70 0.93 18.83
N LEU C 111 13.44 1.33 17.80
CA LEU C 111 13.48 0.56 16.56
C LEU C 111 14.04 -0.86 16.79
N ALA C 112 15.13 -0.91 17.54
CA ALA C 112 15.72 -2.16 17.92
C ALA C 112 14.76 -2.92 18.77
N HIS C 113 14.03 -2.22 19.63
CA HIS C 113 12.98 -2.90 20.37
C HIS C 113 11.85 -3.44 19.48
N GLU C 114 11.36 -2.66 18.50
CA GLU C 114 10.35 -3.13 17.52
C GLU C 114 10.81 -4.43 16.83
N LEU C 115 12.10 -4.54 16.50
CA LEU C 115 12.59 -5.72 15.81
C LEU C 115 12.81 -6.93 16.71
N GLY C 116 12.49 -6.87 17.99
CA GLY C 116 12.75 -8.02 18.89
C GLY C 116 14.15 -8.04 19.50
N LEU C 117 14.89 -6.93 19.43
CA LEU C 117 16.30 -6.88 19.87
C LEU C 117 16.42 -6.21 21.21
N LEU C 118 17.15 -6.81 22.17
CA LEU C 118 17.38 -6.12 23.43
C LEU C 118 18.63 -5.26 23.22
N VAL C 119 18.86 -4.32 24.13
CA VAL C 119 19.99 -3.36 24.02
C VAL C 119 20.88 -3.37 25.25
N ILE C 120 22.18 -3.52 25.01
CA ILE C 120 23.23 -3.18 25.97
C ILE C 120 23.65 -1.71 25.72
N LEU C 121 23.33 -0.81 26.65
CA LEU C 121 23.60 0.63 26.46
C LEU C 121 24.90 1.04 27.11
N ARG C 122 25.71 1.78 26.35
CA ARG C 122 26.98 2.23 26.81
C ARG C 122 27.11 3.76 26.71
N PRO C 123 26.65 4.47 27.74
CA PRO C 123 26.51 5.93 27.65
C PRO C 123 27.69 6.74 28.13
N GLY C 124 28.81 6.07 28.38
CA GLY C 124 30.03 6.79 28.76
C GLY C 124 30.01 7.21 30.22
N PRO C 125 30.23 8.52 30.48
CA PRO C 125 30.42 9.65 29.56
C PRO C 125 31.61 9.60 28.62
N TYR C 126 32.61 8.81 28.92
CA TYR C 126 33.69 8.57 27.97
C TYR C 126 33.48 7.21 27.33
N ILE C 127 33.76 7.09 26.03
CA ILE C 127 33.42 5.83 25.29
C ILE C 127 34.58 5.20 24.49
N CYS C 128 35.64 5.98 24.29
CA CYS C 128 36.84 5.58 23.55
C CYS C 128 36.40 5.47 22.09
N ALA C 129 36.11 4.25 21.64
CA ALA C 129 35.44 4.00 20.37
C ALA C 129 36.07 4.56 19.10
N GLU C 130 37.37 4.93 19.11
CA GLU C 130 37.97 5.50 17.91
C GLU C 130 37.14 6.70 17.40
N TRP C 131 36.68 7.52 18.34
CA TRP C 131 35.78 8.64 18.08
C TRP C 131 36.39 9.89 18.70
N GLU C 132 36.26 11.02 18.04
CA GLU C 132 36.75 12.31 18.58
C GLU C 132 36.74 12.40 20.08
N MET C 133 37.90 12.53 20.68
CA MET C 133 38.04 12.70 22.17
C MET C 133 37.39 11.60 23.02
N GLY C 134 37.30 10.38 22.50
CA GLY C 134 36.57 9.32 23.23
C GLY C 134 35.14 9.70 23.52
N GLY C 135 34.57 10.56 22.69
CA GLY C 135 33.23 11.07 22.91
C GLY C 135 33.12 12.30 23.79
N LEU C 136 34.23 12.77 24.35
CA LEU C 136 34.12 13.92 25.27
C LEU C 136 33.97 15.23 24.50
N PRO C 137 33.03 16.07 24.93
CA PRO C 137 32.93 17.30 24.19
C PRO C 137 34.16 18.17 24.38
N ALA C 138 34.64 18.76 23.29
CA ALA C 138 35.83 19.54 23.29
C ALA C 138 35.70 20.83 24.06
N TRP C 139 34.46 21.33 24.25
CA TRP C 139 34.28 22.49 25.06
C TRP C 139 34.70 22.29 26.47
N LEU C 140 34.81 21.04 26.94
CA LEU C 140 35.29 20.83 28.32
C LEU C 140 36.69 21.47 28.49
N LEU C 141 37.45 21.56 27.40
CA LEU C 141 38.78 22.06 27.51
C LEU C 141 38.81 23.58 27.58
N GLU C 142 37.66 24.25 27.70
CA GLU C 142 37.67 25.70 27.93
C GLU C 142 38.32 25.91 29.29
N LYS C 143 38.32 24.87 30.12
CA LYS C 143 39.16 24.82 31.33
C LYS C 143 40.49 24.06 31.02
N GLU C 144 41.52 24.83 30.67
CA GLU C 144 42.84 24.30 30.28
C GLU C 144 43.34 23.16 31.13
N SER C 145 43.21 23.27 32.45
CA SER C 145 43.83 22.35 33.38
C SER C 145 42.88 21.23 33.76
N ILE C 146 41.69 21.17 33.12
CA ILE C 146 40.73 20.13 33.43
C ILE C 146 41.38 18.76 33.35
N LEU C 147 41.09 17.93 34.35
CA LEU C 147 41.48 16.52 34.36
C LEU C 147 40.25 15.72 33.95
N LEU C 148 40.30 15.24 32.72
CA LEU C 148 39.17 14.47 32.21
C LEU C 148 39.07 13.08 32.90
N ARG C 149 37.85 12.55 32.98
CA ARG C 149 37.66 11.21 33.60
C ARG C 149 38.21 11.08 35.02
N SER C 150 37.91 12.08 35.85
CA SER C 150 38.32 12.15 37.24
C SER C 150 37.26 12.88 38.08
N SER C 151 37.60 13.08 39.34
CA SER C 151 36.78 13.77 40.27
C SER C 151 36.98 15.29 40.17
N ASP C 152 37.74 15.74 39.18
CA ASP C 152 37.76 17.17 38.83
C ASP C 152 36.32 17.75 38.86
N PRO C 153 36.03 18.76 39.72
CA PRO C 153 34.61 19.11 39.92
C PRO C 153 33.96 19.86 38.75
N ASP C 154 34.80 20.42 37.89
CA ASP C 154 34.30 21.04 36.68
C ASP C 154 33.86 19.92 35.72
N TYR C 155 34.71 18.92 35.52
CA TYR C 155 34.32 17.74 34.81
C TYR C 155 33.07 17.10 35.41
N LEU C 156 33.04 16.88 36.70
CA LEU C 156 31.87 16.28 37.28
C LEU C 156 30.62 17.10 36.97
N ALA C 157 30.70 18.42 37.08
CA ALA C 157 29.48 19.23 36.99
C ALA C 157 28.88 19.18 35.57
N ALA C 158 29.77 19.25 34.59
CA ALA C 158 29.40 18.99 33.20
C ALA C 158 28.77 17.59 33.02
N VAL C 159 29.44 16.58 33.51
CA VAL C 159 28.99 15.25 33.34
C VAL C 159 27.58 15.18 33.91
N ASP C 160 27.43 15.57 35.17
CA ASP C 160 26.13 15.53 35.87
C ASP C 160 24.99 16.22 35.07
N LYS C 161 25.29 17.33 34.43
CA LYS C 161 24.29 18.04 33.65
C LYS C 161 23.89 17.20 32.44
N TRP C 162 24.90 16.67 31.75
CA TRP C 162 24.68 15.73 30.66
C TRP C 162 23.89 14.47 31.11
N LEU C 163 24.23 13.84 32.22
CA LEU C 163 23.41 12.72 32.67
C LEU C 163 21.98 13.15 32.98
N GLY C 164 21.82 14.42 33.42
CA GLY C 164 20.49 14.93 33.73
C GLY C 164 19.53 15.15 32.53
N VAL C 165 20.10 15.22 31.34
CA VAL C 165 19.37 15.30 30.11
C VAL C 165 19.24 13.91 29.47
N LEU C 166 20.34 13.13 29.39
CA LEU C 166 20.33 11.80 28.76
C LEU C 166 19.63 10.68 29.54
N LEU C 167 19.96 10.52 30.80
CA LEU C 167 19.41 9.34 31.47
C LEU C 167 17.88 9.28 31.59
N PRO C 168 17.19 10.40 31.84
CA PRO C 168 15.71 10.37 31.85
C PRO C 168 15.11 10.06 30.47
N LYS C 169 15.84 10.38 29.39
CA LYS C 169 15.48 9.93 28.07
C LYS C 169 15.65 8.38 28.02
N MET C 170 16.67 7.83 28.70
CA MET C 170 16.87 6.37 28.71
C MET C 170 15.93 5.60 29.68
N LYS C 171 15.48 6.24 30.74
CA LYS C 171 14.66 5.55 31.75
C LYS C 171 13.45 4.79 31.20
N PRO C 172 12.58 5.48 30.44
CA PRO C 172 11.46 4.73 29.84
C PRO C 172 11.88 3.58 28.95
N LEU C 173 13.10 3.63 28.43
CA LEU C 173 13.61 2.53 27.59
C LEU C 173 14.31 1.34 28.33
N LEU C 174 14.34 1.38 29.66
CA LEU C 174 14.78 0.23 30.41
C LEU C 174 13.79 -0.96 30.29
N TYR C 175 14.36 -2.15 30.17
CA TYR C 175 13.59 -3.37 30.16
C TYR C 175 12.46 -3.33 31.19
N GLN C 176 12.77 -2.99 32.44
CA GLN C 176 11.80 -3.05 33.54
C GLN C 176 10.57 -2.15 33.27
N ASN C 177 10.76 -1.15 32.40
CA ASN C 177 9.73 -0.18 32.05
C ASN C 177 9.10 -0.33 30.64
N GLY C 178 9.36 -1.45 29.96
CA GLY C 178 8.75 -1.68 28.63
C GLY C 178 9.65 -1.50 27.41
N GLY C 179 10.90 -1.10 27.60
CA GLY C 179 11.88 -0.90 26.50
C GLY C 179 12.86 -2.07 26.38
N PRO C 180 13.84 -1.94 25.47
CA PRO C 180 14.85 -2.95 25.17
C PRO C 180 16.10 -2.97 26.10
N VAL C 181 16.35 -1.88 26.83
CA VAL C 181 17.63 -1.75 27.54
C VAL C 181 17.72 -2.64 28.80
N ILE C 182 18.62 -3.61 28.74
CA ILE C 182 18.75 -4.62 29.79
C ILE C 182 19.91 -4.40 30.76
N THR C 183 21.03 -3.85 30.26
CA THR C 183 22.17 -3.51 31.10
C THR C 183 22.80 -2.19 30.61
N VAL C 184 23.50 -1.51 31.52
CA VAL C 184 24.12 -0.24 31.21
C VAL C 184 25.55 -0.21 31.71
N GLN C 185 26.51 0.01 30.81
CA GLN C 185 27.87 0.21 31.21
C GLN C 185 28.21 1.60 31.75
N VAL C 186 28.95 1.61 32.85
CA VAL C 186 29.49 2.84 33.45
C VAL C 186 30.96 3.07 33.06
N GLU C 187 31.25 4.24 32.48
CA GLU C 187 32.59 4.60 31.99
C GLU C 187 32.94 3.53 30.97
N ASN C 188 34.21 3.45 30.58
CA ASN C 188 34.72 2.52 29.57
C ASN C 188 36.22 2.23 29.75
N GLU C 189 36.59 1.01 30.13
CA GLU C 189 38.00 0.64 30.32
C GLU C 189 38.67 1.67 31.26
N TYR C 190 37.96 2.06 32.30
CA TYR C 190 38.51 3.02 33.24
C TYR C 190 39.82 2.49 33.88
N GLY C 191 39.95 1.18 34.06
CA GLY C 191 41.16 0.59 34.60
C GLY C 191 42.38 0.80 33.69
N SER C 192 42.17 1.30 32.49
CA SER C 192 43.31 1.54 31.67
C SER C 192 43.82 2.97 31.78
N TYR C 193 43.08 3.88 32.41
CA TYR C 193 43.47 5.30 32.53
C TYR C 193 44.41 5.54 33.74
N PHE C 194 45.30 6.52 33.63
CA PHE C 194 46.29 6.78 34.67
C PHE C 194 45.63 7.20 35.98
N ALA C 195 44.53 7.94 35.91
CA ALA C 195 44.06 8.64 37.10
C ALA C 195 43.55 7.79 38.30
N CYS C 196 42.85 6.69 38.04
CA CYS C 196 42.49 5.71 39.04
C CYS C 196 41.67 6.33 40.19
N ASP C 197 40.72 7.15 39.82
CA ASP C 197 39.95 7.93 40.76
C ASP C 197 38.62 7.19 41.05
N PHE C 198 38.58 6.38 42.10
CA PHE C 198 37.38 5.63 42.45
C PHE C 198 36.23 6.55 42.90
N ASP C 199 36.56 7.71 43.45
CA ASP C 199 35.50 8.70 43.75
C ASP C 199 34.68 9.06 42.50
N TYR C 200 35.34 9.25 41.34
CA TYR C 200 34.66 9.48 40.06
C TYR C 200 33.67 8.33 39.77
N LEU C 201 34.15 7.08 39.87
CA LEU C 201 33.30 5.93 39.60
C LEU C 201 32.14 5.86 40.55
N ARG C 202 32.38 6.16 41.84
CA ARG C 202 31.27 6.11 42.79
C ARG C 202 30.23 7.15 42.48
N PHE C 203 30.69 8.28 41.93
CA PHE C 203 29.83 9.37 41.52
C PHE C 203 28.97 8.91 40.32
N LEU C 204 29.60 8.33 39.30
CA LEU C 204 28.80 7.86 38.17
C LEU C 204 27.74 6.87 38.68
N GLN C 205 28.17 5.91 39.49
CA GLN C 205 27.22 4.90 39.97
C GLN C 205 26.02 5.57 40.64
N LYS C 206 26.27 6.53 41.52
CA LYS C 206 25.22 7.16 42.29
C LYS C 206 24.29 7.90 41.36
N ARG C 207 24.84 8.55 40.34
CA ARG C 207 24.01 9.32 39.46
C ARG C 207 23.19 8.43 38.50
N PHE C 208 23.77 7.32 38.06
CA PHE C 208 23.04 6.38 37.21
C PHE C 208 21.89 5.79 38.01
N ARG C 209 22.19 5.46 39.26
CA ARG C 209 21.15 5.03 40.19
C ARG C 209 20.05 6.08 40.39
N HIS C 210 20.42 7.35 40.61
CA HIS C 210 19.45 8.41 40.75
C HIS C 210 18.54 8.50 39.55
N HIS C 211 19.07 8.40 38.34
CA HIS C 211 18.18 8.64 37.23
C HIS C 211 17.48 7.39 36.77
N LEU C 212 18.10 6.23 36.98
CA LEU C 212 17.61 5.01 36.32
C LEU C 212 16.90 4.07 37.26
N GLY C 213 17.07 4.28 38.58
CA GLY C 213 16.50 3.37 39.56
C GLY C 213 17.48 2.30 40.02
N ASP C 214 17.06 1.49 40.98
CA ASP C 214 17.96 0.53 41.62
C ASP C 214 17.93 -0.88 41.04
N ASP C 215 17.03 -1.17 40.11
CA ASP C 215 17.01 -2.50 39.59
C ASP C 215 17.91 -2.71 38.39
N VAL C 216 18.29 -1.63 37.69
CA VAL C 216 19.03 -1.73 36.43
C VAL C 216 20.46 -2.29 36.63
N VAL C 217 20.78 -3.30 35.85
CA VAL C 217 22.11 -3.88 35.88
C VAL C 217 23.12 -2.89 35.32
N LEU C 218 24.07 -2.51 36.16
CA LEU C 218 25.08 -1.57 35.78
C LEU C 218 26.38 -2.31 35.78
N PHE C 219 27.18 -2.11 34.75
CA PHE C 219 28.41 -2.87 34.69
C PHE C 219 29.57 -2.04 34.19
N THR C 220 30.74 -2.62 34.36
CA THR C 220 31.95 -2.12 33.79
C THR C 220 32.57 -3.18 32.87
N THR C 221 33.43 -2.69 31.98
CA THR C 221 34.20 -3.46 31.07
C THR C 221 35.66 -3.00 31.19
N ASP C 222 36.58 -3.96 31.33
CA ASP C 222 38.04 -3.70 31.25
C ASP C 222 38.82 -4.82 30.60
N GLY C 223 40.10 -4.59 30.35
CA GLY C 223 40.98 -5.59 29.76
C GLY C 223 41.02 -6.82 30.66
N ALA C 224 41.21 -8.00 30.07
CA ALA C 224 41.06 -9.23 30.83
C ALA C 224 42.34 -9.61 31.60
N HIS C 225 42.76 -8.74 32.50
CA HIS C 225 43.92 -8.97 33.29
C HIS C 225 43.79 -8.18 34.57
N LYS C 226 44.41 -8.68 35.63
CA LYS C 226 44.33 -8.03 36.95
C LYS C 226 44.85 -6.59 36.97
N THR C 227 45.81 -6.31 36.11
CA THR C 227 46.42 -4.98 36.03
C THR C 227 45.41 -3.95 35.49
N PHE C 228 44.50 -4.39 34.60
CA PHE C 228 43.45 -3.49 34.06
C PHE C 228 42.24 -3.49 34.97
N LEU C 229 41.98 -4.59 35.66
CA LEU C 229 40.82 -4.63 36.51
C LEU C 229 41.00 -3.90 37.87
N LYS C 230 42.25 -3.58 38.23
CA LYS C 230 42.58 -2.92 39.50
C LYS C 230 41.86 -1.57 39.62
N CYS C 231 41.98 -0.71 38.63
CA CYS C 231 41.36 0.60 38.72
C CYS C 231 39.98 0.68 38.08
N GLY C 232 39.49 -0.42 37.53
CA GLY C 232 38.25 -0.39 36.73
C GLY C 232 37.02 -0.88 37.48
N ALA C 233 37.24 -1.90 38.32
CA ALA C 233 36.20 -2.62 39.02
C ALA C 233 35.74 -1.80 40.21
N LEU C 234 34.44 -1.83 40.46
CA LEU C 234 33.89 -1.13 41.60
C LEU C 234 32.78 -1.92 42.24
N GLN C 235 32.79 -1.88 43.56
CA GLN C 235 31.79 -2.51 44.38
C GLN C 235 30.45 -1.92 43.93
N GLY C 236 29.53 -2.80 43.52
CA GLY C 236 28.17 -2.41 43.14
C GLY C 236 27.97 -2.35 41.63
N LEU C 237 29.07 -2.36 40.89
CA LEU C 237 28.99 -2.48 39.45
C LEU C 237 29.54 -3.82 39.02
N TYR C 238 28.79 -4.54 38.19
CA TYR C 238 29.25 -5.87 37.82
C TYR C 238 30.46 -5.79 36.90
N THR C 239 31.50 -6.56 37.21
CA THR C 239 32.71 -6.50 36.43
C THR C 239 32.72 -7.51 35.27
N THR C 240 32.93 -6.99 34.04
CA THR C 240 33.08 -7.79 32.84
C THR C 240 34.42 -7.46 32.22
N VAL C 241 34.80 -8.25 31.22
CA VAL C 241 36.10 -8.10 30.55
C VAL C 241 35.89 -7.97 29.05
N ASP C 242 36.95 -7.57 28.34
CA ASP C 242 37.00 -7.70 26.89
C ASP C 242 38.21 -8.44 26.48
N PHE C 243 38.12 -9.10 25.34
CA PHE C 243 39.22 -9.80 24.72
C PHE C 243 38.88 -10.32 23.34
N GLY C 244 39.92 -10.56 22.54
CA GLY C 244 39.79 -10.92 21.16
C GLY C 244 40.31 -12.32 20.92
N THR C 245 40.48 -12.68 19.66
CA THR C 245 40.86 -14.04 19.29
C THR C 245 42.31 -14.44 19.59
N GLY C 246 43.20 -13.53 19.92
CA GLY C 246 44.58 -13.90 20.31
C GLY C 246 44.75 -14.21 21.80
N SER C 247 43.69 -14.11 22.58
CA SER C 247 43.78 -14.34 24.00
C SER C 247 43.37 -15.78 24.41
N ASN C 248 43.96 -16.26 25.49
CA ASN C 248 43.47 -17.48 26.07
C ASN C 248 42.16 -17.22 26.83
N ILE C 249 41.14 -17.98 26.49
CA ILE C 249 39.81 -17.71 26.92
C ILE C 249 39.59 -18.07 28.37
N THR C 250 40.11 -19.24 28.74
CA THR C 250 40.02 -19.71 30.07
C THR C 250 40.62 -18.64 31.01
N ASP C 251 41.81 -18.14 30.68
CA ASP C 251 42.49 -17.18 31.54
C ASP C 251 41.76 -15.83 31.53
N ALA C 252 41.23 -15.43 30.37
CA ALA C 252 40.46 -14.19 30.30
C ALA C 252 39.34 -14.24 31.31
N PHE C 253 38.54 -15.29 31.24
CA PHE C 253 37.46 -15.43 32.22
C PHE C 253 37.93 -15.69 33.65
N LEU C 254 39.08 -16.35 33.84
CA LEU C 254 39.53 -16.52 35.23
C LEU C 254 39.80 -15.13 35.83
N SER C 255 40.27 -14.19 35.00
CA SER C 255 40.45 -12.82 35.47
C SER C 255 39.09 -12.19 35.89
N GLN C 256 38.02 -12.38 35.12
CA GLN C 256 36.72 -11.88 35.51
C GLN C 256 36.21 -12.53 36.81
N ARG C 257 36.39 -13.84 36.96
CA ARG C 257 35.87 -14.57 38.11
C ARG C 257 36.50 -14.10 39.41
N LYS C 258 37.76 -13.73 39.35
CA LYS C 258 38.44 -13.16 40.50
C LYS C 258 37.80 -11.86 41.03
N CYS C 259 37.22 -11.02 40.17
CA CYS C 259 36.40 -9.86 40.66
C CYS C 259 34.91 -10.21 40.87
N GLU C 260 34.43 -11.24 40.18
CA GLU C 260 33.05 -11.65 40.31
C GLU C 260 33.03 -13.16 40.37
N PRO C 261 33.24 -13.68 41.57
CA PRO C 261 33.21 -15.13 41.74
C PRO C 261 31.89 -15.71 41.31
N LYS C 262 30.81 -14.93 41.39
CA LYS C 262 29.50 -15.41 40.99
C LYS C 262 28.79 -14.50 40.01
N GLY C 263 27.97 -15.07 39.15
CA GLY C 263 27.23 -14.30 38.14
C GLY C 263 27.68 -14.68 36.75
N PRO C 264 27.04 -14.09 35.73
CA PRO C 264 27.36 -14.51 34.37
C PRO C 264 28.78 -14.20 33.96
N LEU C 265 29.39 -15.09 33.17
CA LEU C 265 30.56 -14.79 32.38
C LEU C 265 30.14 -13.87 31.25
N ILE C 266 30.94 -12.85 30.99
CA ILE C 266 30.63 -11.90 29.97
C ILE C 266 31.88 -11.38 29.31
N ASN C 267 31.92 -11.42 27.99
CA ASN C 267 32.92 -10.67 27.21
C ASN C 267 32.19 -9.54 26.47
N SER C 268 32.31 -8.30 26.94
CA SER C 268 31.55 -7.19 26.37
C SER C 268 32.09 -6.71 25.04
N GLU C 269 33.33 -7.01 24.69
CA GLU C 269 33.84 -6.63 23.38
C GLU C 269 34.67 -7.75 22.89
N PHE C 270 34.04 -8.71 22.21
CA PHE C 270 34.81 -9.80 21.59
C PHE C 270 35.17 -9.34 20.14
N TYR C 271 36.46 -9.08 19.87
CA TYR C 271 36.83 -8.33 18.65
C TYR C 271 36.74 -9.21 17.43
N THR C 272 35.93 -8.81 16.46
CA THR C 272 35.78 -9.53 15.19
C THR C 272 36.70 -8.98 14.11
N GLY C 273 37.27 -7.82 14.37
CA GLY C 273 38.35 -7.21 13.56
C GLY C 273 39.11 -6.21 14.42
N TRP C 274 39.69 -5.20 13.82
CA TRP C 274 40.44 -4.22 14.62
C TRP C 274 40.53 -2.93 13.88
N LEU C 275 40.91 -1.88 14.59
CA LEU C 275 40.95 -0.53 14.07
C LEU C 275 42.09 -0.29 13.11
N ASP C 276 41.98 0.79 12.33
CA ASP C 276 42.99 1.19 11.35
C ASP C 276 43.59 2.53 11.70
N HIS C 277 44.74 2.82 11.10
CA HIS C 277 45.34 4.14 11.11
C HIS C 277 45.77 4.52 9.73
N TRP C 278 45.70 5.80 9.42
CA TRP C 278 46.23 6.30 8.17
C TRP C 278 47.73 5.95 8.14
N GLY C 279 48.19 5.58 6.96
CA GLY C 279 49.58 5.18 6.78
C GLY C 279 49.93 3.76 7.23
N GLN C 280 48.97 3.01 7.79
CA GLN C 280 49.24 1.64 8.17
C GLN C 280 48.34 0.69 7.41
N PRO C 281 48.78 -0.57 7.22
CA PRO C 281 47.94 -1.58 6.54
C PRO C 281 46.62 -1.80 7.25
N HIS C 282 45.57 -2.00 6.46
CA HIS C 282 44.27 -2.39 6.92
C HIS C 282 44.28 -3.64 7.80
N SER C 283 43.64 -3.51 8.96
CA SER C 283 43.51 -4.59 9.91
C SER C 283 42.47 -5.61 9.49
N THR C 284 42.82 -6.90 9.57
CA THR C 284 41.92 -7.96 9.33
C THR C 284 42.15 -9.04 10.36
N ILE C 285 41.09 -9.79 10.66
CA ILE C 285 41.18 -10.95 11.52
C ILE C 285 40.48 -12.06 10.77
N LYS C 286 41.07 -13.24 10.72
CA LYS C 286 40.46 -14.30 9.93
C LYS C 286 39.12 -14.79 10.46
N THR C 287 38.24 -15.07 9.53
CA THR C 287 36.93 -15.60 9.86
C THR C 287 36.93 -16.85 10.70
N GLU C 288 37.72 -17.83 10.32
CA GLU C 288 37.96 -19.06 11.15
C GLU C 288 38.33 -18.80 12.64
N ALA C 289 39.26 -17.87 12.88
CA ALA C 289 39.60 -17.48 14.25
C ALA C 289 38.42 -16.89 15.01
N VAL C 290 37.68 -15.98 14.41
CA VAL C 290 36.52 -15.38 15.09
C VAL C 290 35.52 -16.45 15.38
N ALA C 291 35.20 -17.29 14.38
CA ALA C 291 34.27 -18.41 14.55
C ALA C 291 34.66 -19.36 15.67
N SER C 292 35.92 -19.72 15.69
CA SER C 292 36.39 -20.66 16.70
C SER C 292 36.27 -20.05 18.13
N SER C 293 36.75 -18.83 18.31
CA SER C 293 36.66 -18.24 19.61
C SER C 293 35.21 -18.04 20.02
N LEU C 294 34.34 -17.75 19.06
CA LEU C 294 32.96 -17.46 19.40
C LEU C 294 32.24 -18.69 19.87
N TYR C 295 32.40 -19.80 19.11
CA TYR C 295 31.89 -21.08 19.53
C TYR C 295 32.34 -21.40 20.95
N ASP C 296 33.67 -21.22 21.19
CA ASP C 296 34.24 -21.49 22.51
C ASP C 296 33.57 -20.66 23.58
N ILE C 297 33.25 -19.40 23.31
CA ILE C 297 32.72 -18.52 24.37
C ILE C 297 31.29 -18.94 24.69
N LEU C 298 30.52 -19.19 23.64
CA LEU C 298 29.16 -19.58 23.80
C LEU C 298 28.98 -20.93 24.51
N ALA C 299 29.83 -21.90 24.21
CA ALA C 299 29.70 -23.24 24.82
C ALA C 299 29.90 -23.15 26.35
N ARG C 300 30.66 -22.13 26.79
CA ARG C 300 30.85 -21.85 28.23
C ARG C 300 29.61 -21.28 28.92
N GLY C 301 28.57 -20.94 28.14
CA GLY C 301 27.37 -20.31 28.70
C GLY C 301 27.55 -18.81 29.01
N ALA C 302 28.60 -18.21 28.43
CA ALA C 302 28.91 -16.81 28.65
C ALA C 302 28.06 -15.93 27.75
N SER C 303 27.69 -14.75 28.22
CA SER C 303 27.14 -13.76 27.33
C SER C 303 28.28 -13.11 26.62
N VAL C 304 28.04 -12.63 25.40
CA VAL C 304 29.12 -12.04 24.60
C VAL C 304 28.56 -11.01 23.64
N ASN C 305 29.34 -9.97 23.42
CA ASN C 305 29.06 -9.04 22.40
C ASN C 305 30.24 -8.93 21.45
N LEU C 306 29.90 -8.98 20.16
CA LEU C 306 30.84 -8.88 19.02
C LEU C 306 31.12 -7.46 18.68
N TYR C 307 32.36 -7.04 18.81
CA TYR C 307 32.81 -5.65 18.54
C TYR C 307 33.78 -5.67 17.33
N MET C 308 33.45 -5.12 16.15
CA MET C 308 32.13 -4.56 15.81
C MET C 308 31.28 -5.67 15.08
N PHE C 309 29.95 -5.54 15.04
CA PHE C 309 29.17 -6.37 14.13
C PHE C 309 28.98 -5.67 12.81
N ILE C 310 28.53 -4.41 12.84
CA ILE C 310 28.77 -3.47 11.75
C ILE C 310 29.53 -2.29 12.30
N GLY C 311 30.51 -1.85 11.53
CA GLY C 311 31.28 -0.68 11.91
C GLY C 311 30.78 0.61 11.36
N GLY C 312 30.65 0.66 10.08
CA GLY C 312 30.16 1.87 9.47
C GLY C 312 31.26 2.88 9.14
N THR C 313 30.92 4.17 9.28
CA THR C 313 31.71 5.29 8.85
C THR C 313 31.86 6.42 9.91
N ASN C 314 33.07 6.95 10.02
CA ASN C 314 33.37 8.26 10.66
C ASN C 314 33.17 9.40 9.66
N PHE C 315 31.93 9.84 9.56
CA PHE C 315 31.56 10.88 8.67
C PHE C 315 32.16 12.19 9.24
N ALA C 316 32.27 13.21 8.41
CA ALA C 316 32.70 14.54 8.89
C ALA C 316 34.04 14.51 9.60
N TYR C 317 34.13 15.03 10.80
CA TYR C 317 35.38 15.03 11.60
C TYR C 317 35.30 14.10 12.81
N TRP C 318 34.47 13.05 12.72
CA TRP C 318 34.24 12.26 13.93
C TRP C 318 35.31 11.21 14.28
N ASN C 319 36.31 10.99 13.45
CA ASN C 319 37.31 9.97 13.79
C ASN C 319 38.13 10.36 15.02
N GLY C 320 38.76 9.38 15.63
CA GLY C 320 39.70 9.61 16.71
C GLY C 320 41.15 9.50 16.35
N ALA C 321 41.96 9.19 17.34
CA ALA C 321 43.36 8.99 17.14
C ALA C 321 43.97 8.36 18.36
N ASN C 322 45.15 7.80 18.14
CA ASN C 322 45.96 7.23 19.19
C ASN C 322 47.28 7.99 19.36
N SER C 323 47.89 7.81 20.53
CA SER C 323 49.20 8.38 20.93
C SER C 323 50.27 7.30 20.88
N PRO C 324 51.46 7.57 20.30
CA PRO C 324 51.96 8.74 19.55
C PRO C 324 51.09 9.04 18.37
N TYR C 325 50.86 10.33 18.10
CA TYR C 325 49.75 10.79 17.28
C TYR C 325 49.58 10.04 15.95
N ALA C 326 48.49 9.30 15.86
CA ALA C 326 48.14 8.62 14.60
C ALA C 326 46.60 8.56 14.58
N ALA C 327 46.02 9.13 13.55
CA ALA C 327 44.59 9.23 13.45
C ALA C 327 44.03 8.02 12.75
N GLN C 328 42.82 7.69 13.12
CA GLN C 328 42.05 6.66 12.44
C GLN C 328 41.38 7.26 11.21
N PRO C 329 41.20 6.47 10.16
CA PRO C 329 40.64 6.98 8.91
C PRO C 329 39.14 7.08 8.91
N THR C 330 38.59 7.52 7.79
CA THR C 330 37.19 7.83 7.67
C THR C 330 36.39 6.56 7.81
N SER C 331 36.76 5.53 7.06
CA SER C 331 36.07 4.24 7.19
C SER C 331 36.21 3.59 8.57
N TYR C 332 35.14 2.97 9.05
CA TYR C 332 35.19 2.21 10.29
C TYR C 332 34.74 0.80 9.96
N ASP C 333 35.14 0.33 8.80
CA ASP C 333 34.72 -0.96 8.37
C ASP C 333 35.02 -2.01 9.42
N TYR C 334 36.21 -1.90 10.04
CA TYR C 334 36.69 -2.76 11.12
C TYR C 334 36.90 -4.22 10.74
N ASP C 335 36.80 -4.55 9.45
CA ASP C 335 36.75 -5.95 9.01
C ASP C 335 35.57 -6.72 9.66
N ALA C 336 34.50 -6.00 9.96
CA ALA C 336 33.34 -6.57 10.62
C ALA C 336 32.52 -7.55 9.75
N PRO C 337 31.69 -8.36 10.38
CA PRO C 337 30.75 -9.24 9.69
C PRO C 337 29.93 -8.56 8.61
N LEU C 338 29.35 -7.42 8.94
CA LEU C 338 28.73 -6.50 7.95
C LEU C 338 29.73 -5.39 7.57
N SER C 339 29.95 -5.19 6.28
CA SER C 339 30.99 -4.30 5.79
C SER C 339 30.51 -2.86 6.01
N GLU C 340 31.38 -1.88 5.73
CA GLU C 340 31.00 -0.47 5.89
C GLU C 340 29.60 -0.18 5.35
N ALA C 341 29.33 -0.71 4.16
CA ALA C 341 28.10 -0.38 3.46
C ALA C 341 26.96 -1.32 3.79
N GLY C 342 27.16 -2.10 4.83
CA GLY C 342 26.15 -3.05 5.32
C GLY C 342 26.10 -4.43 4.68
N ASP C 343 27.15 -4.79 3.91
CA ASP C 343 27.13 -6.00 3.13
C ASP C 343 27.29 -7.25 3.97
N LEU C 344 26.61 -8.31 3.51
CA LEU C 344 26.75 -9.64 4.06
C LEU C 344 28.07 -10.18 3.56
N THR C 345 28.98 -10.48 4.48
CA THR C 345 30.29 -10.99 4.08
C THR C 345 30.35 -12.48 4.40
N GLU C 346 31.44 -13.14 3.99
CA GLU C 346 31.68 -14.54 4.43
C GLU C 346 31.72 -14.63 5.96
N LYS C 347 32.25 -13.60 6.61
CA LYS C 347 32.37 -13.61 8.06
C LYS C 347 30.97 -13.68 8.68
N TYR C 348 30.06 -12.84 8.18
CA TYR C 348 28.66 -12.81 8.61
C TYR C 348 28.09 -14.21 8.56
N PHE C 349 28.18 -14.86 7.42
CA PHE C 349 27.52 -16.15 7.29
C PHE C 349 28.15 -17.16 8.22
N ALA C 350 29.44 -17.02 8.44
CA ALA C 350 30.12 -17.98 9.27
C ALA C 350 29.72 -17.86 10.71
N LEU C 351 29.53 -16.65 11.22
CA LEU C 351 29.15 -16.46 12.63
C LEU C 351 27.72 -16.84 12.89
N ARG C 352 26.88 -16.57 11.90
CA ARG C 352 25.51 -17.00 11.94
C ARG C 352 25.50 -18.51 12.02
N ASN C 353 26.36 -19.21 11.27
CA ASN C 353 26.37 -20.68 11.39
C ASN C 353 26.81 -21.17 12.77
N ILE C 354 27.66 -20.40 13.46
CA ILE C 354 28.05 -20.68 14.86
C ILE C 354 26.84 -20.43 15.77
N ILE C 355 26.20 -19.29 15.67
CA ILE C 355 25.05 -19.02 16.57
C ILE C 355 23.91 -20.09 16.39
N GLN C 356 23.74 -20.59 15.19
CA GLN C 356 22.77 -21.66 14.89
C GLN C 356 23.03 -22.95 15.64
N LYS C 357 24.28 -23.23 15.97
CA LYS C 357 24.57 -24.45 16.71
C LYS C 357 23.98 -24.34 18.12
N PHE C 358 23.68 -23.12 18.57
CA PHE C 358 23.18 -22.85 19.91
C PHE C 358 21.71 -22.51 19.98
N GLU C 359 21.17 -21.83 18.98
CA GLU C 359 19.75 -21.50 18.97
C GLU C 359 19.27 -21.50 17.55
N LYS C 360 17.98 -21.82 17.33
CA LYS C 360 17.36 -21.61 16.01
C LYS C 360 17.32 -20.08 15.74
N VAL C 361 17.76 -19.76 14.54
CA VAL C 361 17.95 -18.38 14.06
C VAL C 361 16.70 -18.05 13.24
N PRO C 362 16.30 -16.79 13.20
CA PRO C 362 14.99 -16.54 12.53
C PRO C 362 14.89 -17.01 11.08
N GLU C 363 13.67 -17.34 10.71
CA GLU C 363 13.36 -17.82 9.37
C GLU C 363 13.23 -16.69 8.38
N GLY C 364 13.37 -17.04 7.11
CA GLY C 364 13.18 -16.12 5.99
C GLY C 364 14.51 -15.88 5.27
N PRO C 365 14.46 -15.18 4.15
CA PRO C 365 15.68 -14.68 3.53
C PRO C 365 16.13 -13.34 4.21
N ILE C 366 17.43 -13.10 4.10
CA ILE C 366 18.06 -12.02 4.76
C ILE C 366 17.99 -10.85 3.76
N PRO C 367 17.67 -9.63 4.20
CA PRO C 367 17.80 -8.43 3.39
C PRO C 367 19.14 -8.33 2.78
N PRO C 368 19.20 -7.93 1.53
CA PRO C 368 20.43 -8.13 0.76
C PRO C 368 21.46 -7.04 0.95
N SER C 369 22.67 -7.32 0.51
CA SER C 369 23.62 -6.26 0.32
C SER C 369 22.96 -5.30 -0.66
N THR C 370 23.20 -4.00 -0.45
CA THR C 370 22.60 -2.95 -1.27
C THR C 370 23.31 -2.94 -2.60
N PRO C 371 22.57 -2.60 -3.68
CA PRO C 371 23.19 -2.46 -4.95
C PRO C 371 24.09 -1.24 -4.94
N LYS C 372 25.20 -1.35 -5.66
CA LYS C 372 26.15 -0.28 -5.82
C LYS C 372 26.23 0.11 -7.26
N PHE C 373 26.31 1.39 -7.54
CA PHE C 373 26.39 1.84 -8.91
C PHE C 373 27.61 2.75 -9.08
N ALA C 374 28.32 2.53 -10.18
CA ALA C 374 29.43 3.34 -10.60
C ALA C 374 28.96 4.55 -11.40
N TYR C 375 28.69 5.72 -10.78
CA TYR C 375 28.34 6.92 -11.57
C TYR C 375 29.49 7.40 -12.53
N GLY C 376 30.69 6.80 -12.46
CA GLY C 376 31.77 7.17 -13.33
C GLY C 376 32.47 8.45 -12.85
N LYS C 377 33.15 9.06 -13.81
CA LYS C 377 33.99 10.24 -13.65
C LYS C 377 33.14 11.52 -13.63
N VAL C 378 33.35 12.33 -12.64
CA VAL C 378 32.70 13.62 -12.57
C VAL C 378 33.79 14.64 -12.41
N THR C 379 33.81 15.64 -13.30
CA THR C 379 34.84 16.67 -13.31
C THR C 379 34.52 17.81 -12.37
N LEU C 380 35.55 18.39 -11.79
CA LEU C 380 35.38 19.55 -10.90
C LEU C 380 36.16 20.72 -11.47
N GLU C 381 35.93 21.91 -10.95
CA GLU C 381 36.86 22.99 -11.19
C GLU C 381 37.00 23.89 -10.00
N LYS C 382 38.18 24.52 -9.92
CA LYS C 382 38.51 25.36 -8.81
C LYS C 382 37.42 26.40 -8.65
N LEU C 383 37.00 26.59 -7.42
CA LEU C 383 35.96 27.54 -7.17
C LEU C 383 36.66 28.66 -6.44
N LYS C 384 37.25 28.38 -5.28
CA LYS C 384 38.02 29.37 -4.51
C LYS C 384 39.17 28.78 -3.66
N THR C 385 40.32 29.48 -3.60
CA THR C 385 41.35 29.13 -2.61
C THR C 385 40.76 29.42 -1.24
N VAL C 386 41.25 28.73 -0.21
CA VAL C 386 40.86 29.08 1.15
C VAL C 386 41.17 30.57 1.41
N GLY C 387 42.38 31.04 1.11
CA GLY C 387 42.68 32.51 1.22
C GLY C 387 41.69 33.54 0.64
N ALA C 388 41.12 33.21 -0.51
CA ALA C 388 40.12 34.08 -1.14
C ALA C 388 38.69 33.91 -0.60
N ALA C 389 38.49 32.94 0.29
CA ALA C 389 37.14 32.67 0.77
C ALA C 389 36.96 33.10 2.22
N LEU C 390 37.85 33.94 2.71
CA LEU C 390 37.84 34.28 4.15
C LEU C 390 36.63 35.08 4.58
N ASP C 391 36.00 35.76 3.65
CA ASP C 391 34.81 36.54 3.99
C ASP C 391 33.61 35.65 4.29
N ILE C 392 33.45 34.58 3.52
CA ILE C 392 32.37 33.59 3.73
C ILE C 392 32.70 32.58 4.85
N LEU C 393 33.96 32.14 4.92
CA LEU C 393 34.44 31.26 5.96
C LEU C 393 34.43 31.89 7.35
N CYS C 394 34.75 33.18 7.45
CA CYS C 394 34.89 33.86 8.74
C CYS C 394 34.11 35.18 8.71
N PRO C 395 32.78 35.10 8.76
CA PRO C 395 32.03 36.33 8.63
C PRO C 395 32.18 37.30 9.81
N SER C 396 32.47 36.82 11.00
CA SER C 396 32.68 37.73 12.14
C SER C 396 34.01 38.43 12.16
N GLY C 397 34.92 38.07 11.26
CA GLY C 397 36.23 38.71 11.15
C GLY C 397 37.20 38.01 12.08
N PRO C 398 38.52 38.18 11.90
CA PRO C 398 39.48 37.41 12.69
C PRO C 398 39.69 37.87 14.10
N ILE C 399 40.36 37.01 14.86
CA ILE C 399 40.81 37.31 16.18
C ILE C 399 42.32 37.67 16.18
N LYS C 400 42.59 38.90 16.63
CA LYS C 400 43.94 39.42 16.84
C LYS C 400 44.49 38.97 18.20
N SER C 401 45.70 38.46 18.22
CA SER C 401 46.32 38.02 19.44
C SER C 401 47.85 38.11 19.22
N LEU C 402 48.61 38.27 20.28
CA LEU C 402 50.06 38.48 20.17
C LEU C 402 50.74 37.17 19.90
N TYR C 403 50.49 36.15 20.72
CA TYR C 403 50.95 34.78 20.42
C TYR C 403 49.75 33.90 19.94
N PRO C 404 50.05 32.71 19.39
CA PRO C 404 48.94 31.89 18.90
C PRO C 404 47.99 31.34 19.96
N LEU C 405 46.74 31.25 19.56
CA LEU C 405 45.66 30.71 20.35
C LEU C 405 45.29 29.34 19.79
N THR C 406 44.79 28.45 20.64
CA THR C 406 44.27 27.14 20.23
C THR C 406 42.87 27.19 19.59
N PHE C 407 42.47 26.11 18.89
CA PHE C 407 41.08 26.00 18.36
C PHE C 407 40.12 26.32 19.46
N ILE C 408 40.34 25.73 20.63
CA ILE C 408 39.41 25.85 21.76
C ILE C 408 39.30 27.32 22.18
N GLN C 409 40.43 28.05 22.21
CA GLN C 409 40.40 29.47 22.70
C GLN C 409 39.63 30.35 21.74
N VAL C 410 39.56 29.87 20.50
CA VAL C 410 38.98 30.55 19.37
C VAL C 410 37.59 30.00 19.01
N LYS C 411 37.03 29.14 19.85
CA LYS C 411 35.61 28.75 19.73
C LYS C 411 35.31 27.80 18.56
N GLN C 412 36.29 27.01 18.19
CA GLN C 412 36.10 26.03 17.14
C GLN C 412 36.63 24.69 17.58
N HIS C 413 35.89 23.66 17.23
CA HIS C 413 36.19 22.32 17.69
C HIS C 413 36.80 21.44 16.63
N TYR C 414 36.19 21.45 15.44
CA TYR C 414 36.58 20.57 14.36
C TYR C 414 37.02 21.32 13.13
N GLY C 415 37.76 20.63 12.28
CA GLY C 415 38.14 21.17 11.01
C GLY C 415 39.42 22.00 11.02
N PHE C 416 39.28 23.24 10.56
CA PHE C 416 40.40 24.04 10.07
C PHE C 416 40.43 25.43 10.66
N VAL C 417 41.60 25.89 11.07
CA VAL C 417 41.78 27.30 11.43
C VAL C 417 42.96 27.88 10.67
N LEU C 418 42.83 29.11 10.18
CA LEU C 418 43.91 29.77 9.47
C LEU C 418 44.67 30.71 10.42
N TYR C 419 45.94 30.45 10.63
CA TYR C 419 46.74 31.42 11.37
C TYR C 419 47.61 32.31 10.44
N ARG C 420 47.45 33.63 10.53
CA ARG C 420 48.16 34.56 9.64
C ARG C 420 49.02 35.55 10.45
N THR C 421 50.23 35.78 9.93
CA THR C 421 51.14 36.82 10.38
C THR C 421 51.86 37.42 9.13
N THR C 422 52.79 38.35 9.36
CA THR C 422 53.64 38.89 8.29
C THR C 422 55.09 38.59 8.63
N LEU C 423 55.94 38.27 7.65
CA LEU C 423 57.40 38.11 7.91
C LEU C 423 58.07 39.41 8.40
N PRO C 424 58.79 39.38 9.56
CA PRO C 424 59.46 40.61 10.03
C PRO C 424 60.76 40.87 9.28
N GLN C 425 61.46 39.80 8.93
CA GLN C 425 62.73 39.91 8.21
C GLN C 425 62.53 39.42 6.77
N ASP C 426 63.42 39.84 5.88
CA ASP C 426 63.42 39.39 4.50
C ASP C 426 64.03 37.99 4.44
N CYS C 427 63.38 37.07 3.71
CA CYS C 427 63.83 35.68 3.66
C CYS C 427 64.16 35.19 2.24
N SER C 428 64.98 35.95 1.49
CA SER C 428 65.32 35.60 0.09
C SER C 428 65.95 34.23 -0.01
N ASN C 429 66.69 33.87 1.04
CA ASN C 429 67.23 32.54 1.24
C ASN C 429 66.33 31.75 2.19
N PRO C 430 66.29 30.41 2.01
CA PRO C 430 65.56 29.56 2.95
C PRO C 430 65.79 29.90 4.46
N ALA C 431 64.75 30.38 5.12
CA ALA C 431 64.74 30.57 6.58
C ALA C 431 63.89 29.48 7.25
N PRO C 432 64.40 28.84 8.34
CA PRO C 432 63.59 27.81 9.04
C PRO C 432 62.41 28.38 9.84
N LEU C 433 61.23 27.78 9.57
CA LEU C 433 60.01 28.00 10.32
C LEU C 433 59.77 26.75 11.13
N SER C 434 59.68 26.90 12.44
CA SER C 434 59.67 25.73 13.31
C SER C 434 58.68 25.80 14.47
N SER C 435 58.26 24.63 14.94
CA SER C 435 57.52 24.56 16.21
C SER C 435 58.45 23.77 17.15
N PRO C 436 59.30 24.49 17.90
CA PRO C 436 60.40 23.77 18.56
C PRO C 436 59.88 22.80 19.59
N LEU C 437 58.76 23.12 20.23
CA LEU C 437 58.07 22.20 21.14
C LEU C 437 56.99 21.35 20.49
N ASN C 438 57.09 21.10 19.17
CA ASN C 438 56.14 20.16 18.49
C ASN C 438 54.68 20.53 18.68
N GLY C 439 54.34 21.81 18.51
CA GLY C 439 52.99 22.32 18.82
C GLY C 439 52.09 22.68 17.63
N VAL C 440 52.37 22.12 16.46
CA VAL C 440 51.38 22.12 15.36
C VAL C 440 50.48 20.87 15.52
N HIS C 441 49.26 21.07 15.99
CA HIS C 441 48.33 20.01 16.28
C HIS C 441 47.09 20.12 15.36
N ASP C 442 47.07 19.40 14.24
CA ASP C 442 47.98 18.27 13.95
C ASP C 442 48.72 18.35 12.65
N ARG C 443 48.32 19.22 11.74
CA ARG C 443 49.06 19.39 10.50
C ARG C 443 48.76 20.81 10.01
N ALA C 444 49.75 21.45 9.39
CA ALA C 444 49.59 22.80 8.86
C ALA C 444 50.09 22.95 7.43
N TYR C 445 49.29 23.63 6.63
CA TYR C 445 49.56 23.82 5.22
C TYR C 445 50.04 25.25 5.07
N VAL C 446 51.28 25.42 4.60
CA VAL C 446 51.94 26.72 4.73
C VAL C 446 52.11 27.43 3.42
N ALA C 447 51.78 28.69 3.40
CA ALA C 447 51.88 29.48 2.21
C ALA C 447 52.51 30.83 2.51
N VAL C 448 53.19 31.42 1.52
CA VAL C 448 53.72 32.78 1.68
C VAL C 448 53.39 33.72 0.53
N ASP C 449 52.70 34.83 0.83
CA ASP C 449 52.06 35.64 -0.20
C ASP C 449 51.55 34.65 -1.26
N GLY C 450 50.63 33.75 -0.90
CA GLY C 450 50.05 32.82 -1.87
C GLY C 450 50.97 31.76 -2.52
N ILE C 451 52.21 31.65 -2.11
CA ILE C 451 53.10 30.60 -2.60
C ILE C 451 53.16 29.43 -1.59
N PRO C 452 52.62 28.26 -1.98
CA PRO C 452 52.78 27.05 -1.18
C PRO C 452 54.23 26.75 -0.78
N GLN C 453 54.46 26.52 0.51
CA GLN C 453 55.80 26.16 1.04
C GLN C 453 55.97 24.70 1.44
N GLY C 454 54.86 23.98 1.62
CA GLY C 454 54.87 22.62 2.16
C GLY C 454 54.11 22.48 3.46
N VAL C 455 54.48 21.47 4.24
CA VAL C 455 53.68 21.01 5.37
C VAL C 455 54.46 20.70 6.66
N LEU C 456 54.06 21.31 7.78
CA LEU C 456 54.49 20.91 9.15
C LEU C 456 53.59 19.82 9.67
N GLU C 457 54.16 18.74 10.22
CA GLU C 457 53.37 17.61 10.71
C GLU C 457 53.66 17.39 12.20
N ARG C 458 52.60 17.23 13.01
CA ARG C 458 52.73 16.73 14.36
C ARG C 458 53.60 15.46 14.41
N ASN C 459 54.68 15.53 15.19
CA ASN C 459 55.57 14.41 15.43
C ASN C 459 56.58 14.02 14.36
N ASN C 460 56.39 14.34 13.08
CA ASN C 460 57.41 14.00 12.06
C ASN C 460 58.08 15.18 11.39
N VAL C 461 57.44 16.33 11.31
CA VAL C 461 58.07 17.45 10.66
C VAL C 461 57.76 18.71 11.45
N ILE C 462 58.75 19.22 12.16
CA ILE C 462 58.57 20.44 12.95
C ILE C 462 59.33 21.66 12.43
N THR C 463 60.16 21.45 11.41
CA THR C 463 60.85 22.55 10.69
C THR C 463 60.61 22.51 9.20
N LEU C 464 60.36 23.68 8.63
CA LEU C 464 60.12 23.79 7.23
C LEU C 464 60.77 25.08 6.72
N ASN C 465 61.59 25.02 5.70
CA ASN C 465 62.12 26.25 5.12
C ASN C 465 61.13 26.98 4.25
N ILE C 466 61.22 28.29 4.24
CA ILE C 466 60.30 29.12 3.52
C ILE C 466 61.07 30.28 2.93
N THR C 467 60.47 30.99 1.98
CA THR C 467 61.17 32.08 1.32
C THR C 467 60.13 33.07 0.88
N GLY C 468 60.54 34.32 0.78
CA GLY C 468 59.62 35.38 0.47
C GLY C 468 60.12 36.66 1.12
N LYS C 469 59.42 37.74 0.88
CA LYS C 469 59.92 39.06 1.21
C LYS C 469 59.49 39.55 2.59
N ALA C 470 60.17 40.59 3.06
CA ALA C 470 59.83 41.23 4.31
C ALA C 470 58.42 41.76 4.12
N GLY C 471 57.58 41.55 5.14
CA GLY C 471 56.20 42.05 5.11
C GLY C 471 55.19 41.08 4.52
N ALA C 472 55.70 40.05 3.85
CA ALA C 472 54.88 39.04 3.19
C ALA C 472 53.91 38.39 4.17
N THR C 473 52.72 38.09 3.70
CA THR C 473 51.78 37.28 4.45
C THR C 473 52.26 35.80 4.61
N LEU C 474 52.31 35.33 5.87
CA LEU C 474 52.61 33.95 6.20
C LEU C 474 51.32 33.33 6.72
N ASP C 475 50.86 32.31 6.00
CA ASP C 475 49.58 31.58 6.33
C ASP C 475 49.85 30.12 6.72
N LEU C 476 49.32 29.72 7.87
CA LEU C 476 49.34 28.33 8.28
C LEU C 476 47.88 27.92 8.41
N LEU C 477 47.44 27.10 7.44
CA LEU C 477 46.11 26.48 7.53
C LEU C 477 46.28 25.25 8.37
N VAL C 478 45.73 25.27 9.57
CA VAL C 478 45.91 24.11 10.47
C VAL C 478 44.64 23.26 10.58
N GLU C 479 44.84 21.93 10.53
CA GLU C 479 43.75 20.95 10.55
C GLU C 479 43.75 20.17 11.87
N ASN C 480 42.60 20.12 12.51
CA ASN C 480 42.37 19.14 13.55
C ASN C 480 42.08 17.75 12.93
N MET C 481 43.08 16.89 12.96
CA MET C 481 42.97 15.53 12.43
C MET C 481 42.22 14.53 13.34
N GLY C 482 41.72 14.98 14.49
CA GLY C 482 41.05 14.09 15.40
C GLY C 482 41.68 14.00 16.76
N ARG C 483 40.89 14.38 17.76
CA ARG C 483 41.34 14.37 19.10
C ARG C 483 41.53 12.95 19.56
N VAL C 484 42.74 12.66 20.02
CA VAL C 484 43.11 11.38 20.65
C VAL C 484 42.02 10.82 21.58
N ASN C 485 41.67 9.56 21.42
CA ASN C 485 40.54 8.96 22.16
C ASN C 485 40.90 7.97 23.24
N TYR C 486 42.19 7.70 23.37
CA TYR C 486 42.68 6.74 24.33
C TYR C 486 44.08 7.10 24.84
N GLY C 487 44.30 6.83 26.13
CA GLY C 487 45.53 7.18 26.77
C GLY C 487 45.38 8.47 27.56
N ALA C 488 46.50 8.97 28.05
CA ALA C 488 46.49 10.03 29.04
C ALA C 488 46.35 11.38 28.38
N TYR C 489 46.47 11.43 27.05
CA TYR C 489 46.49 12.68 26.32
C TYR C 489 45.20 12.97 25.53
N ILE C 490 44.06 12.55 26.09
CA ILE C 490 42.73 12.94 25.58
C ILE C 490 42.35 14.46 25.72
N ASN C 491 43.07 15.21 26.55
CA ASN C 491 43.01 16.71 26.55
C ASN C 491 43.80 17.36 25.38
N ASP C 492 43.38 17.06 24.18
CA ASP C 492 44.14 17.38 22.96
C ASP C 492 43.53 18.64 22.44
N PHE C 493 44.06 19.76 22.92
CA PHE C 493 43.84 21.00 22.27
C PHE C 493 44.59 20.75 20.94
N LYS C 494 44.01 21.41 19.94
CA LYS C 494 44.52 21.43 18.62
C LYS C 494 44.75 22.88 18.26
N GLY C 495 45.35 23.08 17.08
CA GLY C 495 45.77 24.40 16.64
C GLY C 495 47.25 24.54 16.81
N LEU C 496 47.73 25.80 16.84
CA LEU C 496 49.13 26.09 17.23
C LEU C 496 49.04 26.20 18.72
N VAL C 497 49.47 25.16 19.41
CA VAL C 497 49.32 25.09 20.87
C VAL C 497 50.64 25.54 21.53
N SER C 498 51.65 25.81 20.71
CA SER C 498 52.88 26.48 21.19
C SER C 498 53.43 27.35 20.05
N ASN C 499 54.40 28.20 20.40
CA ASN C 499 54.95 29.23 19.49
C ASN C 499 55.61 28.67 18.24
N LEU C 500 55.62 29.50 17.22
CA LEU C 500 56.40 29.26 16.02
C LEU C 500 57.63 30.12 16.04
N THR C 501 58.70 29.59 15.48
CA THR C 501 59.92 30.29 15.37
C THR C 501 60.28 30.53 13.90
N LEU C 502 60.75 31.73 13.60
CA LEU C 502 61.36 32.06 12.31
C LEU C 502 62.83 32.53 12.47
N SER C 503 63.76 31.75 11.91
CA SER C 503 65.20 31.87 12.17
C SER C 503 65.40 32.10 13.67
N SER C 504 64.91 31.16 14.46
CA SER C 504 65.07 31.19 15.92
C SER C 504 64.34 32.29 16.70
N ASN C 505 63.61 33.19 16.05
CA ASN C 505 62.87 34.24 16.75
C ASN C 505 61.33 34.05 16.79
N ILE C 506 60.76 34.20 17.97
CA ILE C 506 59.38 33.90 18.14
C ILE C 506 58.61 34.87 17.29
N LEU C 507 57.68 34.33 16.51
CA LEU C 507 56.84 35.10 15.61
C LEU C 507 55.64 35.65 16.33
N THR C 508 55.34 36.93 16.14
CA THR C 508 54.33 37.57 16.93
C THR C 508 53.31 38.31 16.09
N ASP C 509 52.19 38.64 16.73
CA ASP C 509 51.12 39.40 16.11
C ASP C 509 50.38 38.53 15.06
N TRP C 510 49.49 37.68 15.57
CA TRP C 510 48.73 36.72 14.76
C TRP C 510 47.31 37.20 14.51
N THR C 511 46.84 36.92 13.31
CA THR C 511 45.45 37.18 12.90
C THR C 511 44.84 35.80 12.65
N ILE C 512 43.85 35.44 13.46
CA ILE C 512 43.41 34.04 13.51
C ILE C 512 41.97 33.98 13.01
N PHE C 513 41.77 33.20 11.94
CA PHE C 513 40.46 33.08 11.30
C PHE C 513 39.87 31.69 11.56
N PRO C 514 38.96 31.56 12.52
CA PRO C 514 38.16 30.34 12.56
C PRO C 514 37.38 30.22 11.26
N LEU C 515 37.31 29.02 10.69
CA LEU C 515 36.76 28.77 9.38
C LEU C 515 35.46 27.96 9.49
N ASP C 516 34.31 28.58 9.17
CA ASP C 516 32.98 27.89 9.09
C ASP C 516 32.84 27.12 7.75
N THR C 517 33.69 26.12 7.56
CA THR C 517 33.67 25.36 6.31
C THR C 517 32.32 24.70 6.03
N GLU C 518 31.65 24.20 7.06
CA GLU C 518 30.39 23.45 6.86
C GLU C 518 29.31 24.39 6.34
N ASP C 519 29.11 25.52 7.04
CA ASP C 519 28.22 26.60 6.52
C ASP C 519 28.62 27.03 5.11
N ALA C 520 29.91 27.24 4.87
CA ALA C 520 30.36 27.83 3.60
C ALA C 520 30.15 26.86 2.46
N VAL C 521 30.49 25.60 2.69
CA VAL C 521 30.29 24.58 1.64
C VAL C 521 28.80 24.44 1.29
N ARG C 522 27.93 24.57 2.29
CA ARG C 522 26.51 24.43 2.06
C ARG C 522 25.93 25.56 1.21
N SER C 523 26.50 26.75 1.35
CA SER C 523 26.06 27.89 0.56
C SER C 523 26.97 28.07 -0.65
N HIS C 524 27.60 26.97 -1.07
CA HIS C 524 28.46 26.98 -2.24
C HIS C 524 29.38 28.18 -2.15
N LEU C 525 30.05 28.36 -1.02
CA LEU C 525 31.13 29.38 -0.92
C LEU C 525 30.71 30.82 -1.17
N GLY C 526 29.45 31.14 -0.86
CA GLY C 526 28.85 32.45 -1.16
C GLY C 526 28.10 32.48 -2.47
N GLY C 527 27.90 31.32 -3.08
CA GLY C 527 27.01 31.16 -4.23
C GLY C 527 25.54 31.14 -3.85
N TRP C 528 25.18 30.37 -2.82
CA TRP C 528 23.81 30.39 -2.25
C TRP C 528 23.76 31.54 -1.20
N GLY C 529 23.51 31.25 0.08
CA GLY C 529 23.47 32.29 1.13
C GLY C 529 24.55 33.37 1.08
N ASN C 546 55.93 18.78 -4.78
CA ASN C 546 55.33 20.09 -5.02
C ASN C 546 53.88 20.23 -4.45
N TYR C 547 53.38 21.46 -4.34
CA TYR C 547 52.12 21.77 -3.62
C TYR C 547 51.23 22.80 -4.34
N THR C 548 49.94 22.81 -4.02
CA THR C 548 49.00 23.87 -4.40
C THR C 548 48.33 24.51 -3.17
N LEU C 549 47.79 25.70 -3.35
CA LEU C 549 47.15 26.38 -2.25
C LEU C 549 45.92 25.60 -1.92
N PRO C 550 45.67 25.41 -0.64
CA PRO C 550 44.42 24.84 -0.22
C PRO C 550 43.23 25.55 -0.84
N ALA C 551 42.36 24.79 -1.49
CA ALA C 551 41.28 25.32 -2.29
C ALA C 551 40.10 24.35 -2.39
N PHE C 552 38.92 24.95 -2.63
CA PHE C 552 37.66 24.25 -2.83
C PHE C 552 37.43 24.07 -4.32
N TYR C 553 37.09 22.84 -4.70
CA TYR C 553 36.89 22.49 -6.07
C TYR C 553 35.51 21.92 -6.18
N MET C 554 34.68 22.41 -7.10
CA MET C 554 33.28 22.04 -7.17
C MET C 554 32.87 21.43 -8.52
N GLY C 555 31.90 20.51 -8.48
CA GLY C 555 31.38 19.84 -9.69
C GLY C 555 30.03 19.14 -9.48
N ASN C 556 29.31 18.86 -10.57
CA ASN C 556 27.96 18.29 -10.41
C ASN C 556 27.63 17.14 -11.35
N PHE C 557 26.71 16.28 -10.91
CA PHE C 557 26.22 15.19 -11.74
C PHE C 557 24.76 14.93 -11.39
N SER C 558 24.02 14.60 -12.44
CA SER C 558 22.58 14.39 -12.35
C SER C 558 22.30 12.93 -12.41
N ILE C 559 21.19 12.54 -11.83
CA ILE C 559 20.76 11.15 -11.83
C ILE C 559 19.31 11.15 -12.31
N PRO C 560 18.94 10.26 -13.26
CA PRO C 560 17.63 10.37 -13.84
C PRO C 560 16.51 10.02 -12.81
N SER C 561 15.43 10.78 -12.77
CA SER C 561 14.23 10.42 -11.96
C SER C 561 13.43 9.31 -12.64
N GLY C 562 12.42 8.81 -11.96
CA GLY C 562 11.52 7.82 -12.53
C GLY C 562 12.21 6.47 -12.78
N ILE C 563 13.40 6.24 -12.24
CA ILE C 563 14.06 4.94 -12.41
C ILE C 563 14.00 4.23 -11.03
N PRO C 564 13.37 3.04 -10.93
CA PRO C 564 13.11 2.51 -9.59
C PRO C 564 14.30 2.06 -8.81
N ASP C 565 15.42 1.72 -9.45
CA ASP C 565 16.59 1.32 -8.70
C ASP C 565 17.72 2.36 -8.70
N LEU C 566 17.39 3.63 -8.91
CA LEU C 566 18.37 4.71 -8.78
C LEU C 566 17.76 5.84 -7.94
N PRO C 567 18.57 6.53 -7.11
CA PRO C 567 20.00 6.39 -6.96
C PRO C 567 20.39 5.17 -6.18
N GLN C 568 21.66 4.80 -6.32
CA GLN C 568 22.23 3.75 -5.52
C GLN C 568 23.46 4.28 -4.77
N ASP C 569 23.87 3.51 -3.78
CA ASP C 569 25.02 3.75 -2.99
C ASP C 569 26.20 3.64 -3.91
N THR C 570 27.28 4.29 -3.58
CA THR C 570 28.45 4.21 -4.43
C THR C 570 29.63 4.55 -3.60
N PHE C 571 30.83 4.49 -4.20
CA PHE C 571 32.04 4.79 -3.48
C PHE C 571 32.80 5.82 -4.31
N ILE C 572 33.24 6.87 -3.65
CA ILE C 572 34.02 7.91 -4.31
C ILE C 572 35.51 7.72 -4.08
N GLN C 573 36.27 7.98 -5.15
CA GLN C 573 37.71 7.83 -5.25
C GLN C 573 38.34 9.10 -5.81
N PHE C 574 39.56 9.40 -5.38
CA PHE C 574 40.18 10.63 -5.74
C PHE C 574 41.55 10.46 -6.44
N PRO C 575 41.62 9.66 -7.51
CA PRO C 575 42.96 9.45 -8.10
C PRO C 575 43.54 10.75 -8.65
N GLY C 576 44.81 11.02 -8.33
CA GLY C 576 45.47 12.31 -8.70
C GLY C 576 45.56 13.32 -7.58
N TRP C 577 44.61 13.20 -6.64
CA TRP C 577 44.42 14.12 -5.54
C TRP C 577 45.34 13.68 -4.43
N THR C 578 45.32 14.36 -3.29
CA THR C 578 46.35 14.03 -2.29
C THR C 578 45.78 13.90 -0.87
N LYS C 579 45.21 14.98 -0.34
CA LYS C 579 44.62 14.96 1.01
C LYS C 579 43.58 16.04 1.10
N GLY C 580 42.45 15.73 1.73
CA GLY C 580 41.37 16.67 1.83
C GLY C 580 40.08 16.13 2.42
N GLN C 581 39.08 17.00 2.36
CA GLN C 581 37.71 16.75 2.85
C GLN C 581 36.71 16.79 1.68
N VAL C 582 35.63 16.00 1.73
CA VAL C 582 34.67 15.96 0.61
C VAL C 582 33.24 16.06 1.08
N TRP C 583 32.49 16.90 0.42
CA TRP C 583 31.06 17.00 0.64
C TRP C 583 30.29 16.57 -0.59
N ILE C 584 29.12 16.00 -0.38
CA ILE C 584 28.21 15.82 -1.50
C ILE C 584 26.88 16.43 -1.13
N ASN C 585 26.38 17.31 -1.97
CA ASN C 585 25.23 18.12 -1.59
C ASN C 585 25.34 18.69 -0.18
N GLY C 586 26.53 19.13 0.20
CA GLY C 586 26.64 19.71 1.56
C GLY C 586 26.76 18.74 2.71
N PHE C 587 26.66 17.44 2.45
CA PHE C 587 26.85 16.43 3.52
C PHE C 587 28.35 16.09 3.53
N ASN C 588 28.93 16.19 4.72
CA ASN C 588 30.38 15.99 4.90
C ASN C 588 30.71 14.52 5.06
N LEU C 589 31.23 13.91 4.01
CA LEU C 589 31.42 12.45 4.01
C LEU C 589 32.73 12.02 4.62
N GLY C 590 33.61 12.98 4.94
CA GLY C 590 34.84 12.67 5.69
C GLY C 590 36.11 13.02 4.94
N ARG C 591 37.22 12.37 5.31
CA ARG C 591 38.55 12.79 4.85
C ARG C 591 39.06 11.78 3.83
N TYR C 592 39.64 12.26 2.75
CA TYR C 592 40.32 11.37 1.84
C TYR C 592 41.84 11.57 2.01
N TRP C 593 42.60 10.50 1.84
CA TRP C 593 44.06 10.63 1.87
C TRP C 593 44.73 9.48 1.09
N PRO C 594 44.47 9.43 -0.22
CA PRO C 594 45.08 8.42 -1.10
C PRO C 594 46.64 8.41 -1.05
N ALA C 595 47.25 9.55 -0.77
CA ALA C 595 48.73 9.57 -0.56
C ALA C 595 49.18 8.61 0.53
N ARG C 596 48.47 8.51 1.64
CA ARG C 596 48.87 7.54 2.68
C ARG C 596 48.14 6.18 2.64
N GLY C 597 46.85 6.11 2.30
CA GLY C 597 46.07 4.88 2.47
C GLY C 597 45.95 4.48 3.94
N PRO C 598 45.42 3.27 4.21
CA PRO C 598 45.01 2.22 3.30
C PRO C 598 43.66 2.48 2.62
N GLN C 599 42.89 3.43 3.14
CA GLN C 599 41.63 3.73 2.53
C GLN C 599 41.82 4.66 1.33
N LEU C 600 41.25 4.23 0.21
CA LEU C 600 41.28 4.99 -1.02
C LEU C 600 39.89 5.48 -1.35
N THR C 601 38.87 4.65 -1.20
CA THR C 601 37.52 5.09 -1.48
C THR C 601 36.80 5.52 -0.23
N LEU C 602 35.81 6.44 -0.39
CA LEU C 602 34.85 6.80 0.67
C LEU C 602 33.43 6.36 0.33
N PHE C 603 32.72 5.90 1.35
CA PHE C 603 31.33 5.34 1.20
C PHE C 603 30.37 6.51 0.99
N VAL C 604 29.58 6.47 -0.08
CA VAL C 604 28.49 7.43 -0.31
C VAL C 604 27.09 6.78 -0.24
N PRO C 605 26.32 7.06 0.85
CA PRO C 605 24.98 6.52 1.01
C PRO C 605 23.96 7.21 0.10
N GLN C 606 23.07 6.43 -0.49
CA GLN C 606 22.28 6.96 -1.66
C GLN C 606 21.28 8.01 -1.27
N HIS C 607 20.87 8.01 -0.02
CA HIS C 607 19.82 8.93 0.38
C HIS C 607 20.17 10.39 0.32
N ILE C 608 21.46 10.72 0.26
CA ILE C 608 21.81 12.10 0.10
C ILE C 608 21.85 12.49 -1.38
N LEU C 609 21.75 11.50 -2.27
CA LEU C 609 21.72 11.76 -3.72
C LEU C 609 20.34 12.09 -4.22
N MET C 610 20.26 12.97 -5.21
CA MET C 610 18.93 13.35 -5.63
C MET C 610 18.78 13.21 -7.12
N THR C 611 17.52 13.24 -7.57
CA THR C 611 17.14 13.15 -8.99
C THR C 611 16.40 14.36 -9.55
N SER C 612 15.81 15.15 -8.68
CA SER C 612 15.08 16.34 -9.12
C SER C 612 16.00 17.52 -9.48
N ALA C 613 17.18 17.57 -8.90
CA ALA C 613 18.16 18.65 -9.14
C ALA C 613 19.58 18.05 -9.28
N PRO C 614 20.52 18.74 -9.90
CA PRO C 614 21.88 18.12 -9.98
C PRO C 614 22.55 17.88 -8.61
N ASN C 615 23.40 16.87 -8.51
CA ASN C 615 24.20 16.66 -7.28
C ASN C 615 25.50 17.37 -7.30
N THR C 616 25.85 17.95 -6.16
CA THR C 616 27.00 18.82 -6.10
C THR C 616 28.08 18.21 -5.26
N ILE C 617 29.24 17.96 -5.87
CA ILE C 617 30.42 17.48 -5.16
C ILE C 617 31.30 18.67 -4.83
N THR C 618 31.75 18.74 -3.60
CA THR C 618 32.73 19.80 -3.18
C THR C 618 33.90 19.12 -2.52
N VAL C 619 35.10 19.45 -2.97
CA VAL C 619 36.34 18.89 -2.46
C VAL C 619 37.22 20.05 -1.96
N LEU C 620 37.80 19.90 -0.77
CA LEU C 620 38.80 20.83 -0.26
C LEU C 620 40.10 20.05 -0.21
N GLU C 621 41.03 20.42 -1.09
CA GLU C 621 42.30 19.75 -1.25
C GLU C 621 43.29 20.65 -0.58
N LEU C 622 44.09 20.03 0.30
CA LEU C 622 44.92 20.73 1.21
C LEU C 622 46.39 20.79 0.74
N GLU C 623 46.81 19.87 -0.13
CA GLU C 623 48.20 19.66 -0.52
C GLU C 623 48.52 19.84 -2.03
N TRP C 624 47.82 19.10 -2.87
CA TRP C 624 48.06 19.09 -4.30
C TRP C 624 46.88 18.55 -5.09
N ALA C 625 46.39 19.39 -5.98
CA ALA C 625 45.27 19.04 -6.87
C ALA C 625 45.78 18.81 -8.29
N PRO C 626 45.25 17.79 -8.99
CA PRO C 626 45.58 17.55 -10.40
C PRO C 626 44.74 18.43 -11.32
N CYS C 627 44.81 19.75 -11.10
CA CYS C 627 43.93 20.65 -11.77
C CYS C 627 44.68 21.78 -12.49
N SER C 628 45.98 21.64 -12.71
CA SER C 628 46.77 22.69 -13.34
C SER C 628 47.05 22.53 -14.83
N SER C 629 46.90 21.32 -15.36
CA SER C 629 47.02 21.14 -16.80
C SER C 629 45.68 21.60 -17.49
N ASP C 630 45.66 21.55 -18.82
CA ASP C 630 44.52 21.94 -19.65
C ASP C 630 43.65 20.73 -20.04
N ASP C 631 43.92 19.56 -19.45
CA ASP C 631 43.10 18.36 -19.61
C ASP C 631 42.13 18.32 -18.45
N PRO C 632 40.84 18.54 -18.70
CA PRO C 632 39.90 18.63 -17.59
C PRO C 632 39.48 17.26 -16.99
N GLU C 633 39.67 16.16 -17.71
CA GLU C 633 39.39 14.83 -17.17
C GLU C 633 40.30 14.47 -15.99
N LEU C 634 41.31 15.27 -15.74
CA LEU C 634 42.21 15.02 -14.60
C LEU C 634 41.70 15.70 -13.34
N CYS C 635 41.07 16.86 -13.48
CA CYS C 635 40.49 17.55 -12.33
C CYS C 635 39.08 16.94 -12.12
N ALA C 636 39.08 15.75 -11.57
CA ALA C 636 37.89 14.92 -11.50
C ALA C 636 37.99 13.88 -10.37
N VAL C 637 36.81 13.52 -9.86
CA VAL C 637 36.67 12.38 -8.96
C VAL C 637 35.93 11.24 -9.70
N THR C 638 36.10 10.01 -9.24
CA THR C 638 35.44 8.89 -9.87
C THR C 638 34.59 8.13 -8.85
N PHE C 639 33.35 7.77 -9.27
CA PHE C 639 32.49 6.82 -8.53
C PHE C 639 32.57 5.40 -9.09
N VAL C 640 32.82 4.44 -8.18
CA VAL C 640 33.03 3.03 -8.52
C VAL C 640 32.10 2.23 -7.64
N ASP C 641 31.94 0.95 -7.93
CA ASP C 641 30.92 0.16 -7.27
C ASP C 641 31.47 -0.80 -6.23
N ARG C 642 32.79 -0.72 -5.99
CA ARG C 642 33.45 -1.56 -4.96
C ARG C 642 34.37 -0.71 -4.15
N PRO C 643 34.37 -0.94 -2.84
CA PRO C 643 35.21 -0.17 -1.95
C PRO C 643 36.68 -0.61 -2.07
N VAL C 644 37.62 0.31 -1.82
CA VAL C 644 39.02 -0.06 -1.67
C VAL C 644 39.52 0.58 -0.41
N ILE C 645 39.49 -0.19 0.68
CA ILE C 645 39.94 0.23 2.02
C ILE C 645 41.20 -0.47 2.50
N GLY C 646 41.72 -1.36 1.65
CA GLY C 646 42.79 -2.25 2.00
C GLY C 646 43.99 -2.06 1.10
N SER C 647 44.26 -0.83 0.69
CA SER C 647 45.44 -0.61 -0.16
C SER C 647 46.80 -0.53 0.59
N SER C 648 47.93 -0.62 -0.15
CA SER C 648 49.28 -0.24 0.38
C SER C 648 49.36 1.05 1.21
N GLN D 30 12.40 -22.12 24.35
CA GLN D 30 11.43 -23.11 24.91
C GLN D 30 10.41 -22.52 25.93
N ARG D 31 9.13 -22.83 25.69
CA ARG D 31 8.01 -22.24 26.42
C ARG D 31 7.26 -23.26 27.26
N MET D 32 6.81 -22.86 28.44
CA MET D 32 6.19 -23.77 29.39
C MET D 32 4.86 -23.16 29.82
N PHE D 33 3.82 -23.96 29.92
CA PHE D 33 2.63 -23.52 30.59
C PHE D 33 2.21 -24.68 31.44
N GLU D 34 1.81 -24.39 32.69
CA GLU D 34 1.58 -25.45 33.65
C GLU D 34 0.79 -24.95 34.82
N ILE D 35 0.20 -25.88 35.57
CA ILE D 35 -0.40 -25.55 36.85
C ILE D 35 0.67 -25.75 37.89
N ASP D 36 0.95 -24.73 38.69
CA ASP D 36 1.71 -24.94 39.94
C ASP D 36 0.73 -25.10 41.12
N TYR D 37 0.68 -26.32 41.63
CA TYR D 37 -0.19 -26.62 42.73
C TYR D 37 0.16 -25.86 44.01
N SER D 38 1.45 -25.58 44.25
CA SER D 38 1.87 -24.62 45.31
C SER D 38 1.18 -23.26 45.28
N ARG D 39 1.59 -22.35 44.39
CA ARG D 39 1.06 -20.96 44.48
C ARG D 39 -0.40 -20.83 44.04
N ASP D 40 -1.10 -21.95 43.87
CA ASP D 40 -2.52 -21.99 43.40
C ASP D 40 -2.67 -21.22 42.09
N SER D 41 -1.78 -21.53 41.18
CA SER D 41 -1.62 -20.69 40.05
C SER D 41 -1.15 -21.42 38.81
N PHE D 42 -1.59 -20.87 37.67
CA PHE D 42 -0.90 -21.09 36.40
C PHE D 42 0.48 -20.46 36.41
N LEU D 43 1.38 -21.03 35.65
CA LEU D 43 2.68 -20.39 35.42
C LEU D 43 2.83 -20.42 33.95
N LYS D 44 3.17 -19.28 33.39
CA LYS D 44 3.49 -19.21 32.00
C LYS D 44 4.93 -18.77 31.91
N ASP D 45 5.77 -19.63 31.34
CA ASP D 45 7.21 -19.39 31.28
C ASP D 45 7.79 -19.20 32.68
N GLY D 46 7.25 -19.97 33.63
CA GLY D 46 7.67 -19.92 35.05
C GLY D 46 7.12 -18.74 35.84
N GLN D 47 6.21 -17.93 35.27
CA GLN D 47 5.69 -16.72 35.95
C GLN D 47 4.21 -16.80 36.20
N PRO D 48 3.75 -16.25 37.34
CA PRO D 48 2.31 -16.38 37.54
C PRO D 48 1.52 -15.81 36.39
N PHE D 49 0.40 -16.46 36.10
CA PHE D 49 -0.42 -16.06 34.99
C PHE D 49 -1.89 -16.27 35.36
N ARG D 50 -2.75 -15.33 35.03
CA ARG D 50 -4.14 -15.67 34.91
C ARG D 50 -4.80 -15.08 33.73
N TYR D 51 -5.88 -15.75 33.35
CA TYR D 51 -6.53 -15.39 32.13
C TYR D 51 -7.90 -14.88 32.35
N THR D 52 -8.20 -13.89 31.52
CA THR D 52 -9.45 -13.26 31.34
C THR D 52 -9.76 -13.46 29.85
N SER D 53 -10.69 -14.37 29.61
CA SER D 53 -10.98 -14.85 28.25
C SER D 53 -12.43 -14.51 27.88
N GLY D 54 -12.74 -14.60 26.62
CA GLY D 54 -14.13 -14.51 26.14
C GLY D 54 -14.35 -15.62 25.13
N SER D 55 -15.58 -16.12 25.03
CA SER D 55 -15.85 -17.16 24.09
C SER D 55 -16.17 -16.52 22.76
N ILE D 56 -15.58 -17.09 21.73
CA ILE D 56 -15.90 -16.77 20.34
C ILE D 56 -15.87 -18.09 19.61
N HIS D 57 -16.94 -18.39 18.89
CA HIS D 57 -17.04 -19.62 18.12
C HIS D 57 -16.80 -19.30 16.64
N TYR D 58 -15.65 -19.75 16.11
CA TYR D 58 -15.31 -19.49 14.71
C TYR D 58 -16.36 -19.97 13.75
N SER D 59 -17.16 -21.00 14.12
CA SER D 59 -18.19 -21.55 13.26
C SER D 59 -19.44 -20.69 13.13
N ARG D 60 -19.53 -19.63 13.92
CA ARG D 60 -20.70 -18.78 14.05
C ARG D 60 -20.42 -17.33 13.61
N VAL D 61 -19.18 -17.09 13.15
CA VAL D 61 -18.74 -15.81 12.68
C VAL D 61 -18.08 -16.07 11.34
N PRO D 62 -18.50 -15.37 10.29
CA PRO D 62 -17.78 -15.66 9.06
C PRO D 62 -16.31 -15.26 9.19
N ARG D 63 -15.46 -15.99 8.49
CA ARG D 63 -14.06 -15.73 8.49
C ARG D 63 -13.70 -14.30 8.08
N PHE D 64 -14.57 -13.72 7.26
CA PHE D 64 -14.39 -12.38 6.79
C PHE D 64 -14.22 -11.43 7.99
N TYR D 65 -14.96 -11.70 9.05
CA TYR D 65 -14.94 -10.90 10.26
C TYR D 65 -14.09 -11.47 11.36
N TRP D 66 -13.38 -12.58 11.15
CA TRP D 66 -12.62 -13.14 12.30
C TRP D 66 -11.72 -12.13 12.95
N LYS D 67 -10.89 -11.48 12.15
CA LYS D 67 -9.95 -10.54 12.75
C LYS D 67 -10.68 -9.40 13.47
N ASP D 68 -11.78 -8.92 12.90
CA ASP D 68 -12.52 -7.80 13.51
C ASP D 68 -13.02 -8.21 14.90
N ARG D 69 -13.57 -9.41 15.04
CA ARG D 69 -14.10 -9.78 16.34
C ARG D 69 -12.94 -10.00 17.31
N LEU D 70 -11.84 -10.56 16.86
CA LEU D 70 -10.73 -10.89 17.77
C LEU D 70 -10.03 -9.62 18.24
N LEU D 71 -9.79 -8.71 17.31
CA LEU D 71 -9.21 -7.45 17.67
C LEU D 71 -10.08 -6.69 18.73
N LYS D 72 -11.37 -6.62 18.49
CA LYS D 72 -12.27 -6.00 19.46
C LYS D 72 -12.20 -6.71 20.82
N MET D 73 -12.05 -8.03 20.82
CA MET D 73 -11.86 -8.78 22.02
C MET D 73 -10.56 -8.37 22.79
N LYS D 74 -9.51 -8.13 22.05
CA LYS D 74 -8.20 -7.78 22.62
C LYS D 74 -8.24 -6.35 23.20
N MET D 75 -9.01 -5.47 22.58
CA MET D 75 -9.15 -4.07 23.01
C MET D 75 -10.04 -3.97 24.20
N ALA D 76 -10.71 -5.08 24.57
CA ALA D 76 -11.43 -5.13 25.84
C ALA D 76 -10.52 -5.51 27.00
N GLY D 77 -9.30 -5.94 26.72
CA GLY D 77 -8.34 -6.36 27.78
C GLY D 77 -8.20 -7.87 27.97
N LEU D 78 -8.89 -8.67 27.14
CA LEU D 78 -8.74 -10.12 27.17
C LEU D 78 -7.31 -10.53 26.76
N ASN D 79 -6.71 -11.44 27.50
CA ASN D 79 -5.45 -12.00 27.11
C ASN D 79 -5.63 -13.37 26.48
N ALA D 80 -6.85 -13.88 26.47
CA ALA D 80 -7.09 -15.15 25.80
C ALA D 80 -8.52 -15.19 25.26
N ILE D 81 -8.74 -16.09 24.30
CA ILE D 81 -10.04 -16.45 23.84
C ILE D 81 -10.27 -17.93 24.07
N GLN D 82 -11.53 -18.31 24.00
CA GLN D 82 -11.95 -19.68 24.21
C GLN D 82 -12.94 -20.06 23.12
N THR D 83 -12.79 -21.28 22.61
CA THR D 83 -13.64 -21.69 21.50
C THR D 83 -13.94 -23.18 21.51
N TYR D 84 -14.98 -23.55 20.76
CA TYR D 84 -15.35 -24.94 20.62
C TYR D 84 -15.06 -25.39 19.21
N VAL D 85 -14.61 -26.65 19.08
CA VAL D 85 -14.43 -27.25 17.76
C VAL D 85 -15.61 -28.19 17.58
N PRO D 86 -16.62 -27.80 16.76
CA PRO D 86 -17.71 -28.73 16.46
C PRO D 86 -17.35 -29.82 15.42
N TRP D 87 -17.43 -31.07 15.83
CA TRP D 87 -17.02 -32.20 15.01
C TRP D 87 -17.78 -32.24 13.74
N ASN D 88 -19.10 -32.12 13.88
CA ASN D 88 -19.98 -32.09 12.74
C ASN D 88 -19.77 -30.95 11.75
N PHE D 89 -19.14 -29.86 12.19
CA PHE D 89 -18.78 -28.76 11.28
C PHE D 89 -17.59 -29.17 10.41
N HIS D 90 -16.82 -30.16 10.82
CA HIS D 90 -15.54 -30.52 10.14
C HIS D 90 -15.55 -31.88 9.46
N GLU D 91 -16.47 -32.74 9.88
CA GLU D 91 -16.61 -34.11 9.35
C GLU D 91 -18.08 -34.41 9.09
N PRO D 92 -18.61 -33.81 8.04
CA PRO D 92 -20.03 -34.04 7.75
C PRO D 92 -20.42 -35.47 7.28
N TRP D 93 -19.44 -36.27 6.81
CA TRP D 93 -19.62 -37.69 6.54
C TRP D 93 -18.34 -38.36 6.93
N PRO D 94 -18.34 -39.69 7.16
CA PRO D 94 -17.09 -40.27 7.63
C PRO D 94 -15.94 -40.20 6.59
N GLY D 95 -14.74 -39.78 7.02
CA GLY D 95 -13.60 -39.58 6.13
C GLY D 95 -13.63 -38.36 5.18
N GLN D 96 -14.62 -37.47 5.29
CA GLN D 96 -14.76 -36.30 4.44
C GLN D 96 -14.64 -34.99 5.28
N TYR D 97 -13.52 -34.30 5.12
CA TYR D 97 -13.14 -33.21 6.02
C TYR D 97 -13.28 -31.81 5.42
N GLN D 98 -13.59 -30.85 6.29
CA GLN D 98 -13.65 -29.43 5.95
C GLN D 98 -12.80 -28.59 6.87
N PHE D 99 -11.63 -28.18 6.37
CA PHE D 99 -10.71 -27.34 7.16
C PHE D 99 -10.31 -26.08 6.45
N SER D 100 -11.08 -25.73 5.42
CA SER D 100 -10.82 -24.59 4.53
C SER D 100 -11.82 -23.45 4.73
N GLU D 101 -11.36 -22.25 4.39
CA GLU D 101 -12.19 -21.04 4.40
C GLU D 101 -12.82 -20.88 5.74
N ASP D 102 -14.15 -20.91 5.85
CA ASP D 102 -14.84 -20.67 7.10
C ASP D 102 -14.67 -21.81 8.04
N HIS D 103 -14.22 -22.98 7.58
CA HIS D 103 -14.08 -24.16 8.45
C HIS D 103 -12.57 -24.26 8.86
N ASP D 104 -11.77 -23.23 8.56
CA ASP D 104 -10.30 -23.29 8.81
C ASP D 104 -9.91 -23.02 10.27
N VAL D 105 -10.24 -23.95 11.17
CA VAL D 105 -9.86 -23.76 12.54
C VAL D 105 -8.38 -23.38 12.70
N GLU D 106 -7.47 -24.08 12.01
CA GLU D 106 -6.04 -23.85 12.26
C GLU D 106 -5.72 -22.40 12.00
N TYR D 107 -6.32 -21.87 10.94
CA TYR D 107 -6.16 -20.46 10.65
C TYR D 107 -6.72 -19.60 11.75
N PHE D 108 -7.90 -19.93 12.27
CA PHE D 108 -8.50 -19.09 13.26
C PHE D 108 -7.52 -18.94 14.43
N LEU D 109 -6.94 -20.06 14.85
CA LEU D 109 -6.00 -20.08 15.97
C LEU D 109 -4.69 -19.34 15.70
N ARG D 110 -4.11 -19.43 14.50
CA ARG D 110 -2.90 -18.64 14.17
C ARG D 110 -3.26 -17.17 14.16
N LEU D 111 -4.47 -16.85 13.78
CA LEU D 111 -4.89 -15.43 13.78
C LEU D 111 -4.96 -14.84 15.18
N ALA D 112 -5.46 -15.64 16.10
CA ALA D 112 -5.57 -15.25 17.46
C ALA D 112 -4.18 -15.07 18.00
N HIS D 113 -3.26 -15.95 17.65
CA HIS D 113 -1.87 -15.85 18.10
C HIS D 113 -1.22 -14.60 17.57
N GLU D 114 -1.31 -14.32 16.26
CA GLU D 114 -0.77 -13.08 15.69
C GLU D 114 -1.24 -11.85 16.47
N LEU D 115 -2.48 -11.86 16.95
CA LEU D 115 -3.03 -10.75 17.68
C LEU D 115 -2.58 -10.72 19.13
N GLY D 116 -1.77 -11.71 19.53
CA GLY D 116 -1.25 -11.81 20.89
C GLY D 116 -2.21 -12.40 21.93
N LEU D 117 -3.18 -13.15 21.45
CA LEU D 117 -4.18 -13.79 22.30
C LEU D 117 -3.74 -15.23 22.50
N LEU D 118 -3.84 -15.72 23.73
CA LEU D 118 -3.73 -17.15 24.03
C LEU D 118 -5.09 -17.80 23.80
N VAL D 119 -5.06 -19.12 23.66
CA VAL D 119 -6.26 -19.88 23.39
C VAL D 119 -6.55 -21.00 24.39
N ILE D 120 -7.81 -21.08 24.81
CA ILE D 120 -8.33 -22.16 25.58
C ILE D 120 -9.20 -22.91 24.60
N LEU D 121 -8.83 -24.16 24.31
CA LEU D 121 -9.43 -24.91 23.21
C LEU D 121 -10.43 -25.90 23.75
N ARG D 122 -11.62 -25.94 23.18
CA ARG D 122 -12.59 -26.92 23.67
C ARG D 122 -13.02 -27.85 22.55
N PRO D 123 -12.30 -28.98 22.37
CA PRO D 123 -12.56 -29.91 21.23
C PRO D 123 -13.61 -31.01 21.44
N GLY D 124 -14.29 -31.01 22.58
CA GLY D 124 -15.43 -31.89 22.77
C GLY D 124 -14.94 -33.30 23.07
N PRO D 125 -15.41 -34.29 22.29
CA PRO D 125 -16.17 -34.35 21.07
C PRO D 125 -17.56 -33.85 21.09
N TYR D 126 -18.11 -33.71 22.27
CA TYR D 126 -19.44 -33.16 22.43
C TYR D 126 -19.15 -31.86 23.07
N ILE D 127 -19.76 -30.81 22.56
CA ILE D 127 -19.54 -29.43 22.99
C ILE D 127 -20.82 -28.73 23.53
N CYS D 128 -21.99 -29.32 23.27
CA CYS D 128 -23.34 -28.77 23.71
C CYS D 128 -23.63 -27.54 22.83
N ALA D 129 -23.38 -26.37 23.36
CA ALA D 129 -23.20 -25.16 22.62
C ALA D 129 -24.41 -24.60 21.96
N GLU D 130 -25.63 -24.99 22.34
CA GLU D 130 -26.80 -24.66 21.51
C GLU D 130 -26.56 -24.97 20.01
N TRP D 131 -25.93 -26.10 19.72
CA TRP D 131 -25.49 -26.40 18.34
C TRP D 131 -25.99 -27.84 18.00
N GLU D 132 -26.21 -28.04 16.73
CA GLU D 132 -26.82 -29.28 16.24
C GLU D 132 -26.13 -30.52 16.86
N MET D 133 -26.94 -31.29 17.58
CA MET D 133 -26.55 -32.51 18.34
C MET D 133 -25.31 -32.30 19.22
N GLY D 134 -25.08 -31.10 19.69
CA GLY D 134 -23.94 -30.84 20.57
C GLY D 134 -22.61 -31.03 19.89
N GLY D 135 -22.61 -30.89 18.57
CA GLY D 135 -21.42 -31.06 17.76
C GLY D 135 -21.27 -32.46 17.21
N LEU D 136 -22.06 -33.39 17.75
CA LEU D 136 -21.90 -34.79 17.34
C LEU D 136 -22.44 -34.96 15.93
N PRO D 137 -21.71 -35.65 15.06
CA PRO D 137 -22.25 -35.83 13.69
C PRO D 137 -23.46 -36.79 13.62
N ALA D 138 -24.44 -36.49 12.78
CA ALA D 138 -25.66 -37.30 12.80
C ALA D 138 -25.37 -38.72 12.29
N TRP D 139 -24.34 -38.89 11.52
CA TRP D 139 -24.09 -40.21 10.98
C TRP D 139 -23.67 -41.23 12.04
N LEU D 140 -23.45 -40.78 13.27
CA LEU D 140 -23.23 -41.68 14.37
C LEU D 140 -24.51 -42.51 14.58
N LEU D 141 -25.66 -41.90 14.32
CA LEU D 141 -26.94 -42.53 14.52
C LEU D 141 -27.29 -43.60 13.47
N GLU D 142 -26.39 -43.93 12.54
CA GLU D 142 -26.53 -45.09 11.66
C GLU D 142 -26.54 -46.37 12.50
N LYS D 143 -25.80 -46.40 13.60
CA LYS D 143 -26.01 -47.42 14.61
C LYS D 143 -27.11 -46.91 15.57
N GLU D 144 -28.35 -47.32 15.28
CA GLU D 144 -29.54 -46.96 16.00
C GLU D 144 -29.45 -46.95 17.50
N SER D 145 -28.70 -47.89 18.07
CA SER D 145 -28.73 -48.13 19.51
C SER D 145 -27.55 -47.43 20.19
N ILE D 146 -26.89 -46.54 19.47
CA ILE D 146 -25.59 -46.03 19.93
C ILE D 146 -25.83 -45.28 21.19
N LEU D 147 -24.94 -45.45 22.15
CA LEU D 147 -25.06 -44.68 23.36
C LEU D 147 -24.00 -43.60 23.20
N LEU D 148 -24.48 -42.39 22.92
CA LEU D 148 -23.56 -41.26 22.73
C LEU D 148 -22.93 -40.86 24.04
N ARG D 149 -21.66 -40.44 23.98
CA ARG D 149 -20.92 -39.99 25.18
C ARG D 149 -20.80 -41.08 26.30
N SER D 150 -20.42 -42.28 25.87
CA SER D 150 -20.22 -43.42 26.74
C SER D 150 -19.01 -44.17 26.19
N SER D 151 -18.69 -45.32 26.78
CA SER D 151 -17.65 -46.20 26.20
C SER D 151 -18.26 -47.17 25.18
N ASP D 152 -19.46 -46.90 24.69
CA ASP D 152 -19.99 -47.62 23.52
C ASP D 152 -18.85 -47.72 22.48
N PRO D 153 -18.41 -48.96 22.15
CA PRO D 153 -17.17 -49.07 21.37
C PRO D 153 -17.25 -48.51 19.96
N ASP D 154 -18.45 -48.37 19.43
CA ASP D 154 -18.62 -47.75 18.10
C ASP D 154 -18.47 -46.23 18.18
N TYR D 155 -19.04 -45.67 19.22
CA TYR D 155 -18.86 -44.27 19.51
C TYR D 155 -17.36 -43.98 19.73
N LEU D 156 -16.65 -44.82 20.45
CA LEU D 156 -15.22 -44.55 20.74
C LEU D 156 -14.38 -44.61 19.46
N ALA D 157 -14.65 -45.59 18.62
CA ALA D 157 -13.87 -45.74 17.41
C ALA D 157 -14.09 -44.60 16.42
N ALA D 158 -15.27 -44.02 16.42
CA ALA D 158 -15.49 -42.84 15.64
C ALA D 158 -14.76 -41.64 16.25
N VAL D 159 -14.90 -41.43 17.54
CA VAL D 159 -14.19 -40.37 18.24
C VAL D 159 -12.69 -40.52 18.03
N ASP D 160 -12.19 -41.73 18.18
CA ASP D 160 -10.74 -41.93 18.07
C ASP D 160 -10.28 -41.55 16.66
N LYS D 161 -11.03 -41.88 15.62
CA LYS D 161 -10.58 -41.49 14.30
C LYS D 161 -10.64 -39.96 14.11
N TRP D 162 -11.67 -39.33 14.65
CA TRP D 162 -11.77 -37.86 14.65
C TRP D 162 -10.63 -37.19 15.47
N LEU D 163 -10.27 -37.75 16.61
CA LEU D 163 -9.13 -37.19 17.36
C LEU D 163 -7.82 -37.32 16.57
N GLY D 164 -7.67 -38.45 15.90
CA GLY D 164 -6.48 -38.72 15.12
C GLY D 164 -6.36 -37.85 13.89
N VAL D 165 -7.41 -37.15 13.48
CA VAL D 165 -7.32 -36.17 12.43
C VAL D 165 -7.21 -34.77 13.05
N LEU D 166 -7.91 -34.49 14.17
CA LEU D 166 -7.96 -33.14 14.73
C LEU D 166 -6.76 -32.77 15.62
N LEU D 167 -6.41 -33.63 16.53
CA LEU D 167 -5.37 -33.28 17.48
C LEU D 167 -3.91 -33.17 16.90
N PRO D 168 -3.52 -33.96 15.90
CA PRO D 168 -2.25 -33.62 15.25
C PRO D 168 -2.27 -32.25 14.58
N LYS D 169 -3.41 -31.80 14.12
CA LYS D 169 -3.54 -30.40 13.70
C LYS D 169 -3.39 -29.41 14.87
N MET D 170 -3.75 -29.79 16.09
CA MET D 170 -3.70 -28.86 17.23
C MET D 170 -2.36 -28.90 17.93
N LYS D 171 -1.64 -29.99 17.77
CA LYS D 171 -0.31 -30.14 18.41
C LYS D 171 0.68 -29.00 18.20
N PRO D 172 0.97 -28.60 16.96
CA PRO D 172 1.88 -27.44 16.80
C PRO D 172 1.31 -26.10 17.29
N LEU D 173 0.03 -26.06 17.56
CA LEU D 173 -0.61 -24.83 17.99
C LEU D 173 -0.61 -24.73 19.50
N LEU D 174 -0.12 -25.77 20.16
CA LEU D 174 0.08 -25.68 21.58
C LEU D 174 1.13 -24.62 21.92
N TYR D 175 0.94 -24.03 23.10
CA TYR D 175 1.87 -23.05 23.62
C TYR D 175 3.28 -23.62 23.67
N GLN D 176 3.40 -24.84 24.18
CA GLN D 176 4.71 -25.47 24.34
C GLN D 176 5.42 -25.58 22.97
N ASN D 177 4.70 -25.63 21.86
CA ASN D 177 5.35 -25.63 20.54
C ASN D 177 5.28 -24.40 19.69
N GLY D 178 5.13 -23.22 20.28
CA GLY D 178 5.12 -21.96 19.46
C GLY D 178 3.73 -21.41 19.14
N GLY D 179 2.69 -22.05 19.69
CA GLY D 179 1.33 -21.72 19.33
C GLY D 179 0.60 -20.97 20.42
N PRO D 180 -0.69 -20.70 20.20
CA PRO D 180 -1.43 -20.03 21.25
C PRO D 180 -2.14 -20.94 22.29
N VAL D 181 -2.18 -22.26 22.11
CA VAL D 181 -3.10 -23.05 22.95
C VAL D 181 -2.51 -23.43 24.32
N ILE D 182 -3.13 -22.93 25.40
CA ILE D 182 -2.61 -23.06 26.76
C ILE D 182 -3.31 -24.12 27.61
N THR D 183 -4.61 -24.30 27.43
CA THR D 183 -5.31 -25.37 28.11
C THR D 183 -6.26 -25.93 27.09
N VAL D 184 -6.67 -27.18 27.33
CA VAL D 184 -7.64 -27.91 26.50
C VAL D 184 -8.70 -28.60 27.34
N GLN D 185 -9.96 -28.34 27.02
CA GLN D 185 -11.06 -28.99 27.76
C GLN D 185 -11.38 -30.37 27.16
N VAL D 186 -11.46 -31.39 28.01
CA VAL D 186 -11.96 -32.73 27.64
C VAL D 186 -13.46 -32.88 27.94
N GLU D 187 -14.22 -33.31 26.94
CA GLU D 187 -15.68 -33.31 27.03
C GLU D 187 -16.28 -31.91 27.43
N ASN D 188 -17.53 -31.88 27.86
CA ASN D 188 -18.22 -30.68 28.21
C ASN D 188 -19.40 -31.00 29.18
N GLU D 189 -19.29 -30.58 30.43
CA GLU D 189 -20.29 -30.83 31.46
C GLU D 189 -20.73 -32.30 31.47
N TYR D 190 -19.77 -33.21 31.51
CA TYR D 190 -20.12 -34.62 31.44
C TYR D 190 -20.94 -35.01 32.67
N GLY D 191 -20.71 -34.27 33.75
CA GLY D 191 -21.37 -34.57 35.00
C GLY D 191 -22.83 -34.24 34.96
N SER D 192 -23.28 -33.58 33.91
CA SER D 192 -24.69 -33.33 33.77
C SER D 192 -25.35 -34.47 32.95
N TYR D 193 -24.55 -35.38 32.40
CA TYR D 193 -25.06 -36.41 31.56
C TYR D 193 -25.38 -37.61 32.45
N PHE D 194 -26.50 -38.27 32.13
CA PHE D 194 -26.96 -39.46 32.90
C PHE D 194 -25.99 -40.63 32.84
N ALA D 195 -25.19 -40.79 31.78
CA ALA D 195 -24.43 -42.05 31.59
C ALA D 195 -23.36 -42.34 32.64
N CYS D 196 -22.71 -41.32 33.15
CA CYS D 196 -21.68 -41.44 34.15
C CYS D 196 -20.59 -42.47 33.87
N ASP D 197 -20.18 -42.58 32.64
CA ASP D 197 -19.17 -43.55 32.28
C ASP D 197 -17.69 -43.01 32.36
N PHE D 198 -17.02 -43.30 33.48
CA PHE D 198 -15.65 -42.92 33.77
C PHE D 198 -14.62 -43.45 32.78
N ASP D 199 -14.82 -44.68 32.28
CA ASP D 199 -13.97 -45.29 31.30
C ASP D 199 -13.95 -44.45 30.01
N TYR D 200 -15.06 -43.78 29.69
CA TYR D 200 -15.12 -42.89 28.55
C TYR D 200 -14.15 -41.72 28.74
N LEU D 201 -14.22 -41.06 29.90
CA LEU D 201 -13.34 -39.92 30.19
C LEU D 201 -11.90 -40.32 30.17
N ARG D 202 -11.60 -41.47 30.74
CA ARG D 202 -10.22 -41.98 30.81
C ARG D 202 -9.72 -42.32 29.39
N PHE D 203 -10.61 -42.79 28.55
CA PHE D 203 -10.23 -42.98 27.15
C PHE D 203 -9.85 -41.63 26.48
N LEU D 204 -10.61 -40.58 26.79
CA LEU D 204 -10.40 -39.28 26.15
C LEU D 204 -9.10 -38.75 26.61
N GLN D 205 -8.89 -38.83 27.90
CA GLN D 205 -7.66 -38.40 28.50
C GLN D 205 -6.45 -39.07 27.86
N LYS D 206 -6.55 -40.38 27.66
CA LYS D 206 -5.44 -41.18 27.21
C LYS D 206 -5.13 -40.74 25.77
N ARG D 207 -6.19 -40.64 24.96
CA ARG D 207 -6.02 -40.29 23.55
C ARG D 207 -5.55 -38.85 23.34
N PHE D 208 -5.96 -37.92 24.21
CA PHE D 208 -5.53 -36.53 24.13
C PHE D 208 -4.04 -36.48 24.46
N ARG D 209 -3.61 -37.23 25.47
CA ARG D 209 -2.15 -37.28 25.88
C ARG D 209 -1.27 -37.92 24.80
N HIS D 210 -1.77 -38.99 24.18
CA HIS D 210 -1.12 -39.61 23.03
C HIS D 210 -0.93 -38.61 21.88
N HIS D 211 -1.90 -37.76 21.60
CA HIS D 211 -1.71 -36.87 20.45
C HIS D 211 -1.03 -35.55 20.78
N LEU D 212 -1.28 -35.01 21.98
CA LEU D 212 -0.79 -33.65 22.36
C LEU D 212 0.44 -33.69 23.28
N GLY D 213 0.74 -34.87 23.82
CA GLY D 213 1.89 -35.07 24.71
C GLY D 213 1.51 -34.91 26.17
N ASP D 214 2.50 -34.98 27.03
CA ASP D 214 2.24 -35.08 28.48
C ASP D 214 2.14 -33.77 29.23
N ASP D 215 2.55 -32.68 28.59
CA ASP D 215 2.69 -31.39 29.27
C ASP D 215 1.47 -30.53 29.21
N VAL D 216 0.60 -30.78 28.23
CA VAL D 216 -0.54 -29.90 28.01
C VAL D 216 -1.52 -29.98 29.17
N VAL D 217 -2.02 -28.83 29.56
CA VAL D 217 -2.97 -28.75 30.67
C VAL D 217 -4.33 -29.21 30.18
N LEU D 218 -4.81 -30.33 30.72
CA LEU D 218 -6.10 -30.84 30.35
C LEU D 218 -7.04 -30.48 31.51
N PHE D 219 -8.27 -30.09 31.20
CA PHE D 219 -9.22 -29.76 32.21
C PHE D 219 -10.65 -30.15 31.80
N THR D 220 -11.53 -30.18 32.79
CA THR D 220 -12.95 -30.42 32.58
C THR D 220 -13.76 -29.24 33.10
N THR D 221 -14.95 -29.06 32.53
CA THR D 221 -15.90 -28.06 33.00
C THR D 221 -17.28 -28.67 33.35
N ASP D 222 -17.75 -28.37 34.57
CA ASP D 222 -19.03 -28.76 35.10
C ASP D 222 -19.70 -27.68 35.96
N GLY D 223 -21.00 -27.83 36.17
CA GLY D 223 -21.73 -26.95 37.06
C GLY D 223 -21.20 -26.96 38.48
N ALA D 224 -21.38 -25.83 39.18
CA ALA D 224 -20.70 -25.54 40.42
C ALA D 224 -21.39 -26.12 41.64
N HIS D 225 -21.51 -27.45 41.68
CA HIS D 225 -22.22 -28.15 42.74
C HIS D 225 -21.77 -29.61 42.69
N LYS D 226 -21.67 -30.22 43.86
CA LYS D 226 -21.13 -31.55 43.98
C LYS D 226 -21.89 -32.62 43.12
N THR D 227 -23.20 -32.45 43.00
CA THR D 227 -24.02 -33.36 42.24
C THR D 227 -23.60 -33.34 40.76
N PHE D 228 -23.11 -32.19 40.28
CA PHE D 228 -22.61 -32.08 38.89
C PHE D 228 -21.15 -32.51 38.80
N LEU D 229 -20.35 -32.20 39.79
CA LEU D 229 -18.96 -32.62 39.78
C LEU D 229 -18.73 -34.13 39.97
N LYS D 230 -19.69 -34.80 40.60
CA LYS D 230 -19.57 -36.23 40.90
C LYS D 230 -19.17 -37.05 39.66
N CYS D 231 -19.88 -36.88 38.55
CA CYS D 231 -19.59 -37.70 37.34
C CYS D 231 -18.72 -36.98 36.28
N GLY D 232 -18.36 -35.71 36.56
CA GLY D 232 -17.64 -34.90 35.63
C GLY D 232 -16.15 -34.87 35.90
N ALA D 233 -15.75 -34.95 37.14
CA ALA D 233 -14.33 -34.82 37.47
C ALA D 233 -13.65 -36.14 37.36
N LEU D 234 -12.41 -36.07 36.89
CA LEU D 234 -11.55 -37.18 36.79
C LEU D 234 -10.13 -36.83 37.27
N GLN D 235 -9.55 -37.79 37.97
CA GLN D 235 -8.12 -37.89 38.22
C GLN D 235 -7.30 -37.54 36.96
N GLY D 236 -6.48 -36.50 37.06
CA GLY D 236 -5.51 -36.16 35.99
C GLY D 236 -6.05 -35.14 35.00
N LEU D 237 -7.34 -34.83 35.09
CA LEU D 237 -7.95 -33.67 34.39
C LEU D 237 -8.26 -32.60 35.43
N TYR D 238 -7.75 -31.38 35.26
CA TYR D 238 -8.03 -30.29 36.19
C TYR D 238 -9.53 -29.89 36.21
N THR D 239 -10.15 -29.99 37.38
CA THR D 239 -11.57 -29.73 37.51
C THR D 239 -11.87 -28.22 37.61
N THR D 240 -12.69 -27.70 36.69
CA THR D 240 -13.17 -26.33 36.74
C THR D 240 -14.71 -26.26 36.75
N VAL D 241 -15.22 -25.08 37.05
CA VAL D 241 -16.65 -24.90 37.15
C VAL D 241 -17.21 -23.82 36.23
N ASP D 242 -18.52 -23.82 36.02
CA ASP D 242 -19.17 -22.72 35.36
C ASP D 242 -20.24 -22.21 36.25
N PHE D 243 -20.52 -20.93 36.08
CA PHE D 243 -21.61 -20.25 36.79
C PHE D 243 -21.76 -18.86 36.28
N GLY D 244 -22.99 -18.34 36.43
CA GLY D 244 -23.35 -16.98 36.08
C GLY D 244 -23.62 -16.05 37.23
N THR D 245 -24.31 -14.95 36.94
CA THR D 245 -24.44 -13.85 37.87
C THR D 245 -25.40 -14.14 39.02
N GLY D 246 -26.19 -15.22 38.90
CA GLY D 246 -27.20 -15.57 39.91
C GLY D 246 -26.63 -16.39 41.05
N SER D 247 -25.33 -16.75 40.94
CA SER D 247 -24.71 -17.71 41.86
C SER D 247 -23.90 -17.04 42.94
N ASN D 248 -23.88 -17.65 44.13
CA ASN D 248 -22.95 -17.24 45.18
C ASN D 248 -21.53 -17.62 44.77
N ILE D 249 -20.71 -16.61 44.47
CA ILE D 249 -19.35 -16.83 43.91
C ILE D 249 -18.48 -17.57 44.90
N THR D 250 -18.66 -17.25 46.17
CA THR D 250 -17.94 -17.98 47.21
C THR D 250 -18.29 -19.48 47.19
N ASP D 251 -19.58 -19.83 47.16
CA ASP D 251 -20.01 -21.26 47.13
C ASP D 251 -19.52 -21.93 45.86
N ALA D 252 -19.71 -21.27 44.71
CA ALA D 252 -19.23 -21.79 43.45
C ALA D 252 -17.78 -22.25 43.51
N PHE D 253 -16.89 -21.38 43.94
CA PHE D 253 -15.47 -21.76 44.04
C PHE D 253 -15.14 -22.76 45.19
N LEU D 254 -15.95 -22.73 46.24
CA LEU D 254 -15.79 -23.71 47.29
C LEU D 254 -16.08 -25.08 46.72
N SER D 255 -17.08 -25.22 45.86
CA SER D 255 -17.34 -26.51 45.20
C SER D 255 -16.20 -26.96 44.28
N GLN D 256 -15.55 -26.04 43.59
CA GLN D 256 -14.37 -26.43 42.82
C GLN D 256 -13.24 -26.89 43.75
N ARG D 257 -13.13 -26.23 44.87
CA ARG D 257 -12.00 -26.51 45.76
C ARG D 257 -12.05 -27.87 46.42
N LYS D 258 -13.26 -28.44 46.56
CA LYS D 258 -13.40 -29.77 47.10
C LYS D 258 -12.79 -30.76 46.17
N CYS D 259 -13.00 -30.57 44.88
CA CYS D 259 -12.34 -31.38 43.85
C CYS D 259 -10.86 -31.05 43.63
N GLU D 260 -10.47 -29.79 43.79
CA GLU D 260 -9.09 -29.41 43.56
C GLU D 260 -8.66 -28.49 44.68
N PRO D 261 -8.13 -29.05 45.76
CA PRO D 261 -7.71 -28.21 46.88
C PRO D 261 -6.59 -27.29 46.49
N LYS D 262 -5.83 -27.66 45.46
CA LYS D 262 -4.70 -26.87 44.98
C LYS D 262 -4.72 -26.54 43.47
N GLY D 263 -4.32 -25.32 43.14
CA GLY D 263 -4.30 -24.85 41.78
C GLY D 263 -5.17 -23.62 41.65
N PRO D 264 -5.15 -22.98 40.47
CA PRO D 264 -5.95 -21.81 40.22
C PRO D 264 -7.46 -22.03 40.33
N LEU D 265 -8.16 -20.99 40.76
CA LEU D 265 -9.60 -20.97 40.63
C LEU D 265 -9.96 -20.62 39.16
N ILE D 266 -10.98 -21.28 38.62
CA ILE D 266 -11.34 -21.06 37.26
C ILE D 266 -12.84 -21.23 37.08
N ASN D 267 -13.50 -20.20 36.55
CA ASN D 267 -14.83 -20.24 35.97
C ASN D 267 -14.77 -20.16 34.41
N SER D 268 -15.00 -21.31 33.77
CA SER D 268 -14.71 -21.52 32.37
C SER D 268 -15.87 -21.02 31.55
N GLU D 269 -17.01 -20.75 32.20
CA GLU D 269 -18.15 -20.13 31.53
C GLU D 269 -18.91 -19.20 32.45
N PHE D 270 -18.46 -17.95 32.48
CA PHE D 270 -19.13 -16.92 33.23
C PHE D 270 -20.18 -16.26 32.35
N TYR D 271 -21.46 -16.48 32.64
CA TYR D 271 -22.51 -16.12 31.70
C TYR D 271 -22.75 -14.59 31.61
N THR D 272 -22.47 -14.04 30.42
CA THR D 272 -22.68 -12.63 30.17
C THR D 272 -24.08 -12.42 29.67
N GLY D 273 -24.81 -13.52 29.44
CA GLY D 273 -26.10 -13.53 28.76
C GLY D 273 -26.63 -14.95 28.71
N TRP D 274 -27.62 -15.21 27.90
CA TRP D 274 -28.21 -16.55 27.96
C TRP D 274 -28.88 -16.89 26.64
N LEU D 275 -29.15 -18.16 26.44
CA LEU D 275 -29.73 -18.65 25.19
C LEU D 275 -31.21 -18.33 25.07
N ASP D 276 -31.68 -18.38 23.82
CA ASP D 276 -33.09 -18.21 23.45
C ASP D 276 -33.71 -19.50 22.89
N HIS D 277 -35.05 -19.51 22.83
CA HIS D 277 -35.80 -20.51 22.05
C HIS D 277 -36.88 -19.85 21.28
N TRP D 278 -37.14 -20.37 20.10
CA TRP D 278 -38.26 -19.87 19.33
C TRP D 278 -39.52 -19.89 20.23
N GLY D 279 -40.20 -18.76 20.28
CA GLY D 279 -41.48 -18.71 20.93
C GLY D 279 -41.43 -18.23 22.35
N GLN D 280 -40.24 -17.95 22.86
CA GLN D 280 -40.08 -17.46 24.22
C GLN D 280 -39.41 -16.12 24.22
N PRO D 281 -39.59 -15.33 25.29
CA PRO D 281 -38.95 -14.00 25.32
C PRO D 281 -37.41 -14.07 25.24
N HIS D 282 -36.84 -13.04 24.63
CA HIS D 282 -35.41 -12.98 24.33
C HIS D 282 -34.68 -12.86 25.64
N SER D 283 -33.68 -13.68 25.90
CA SER D 283 -32.94 -13.60 27.21
C SER D 283 -32.01 -12.41 27.24
N THR D 284 -31.93 -11.77 28.41
CA THR D 284 -31.02 -10.66 28.66
C THR D 284 -30.57 -10.73 30.09
N ILE D 285 -29.38 -10.21 30.29
CA ILE D 285 -28.77 -10.17 31.60
C ILE D 285 -28.21 -8.75 31.69
N LYS D 286 -28.48 -8.08 32.79
CA LYS D 286 -28.13 -6.66 32.92
C LYS D 286 -26.63 -6.46 33.09
N THR D 287 -26.11 -5.49 32.36
CA THR D 287 -24.69 -5.09 32.42
C THR D 287 -24.10 -4.98 33.85
N GLU D 288 -24.84 -4.31 34.72
CA GLU D 288 -24.41 -4.08 36.11
C GLU D 288 -24.13 -5.38 36.85
N ALA D 289 -24.99 -6.38 36.68
CA ALA D 289 -24.83 -7.68 37.35
C ALA D 289 -23.56 -8.39 36.85
N VAL D 290 -23.36 -8.36 35.53
CA VAL D 290 -22.15 -8.96 34.92
C VAL D 290 -20.88 -8.27 35.40
N ALA D 291 -20.87 -6.93 35.36
CA ALA D 291 -19.74 -6.10 35.90
C ALA D 291 -19.38 -6.47 37.31
N SER D 292 -20.38 -6.49 38.17
CA SER D 292 -20.20 -6.92 39.58
C SER D 292 -19.62 -8.28 39.75
N SER D 293 -20.24 -9.28 39.12
CA SER D 293 -19.67 -10.63 39.35
C SER D 293 -18.24 -10.68 38.74
N LEU D 294 -18.03 -10.06 37.59
CA LEU D 294 -16.70 -10.11 36.99
C LEU D 294 -15.55 -9.57 37.85
N TYR D 295 -15.74 -8.34 38.32
CA TYR D 295 -14.82 -7.67 39.22
C TYR D 295 -14.62 -8.62 40.37
N ASP D 296 -15.72 -9.09 40.95
CA ASP D 296 -15.60 -10.02 42.06
C ASP D 296 -14.74 -11.29 41.75
N ILE D 297 -14.95 -11.90 40.59
CA ILE D 297 -14.22 -13.12 40.24
C ILE D 297 -12.76 -12.75 40.04
N LEU D 298 -12.55 -11.58 39.45
CA LEU D 298 -11.20 -11.18 39.10
C LEU D 298 -10.36 -10.79 40.31
N ALA D 299 -11.01 -10.20 41.32
CA ALA D 299 -10.29 -9.80 42.54
C ALA D 299 -9.83 -11.01 43.37
N ARG D 300 -10.54 -12.12 43.20
CA ARG D 300 -10.11 -13.38 43.84
C ARG D 300 -8.85 -13.97 43.19
N GLY D 301 -8.38 -13.42 42.06
CA GLY D 301 -7.24 -14.01 41.34
C GLY D 301 -7.60 -15.25 40.52
N ALA D 302 -8.90 -15.47 40.28
CA ALA D 302 -9.42 -16.53 39.44
C ALA D 302 -9.19 -16.20 37.96
N SER D 303 -8.91 -17.22 37.18
CA SER D 303 -8.98 -17.08 35.74
C SER D 303 -10.44 -17.21 35.35
N VAL D 304 -10.89 -16.45 34.37
CA VAL D 304 -12.26 -16.53 34.00
C VAL D 304 -12.43 -16.42 32.49
N ASN D 305 -13.45 -17.11 31.98
CA ASN D 305 -13.94 -16.96 30.62
C ASN D 305 -15.38 -16.49 30.51
N LEU D 306 -15.61 -15.41 29.77
CA LEU D 306 -16.94 -14.86 29.60
C LEU D 306 -17.66 -15.60 28.48
N TYR D 307 -18.79 -16.25 28.79
CA TYR D 307 -19.58 -16.99 27.81
C TYR D 307 -20.92 -16.29 27.55
N MET D 308 -21.21 -15.73 26.37
CA MET D 308 -20.28 -15.48 25.26
C MET D 308 -19.65 -14.09 25.30
N PHE D 309 -18.61 -13.89 24.49
CA PHE D 309 -18.12 -12.52 24.34
C PHE D 309 -18.71 -11.91 23.09
N ILE D 310 -18.63 -12.65 21.99
CA ILE D 310 -19.47 -12.45 20.83
C ILE D 310 -20.08 -13.82 20.55
N GLY D 311 -21.38 -13.85 20.27
CA GLY D 311 -22.06 -15.08 19.99
C GLY D 311 -22.25 -15.35 18.50
N GLY D 312 -22.60 -14.30 17.74
CA GLY D 312 -22.69 -14.46 16.27
C GLY D 312 -23.99 -15.17 15.89
N THR D 313 -23.88 -16.12 14.97
CA THR D 313 -25.03 -16.65 14.21
C THR D 313 -24.96 -18.16 14.01
N ASN D 314 -26.12 -18.80 14.07
CA ASN D 314 -26.31 -20.21 13.67
C ASN D 314 -26.81 -20.14 12.25
N PHE D 315 -25.90 -20.09 11.31
CA PHE D 315 -26.35 -20.10 9.90
C PHE D 315 -26.94 -21.45 9.48
N ALA D 316 -27.46 -21.51 8.27
CA ALA D 316 -27.80 -22.81 7.69
C ALA D 316 -28.72 -23.57 8.67
N TYR D 317 -28.38 -24.80 9.07
CA TYR D 317 -29.17 -25.66 9.97
C TYR D 317 -28.41 -26.00 11.25
N TRP D 318 -27.42 -25.17 11.64
CA TRP D 318 -26.55 -25.47 12.80
C TRP D 318 -27.16 -25.21 14.17
N ASN D 319 -28.32 -24.56 14.29
CA ASN D 319 -28.90 -24.43 15.64
C ASN D 319 -29.20 -25.81 16.32
N GLY D 320 -29.30 -25.80 17.62
CA GLY D 320 -29.71 -26.96 18.39
C GLY D 320 -31.11 -26.73 18.99
N ALA D 321 -31.40 -27.42 20.10
CA ALA D 321 -32.73 -27.51 20.71
C ALA D 321 -32.55 -28.11 22.08
N ASN D 322 -33.50 -27.86 22.96
CA ASN D 322 -33.50 -28.49 24.27
C ASN D 322 -34.75 -29.38 24.39
N SER D 323 -34.74 -30.23 25.41
CA SER D 323 -35.85 -31.13 25.71
C SER D 323 -36.58 -30.60 26.94
N PRO D 324 -37.92 -30.68 26.96
CA PRO D 324 -38.80 -31.14 25.89
C PRO D 324 -38.71 -30.25 24.65
N TYR D 325 -38.90 -30.81 23.47
CA TYR D 325 -38.48 -30.15 22.22
C TYR D 325 -38.85 -28.65 22.04
N ALA D 326 -37.79 -27.82 22.05
CA ALA D 326 -37.84 -26.41 21.68
C ALA D 326 -36.53 -26.02 21.01
N ALA D 327 -36.59 -25.56 19.77
CA ALA D 327 -35.38 -25.18 19.03
C ALA D 327 -34.80 -23.80 19.41
N GLN D 328 -33.50 -23.67 19.31
CA GLN D 328 -32.93 -22.33 19.45
C GLN D 328 -33.02 -21.67 18.10
N PRO D 329 -33.16 -20.35 18.08
CA PRO D 329 -33.26 -19.61 16.80
C PRO D 329 -31.92 -19.44 16.05
N THR D 330 -31.99 -18.82 14.88
CA THR D 330 -30.87 -18.54 14.01
C THR D 330 -29.83 -17.61 14.69
N SER D 331 -30.32 -16.52 15.26
CA SER D 331 -29.46 -15.59 16.00
C SER D 331 -28.83 -16.23 17.24
N TYR D 332 -27.53 -16.03 17.46
CA TYR D 332 -26.87 -16.44 18.67
C TYR D 332 -26.29 -15.21 19.35
N ASP D 333 -27.04 -14.12 19.27
CA ASP D 333 -26.61 -12.85 19.86
C ASP D 333 -26.19 -13.06 21.34
N TYR D 334 -27.00 -13.84 22.08
CA TYR D 334 -26.76 -14.18 23.48
C TYR D 334 -26.82 -12.99 24.47
N ASP D 335 -27.24 -11.82 24.02
CA ASP D 335 -27.04 -10.60 24.79
C ASP D 335 -25.54 -10.43 25.15
N ALA D 336 -24.66 -10.84 24.23
CA ALA D 336 -23.23 -10.72 24.45
C ALA D 336 -22.73 -9.26 24.45
N PRO D 337 -21.53 -9.01 24.97
CA PRO D 337 -20.83 -7.75 24.83
C PRO D 337 -20.66 -7.25 23.40
N LEU D 338 -20.32 -8.17 22.48
CA LEU D 338 -20.40 -7.88 21.06
C LEU D 338 -21.70 -8.42 20.58
N SER D 339 -22.47 -7.59 19.90
CA SER D 339 -23.76 -8.05 19.34
C SER D 339 -23.55 -9.07 18.18
N GLU D 340 -24.64 -9.67 17.73
CA GLU D 340 -24.59 -10.63 16.62
C GLU D 340 -23.66 -10.18 15.49
N ALA D 341 -23.79 -8.94 15.10
CA ALA D 341 -23.06 -8.37 14.00
C ALA D 341 -21.73 -7.69 14.45
N GLY D 342 -21.29 -7.93 15.69
CA GLY D 342 -20.03 -7.42 16.15
C GLY D 342 -19.97 -6.04 16.75
N ASP D 343 -21.14 -5.47 17.06
CA ASP D 343 -21.23 -4.11 17.56
C ASP D 343 -20.72 -3.98 18.96
N LEU D 344 -20.11 -2.82 19.21
CA LEU D 344 -19.61 -2.45 20.53
C LEU D 344 -20.80 -1.99 21.37
N THR D 345 -21.18 -2.69 22.43
CA THR D 345 -22.41 -2.36 23.14
C THR D 345 -22.05 -1.65 24.43
N GLU D 346 -23.07 -1.29 25.20
CA GLU D 346 -22.80 -0.65 26.47
C GLU D 346 -22.12 -1.65 27.38
N LYS D 347 -22.65 -2.88 27.39
CA LYS D 347 -22.00 -3.99 28.08
C LYS D 347 -20.51 -4.15 27.73
N TYR D 348 -20.14 -4.09 26.43
CA TYR D 348 -18.67 -4.15 26.08
C TYR D 348 -17.84 -3.12 26.85
N PHE D 349 -18.32 -1.87 26.89
CA PHE D 349 -17.50 -0.79 27.47
C PHE D 349 -17.41 -0.95 28.96
N ALA D 350 -18.48 -1.46 29.55
CA ALA D 350 -18.56 -1.69 30.96
C ALA D 350 -17.63 -2.76 31.43
N LEU D 351 -17.53 -3.88 30.70
CA LEU D 351 -16.58 -4.98 31.13
C LEU D 351 -15.14 -4.58 30.90
N ARG D 352 -14.91 -3.89 29.79
CA ARG D 352 -13.60 -3.32 29.52
C ARG D 352 -13.16 -2.39 30.69
N ASN D 353 -14.04 -1.49 31.15
CA ASN D 353 -13.72 -0.64 32.33
C ASN D 353 -13.44 -1.49 33.58
N ILE D 354 -14.14 -2.62 33.73
CA ILE D 354 -13.81 -3.59 34.85
C ILE D 354 -12.39 -4.20 34.68
N ILE D 355 -12.07 -4.69 33.48
CA ILE D 355 -10.78 -5.32 33.23
C ILE D 355 -9.62 -4.35 33.41
N GLN D 356 -9.78 -3.12 32.93
CA GLN D 356 -8.84 -2.01 33.22
C GLN D 356 -8.39 -1.84 34.68
N LYS D 357 -9.19 -2.27 35.64
CA LYS D 357 -8.85 -2.05 37.04
C LYS D 357 -7.75 -3.00 37.49
N PHE D 358 -7.60 -4.11 36.76
CA PHE D 358 -6.64 -5.16 37.05
C PHE D 358 -5.50 -5.32 36.06
N GLU D 359 -5.71 -4.96 34.80
CA GLU D 359 -4.69 -5.14 33.78
C GLU D 359 -4.88 -3.96 32.88
N LYS D 360 -3.83 -3.17 32.76
CA LYS D 360 -3.74 -2.21 31.64
C LYS D 360 -4.11 -2.80 30.26
N VAL D 361 -4.98 -2.05 29.61
CA VAL D 361 -5.70 -2.44 28.44
C VAL D 361 -4.99 -1.81 27.25
N PRO D 362 -5.01 -2.44 26.07
CA PRO D 362 -4.24 -1.81 24.98
C PRO D 362 -4.74 -0.41 24.52
N GLU D 363 -3.82 0.35 24.00
CA GLU D 363 -4.06 1.71 23.62
C GLU D 363 -4.43 1.74 22.15
N GLY D 364 -4.95 2.88 21.75
CA GLY D 364 -5.46 3.03 20.41
C GLY D 364 -6.97 3.06 20.42
N PRO D 365 -7.53 3.52 19.28
CA PRO D 365 -8.94 3.41 19.02
C PRO D 365 -9.36 1.96 18.66
N ILE D 366 -10.54 1.64 19.12
CA ILE D 366 -11.15 0.37 18.94
C ILE D 366 -11.82 0.36 17.59
N PRO D 367 -11.66 -0.73 16.87
CA PRO D 367 -12.35 -0.87 15.61
C PRO D 367 -13.82 -0.71 15.76
N PRO D 368 -14.50 -0.06 14.81
CA PRO D 368 -15.87 0.30 15.11
C PRO D 368 -16.89 -0.81 14.80
N SER D 369 -18.11 -0.59 15.30
CA SER D 369 -19.27 -1.30 14.84
C SER D 369 -19.40 -1.05 13.32
N THR D 370 -19.73 -2.10 12.55
CA THR D 370 -19.83 -1.98 11.14
C THR D 370 -21.02 -1.12 10.80
N PRO D 371 -20.91 -0.34 9.70
CA PRO D 371 -22.05 0.37 9.18
C PRO D 371 -23.06 -0.60 8.65
N LYS D 372 -24.32 -0.25 8.85
CA LYS D 372 -25.46 -1.03 8.37
C LYS D 372 -26.30 -0.24 7.34
N PHE D 373 -26.73 -0.90 6.28
CA PHE D 373 -27.48 -0.20 5.24
C PHE D 373 -28.90 -0.81 5.04
N ALA D 374 -29.93 0.02 4.94
CA ALA D 374 -31.29 -0.48 4.65
C ALA D 374 -31.42 -0.51 3.15
N TYR D 375 -31.16 -1.67 2.53
CA TYR D 375 -31.38 -1.88 1.12
C TYR D 375 -32.86 -1.67 0.68
N GLY D 376 -33.80 -1.75 1.62
CA GLY D 376 -35.21 -1.49 1.32
C GLY D 376 -35.98 -2.76 0.95
N LYS D 377 -37.11 -2.55 0.28
CA LYS D 377 -38.05 -3.58 -0.08
C LYS D 377 -37.56 -4.20 -1.38
N VAL D 378 -37.46 -5.54 -1.42
CA VAL D 378 -37.18 -6.30 -2.62
C VAL D 378 -38.29 -7.30 -2.89
N THR D 379 -38.88 -7.23 -4.09
CA THR D 379 -40.02 -8.05 -4.50
C THR D 379 -39.51 -9.43 -4.94
N LEU D 380 -40.28 -10.46 -4.61
CA LEU D 380 -39.95 -11.83 -4.97
C LEU D 380 -41.11 -12.35 -5.74
N GLU D 381 -40.87 -13.35 -6.60
CA GLU D 381 -41.96 -14.11 -7.19
C GLU D 381 -41.76 -15.61 -7.06
N LYS D 382 -42.88 -16.32 -7.10
CA LYS D 382 -42.88 -17.78 -6.99
C LYS D 382 -42.05 -18.41 -8.09
N LEU D 383 -41.28 -19.41 -7.73
CA LEU D 383 -40.46 -20.11 -8.67
C LEU D 383 -41.10 -21.47 -8.85
N LYS D 384 -41.16 -22.28 -7.81
CA LYS D 384 -41.75 -23.60 -7.86
C LYS D 384 -42.09 -23.98 -6.45
N THR D 385 -43.25 -24.62 -6.29
CA THR D 385 -43.55 -25.38 -5.09
C THR D 385 -42.48 -26.47 -4.92
N VAL D 386 -42.38 -26.99 -3.71
CA VAL D 386 -41.53 -28.15 -3.50
C VAL D 386 -42.02 -29.34 -4.32
N GLY D 387 -43.34 -29.58 -4.33
CA GLY D 387 -43.98 -30.65 -5.11
C GLY D 387 -43.47 -30.71 -6.53
N ALA D 388 -43.44 -29.56 -7.17
CA ALA D 388 -43.06 -29.46 -8.59
C ALA D 388 -41.58 -29.41 -8.78
N ALA D 389 -40.79 -29.33 -7.71
CA ALA D 389 -39.31 -29.28 -7.90
C ALA D 389 -38.58 -30.59 -7.62
N LEU D 390 -39.29 -31.70 -7.50
CA LEU D 390 -38.68 -32.96 -7.05
C LEU D 390 -37.68 -33.56 -8.00
N ASP D 391 -37.75 -33.22 -9.28
CA ASP D 391 -36.71 -33.61 -10.26
C ASP D 391 -35.34 -33.09 -9.88
N ILE D 392 -35.32 -31.84 -9.43
CA ILE D 392 -34.06 -31.13 -9.16
C ILE D 392 -33.62 -31.29 -7.67
N LEU D 393 -34.60 -31.52 -6.78
CA LEU D 393 -34.33 -31.71 -5.38
C LEU D 393 -33.89 -33.11 -5.04
N CYS D 394 -34.40 -34.10 -5.78
CA CYS D 394 -34.06 -35.49 -5.55
C CYS D 394 -33.67 -36.17 -6.87
N PRO D 395 -32.48 -35.84 -7.41
CA PRO D 395 -32.22 -36.42 -8.74
C PRO D 395 -31.88 -37.91 -8.75
N SER D 396 -31.89 -38.59 -7.59
CA SER D 396 -31.63 -40.03 -7.52
C SER D 396 -32.90 -40.83 -7.49
N GLY D 397 -34.04 -40.16 -7.55
CA GLY D 397 -35.33 -40.81 -7.37
C GLY D 397 -35.51 -41.11 -5.90
N PRO D 398 -36.76 -41.37 -5.49
CA PRO D 398 -37.08 -41.61 -4.11
C PRO D 398 -36.75 -43.01 -3.69
N ILE D 399 -36.82 -43.25 -2.39
CA ILE D 399 -36.75 -44.57 -1.84
C ILE D 399 -38.18 -45.01 -1.54
N LYS D 400 -38.47 -46.27 -1.84
CA LYS D 400 -39.74 -46.91 -1.47
C LYS D 400 -39.58 -47.61 -0.12
N SER D 401 -40.60 -47.59 0.74
CA SER D 401 -40.53 -48.35 1.96
C SER D 401 -41.94 -48.65 2.48
N LEU D 402 -42.11 -49.81 3.11
CA LEU D 402 -43.42 -50.27 3.56
C LEU D 402 -43.88 -49.31 4.65
N TYR D 403 -43.00 -49.10 5.63
CA TYR D 403 -43.23 -48.10 6.66
C TYR D 403 -42.30 -46.89 6.51
N PRO D 404 -42.55 -45.85 7.30
CA PRO D 404 -41.67 -44.69 7.16
C PRO D 404 -40.25 -44.87 7.73
N LEU D 405 -39.30 -44.27 7.00
CA LEU D 405 -37.88 -44.23 7.34
C LEU D 405 -37.41 -42.87 7.91
N THR D 406 -36.37 -42.89 8.75
CA THR D 406 -35.81 -41.67 9.38
C THR D 406 -34.87 -40.87 8.43
N PHE D 407 -34.59 -39.60 8.76
CA PHE D 407 -33.59 -38.83 8.02
C PHE D 407 -32.31 -39.63 7.91
N ILE D 408 -31.86 -40.21 9.02
CA ILE D 408 -30.58 -40.95 9.02
C ILE D 408 -30.59 -42.18 8.08
N GLN D 409 -31.66 -42.98 8.17
CA GLN D 409 -31.78 -44.18 7.31
C GLN D 409 -31.73 -43.80 5.87
N VAL D 410 -32.25 -42.61 5.57
CA VAL D 410 -32.37 -42.13 4.21
C VAL D 410 -31.17 -41.24 3.77
N LYS D 411 -30.11 -41.19 4.58
CA LYS D 411 -28.84 -40.53 4.23
C LYS D 411 -28.87 -39.00 4.14
N GLN D 412 -29.86 -38.35 4.77
CA GLN D 412 -29.86 -36.91 4.90
C GLN D 412 -29.86 -36.44 6.34
N HIS D 413 -29.02 -35.48 6.65
CA HIS D 413 -28.82 -35.06 8.07
C HIS D 413 -29.62 -33.84 8.49
N TYR D 414 -29.73 -32.87 7.58
CA TYR D 414 -30.23 -31.52 7.86
C TYR D 414 -31.29 -31.12 6.82
N GLY D 415 -32.09 -30.10 7.13
CA GLY D 415 -33.11 -29.62 6.19
C GLY D 415 -34.43 -30.42 6.11
N PHE D 416 -34.84 -30.82 4.89
CA PHE D 416 -36.21 -31.28 4.64
C PHE D 416 -36.24 -32.62 3.88
N VAL D 417 -37.24 -33.45 4.20
CA VAL D 417 -37.48 -34.67 3.45
C VAL D 417 -38.99 -34.79 3.20
N LEU D 418 -39.32 -35.09 1.96
CA LEU D 418 -40.73 -35.28 1.57
C LEU D 418 -41.11 -36.75 1.70
N TYR D 419 -42.08 -37.01 2.57
CA TYR D 419 -42.71 -38.35 2.65
C TYR D 419 -44.08 -38.38 1.98
N ARG D 420 -44.23 -39.29 1.02
CA ARG D 420 -45.41 -39.37 0.17
C ARG D 420 -46.07 -40.75 0.21
N THR D 421 -47.39 -40.75 0.46
CA THR D 421 -48.22 -41.91 0.24
C THR D 421 -49.52 -41.55 -0.52
N THR D 422 -50.42 -42.52 -0.53
CA THR D 422 -51.61 -42.56 -1.39
C THR D 422 -52.78 -42.91 -0.45
N LEU D 423 -53.77 -42.04 -0.35
CA LEU D 423 -54.90 -42.31 0.55
C LEU D 423 -55.55 -43.70 0.23
N PRO D 424 -55.65 -44.60 1.23
CA PRO D 424 -56.24 -45.94 1.02
C PRO D 424 -57.78 -46.01 1.15
N GLN D 425 -58.41 -45.02 1.80
CA GLN D 425 -59.86 -44.87 1.80
C GLN D 425 -60.26 -43.42 1.46
N ASP D 426 -61.55 -43.22 1.15
CA ASP D 426 -62.09 -41.88 0.89
C ASP D 426 -62.19 -41.04 2.17
N CYS D 427 -61.93 -39.73 2.04
CA CYS D 427 -62.05 -38.77 3.16
C CYS D 427 -62.82 -37.53 2.73
N SER D 428 -63.98 -37.72 2.12
CA SER D 428 -64.82 -36.57 1.76
C SER D 428 -65.26 -35.83 3.02
N ASN D 429 -65.54 -36.59 4.07
CA ASN D 429 -65.70 -36.01 5.39
C ASN D 429 -64.33 -36.08 6.09
N PRO D 430 -64.01 -35.10 6.93
CA PRO D 430 -62.69 -35.11 7.56
C PRO D 430 -62.33 -36.48 8.12
N ALA D 431 -61.04 -36.72 8.33
CA ALA D 431 -60.48 -37.99 8.87
C ALA D 431 -59.18 -37.70 9.63
N PRO D 432 -58.93 -38.39 10.76
CA PRO D 432 -57.73 -38.06 11.54
C PRO D 432 -56.51 -38.68 10.94
N LEU D 433 -55.62 -37.81 10.45
CA LEU D 433 -54.18 -38.15 10.24
C LEU D 433 -53.38 -37.95 11.55
N SER D 434 -52.82 -39.03 12.10
CA SER D 434 -52.18 -38.89 13.40
C SER D 434 -50.84 -39.59 13.53
N SER D 435 -49.99 -39.04 14.41
CA SER D 435 -48.77 -39.71 14.84
C SER D 435 -48.97 -40.09 16.29
N PRO D 436 -49.45 -41.33 16.54
CA PRO D 436 -49.90 -41.69 17.91
C PRO D 436 -48.77 -41.68 18.93
N LEU D 437 -47.58 -42.11 18.52
CA LEU D 437 -46.41 -42.05 19.39
C LEU D 437 -45.61 -40.71 19.36
N ASN D 438 -46.13 -39.69 18.67
CA ASN D 438 -45.53 -38.35 18.69
C ASN D 438 -44.23 -38.37 17.91
N GLY D 439 -44.33 -39.01 16.76
CA GLY D 439 -43.22 -39.38 15.93
C GLY D 439 -42.98 -38.48 14.75
N VAL D 440 -43.49 -37.26 14.80
CA VAL D 440 -43.18 -36.30 13.73
C VAL D 440 -42.04 -35.47 14.28
N HIS D 441 -40.83 -35.66 13.74
CA HIS D 441 -39.65 -35.02 14.30
C HIS D 441 -39.03 -34.10 13.21
N ASP D 442 -39.38 -32.79 13.16
CA ASP D 442 -40.04 -32.05 14.24
C ASP D 442 -41.32 -31.34 13.80
N ARG D 443 -41.57 -31.27 12.52
CA ARG D 443 -42.71 -30.53 12.04
C ARG D 443 -42.99 -30.94 10.59
N ALA D 444 -44.27 -31.10 10.28
CA ALA D 444 -44.66 -31.59 8.98
C ALA D 444 -45.68 -30.70 8.36
N TYR D 445 -45.44 -30.43 7.09
CA TYR D 445 -46.28 -29.56 6.29
C TYR D 445 -47.03 -30.51 5.36
N VAL D 446 -48.32 -30.64 5.62
CA VAL D 446 -49.14 -31.67 5.00
C VAL D 446 -49.96 -31.10 3.87
N ALA D 447 -49.96 -31.79 2.75
CA ALA D 447 -50.84 -31.47 1.65
C ALA D 447 -51.50 -32.75 1.07
N VAL D 448 -52.75 -32.67 0.65
CA VAL D 448 -53.40 -33.80 -0.05
C VAL D 448 -53.75 -33.34 -1.43
N ASP D 449 -53.21 -33.98 -2.47
CA ASP D 449 -53.44 -33.56 -3.88
C ASP D 449 -53.14 -32.08 -4.16
N GLY D 450 -51.99 -31.60 -3.70
CA GLY D 450 -51.62 -30.17 -3.83
C GLY D 450 -52.47 -29.20 -3.00
N ILE D 451 -53.16 -29.68 -1.96
CA ILE D 451 -54.03 -28.81 -1.17
C ILE D 451 -53.53 -28.80 0.27
N PRO D 452 -52.96 -27.66 0.71
CA PRO D 452 -52.42 -27.62 2.07
C PRO D 452 -53.49 -27.85 3.14
N GLN D 453 -53.19 -28.73 4.10
CA GLN D 453 -54.10 -29.23 5.14
C GLN D 453 -53.77 -28.65 6.47
N GLY D 454 -52.50 -28.35 6.69
CA GLY D 454 -52.03 -27.77 7.94
C GLY D 454 -50.70 -28.37 8.36
N VAL D 455 -50.48 -28.47 9.66
CA VAL D 455 -49.19 -28.75 10.22
C VAL D 455 -49.26 -29.72 11.41
N LEU D 456 -48.46 -30.77 11.39
CA LEU D 456 -48.22 -31.61 12.59
C LEU D 456 -46.93 -31.11 13.30
N GLU D 457 -46.93 -31.07 14.65
CA GLU D 457 -45.80 -30.49 15.46
C GLU D 457 -45.36 -31.35 16.63
N ARG D 458 -44.10 -31.71 16.68
CA ARG D 458 -43.55 -32.48 17.82
C ARG D 458 -44.02 -31.90 19.14
N ASN D 459 -44.52 -32.78 20.01
CA ASN D 459 -45.04 -32.43 21.33
C ASN D 459 -46.29 -31.55 21.42
N ASN D 460 -46.89 -31.11 20.30
CA ASN D 460 -47.99 -30.10 20.34
C ASN D 460 -49.26 -30.44 19.57
N VAL D 461 -49.09 -31.05 18.39
CA VAL D 461 -50.17 -31.35 17.49
C VAL D 461 -49.75 -32.65 16.81
N ILE D 462 -50.34 -33.74 17.28
CA ILE D 462 -50.08 -35.08 16.76
C ILE D 462 -51.22 -35.57 15.91
N THR D 463 -52.23 -34.72 15.74
CA THR D 463 -53.42 -35.06 14.98
C THR D 463 -53.90 -33.88 14.13
N LEU D 464 -54.23 -34.16 12.89
CA LEU D 464 -54.73 -33.16 12.00
C LEU D 464 -55.80 -33.77 11.08
N ASN D 465 -56.89 -33.04 10.88
CA ASN D 465 -57.97 -33.53 10.02
C ASN D 465 -57.67 -33.27 8.55
N ILE D 466 -57.89 -34.28 7.70
CA ILE D 466 -57.58 -34.11 6.28
C ILE D 466 -58.74 -34.55 5.38
N THR D 467 -58.69 -34.14 4.11
CA THR D 467 -59.74 -34.49 3.15
C THR D 467 -59.14 -34.73 1.77
N GLY D 468 -59.88 -35.52 0.99
CA GLY D 468 -59.44 -35.93 -0.33
C GLY D 468 -60.02 -37.28 -0.74
N LYS D 469 -59.87 -37.62 -2.01
CA LYS D 469 -60.43 -38.84 -2.56
C LYS D 469 -59.47 -40.00 -2.35
N ALA D 470 -60.01 -41.23 -2.39
CA ALA D 470 -59.17 -42.44 -2.37
C ALA D 470 -58.18 -42.35 -3.54
N GLY D 471 -56.98 -42.89 -3.37
CA GLY D 471 -55.90 -42.72 -4.36
C GLY D 471 -55.18 -41.35 -4.42
N ALA D 472 -55.70 -40.34 -3.70
CA ALA D 472 -55.06 -39.03 -3.64
C ALA D 472 -53.70 -39.10 -2.98
N THR D 473 -52.73 -38.38 -3.56
CA THR D 473 -51.39 -38.22 -3.02
C THR D 473 -51.37 -37.47 -1.67
N LEU D 474 -50.87 -38.12 -0.60
CA LEU D 474 -50.70 -37.47 0.70
C LEU D 474 -49.22 -37.23 0.87
N ASP D 475 -48.88 -35.96 1.13
CA ASP D 475 -47.48 -35.47 1.20
C ASP D 475 -47.27 -34.83 2.55
N LEU D 476 -46.21 -35.29 3.24
CA LEU D 476 -45.67 -34.63 4.42
C LEU D 476 -44.23 -34.14 4.13
N LEU D 477 -44.06 -32.81 4.13
CA LEU D 477 -42.74 -32.19 4.08
C LEU D 477 -42.28 -32.05 5.51
N VAL D 478 -41.27 -32.82 5.86
CA VAL D 478 -40.80 -32.89 7.22
C VAL D 478 -39.46 -32.14 7.39
N GLU D 479 -39.44 -31.30 8.41
CA GLU D 479 -38.33 -30.42 8.77
C GLU D 479 -37.63 -30.89 10.09
N ASN D 480 -36.34 -31.23 9.98
CA ASN D 480 -35.44 -31.28 11.14
C ASN D 480 -35.21 -29.83 11.59
N MET D 481 -35.78 -29.47 12.73
CA MET D 481 -35.65 -28.12 13.30
C MET D 481 -34.42 -28.00 14.19
N GLY D 482 -33.63 -29.06 14.29
CA GLY D 482 -32.39 -28.99 15.04
C GLY D 482 -32.36 -30.06 16.11
N ARG D 483 -31.30 -30.86 16.07
CA ARG D 483 -31.10 -31.92 17.03
C ARG D 483 -30.71 -31.40 18.42
N VAL D 484 -31.34 -32.03 19.42
CA VAL D 484 -31.26 -31.67 20.78
C VAL D 484 -29.79 -31.71 21.17
N ASN D 485 -29.30 -30.66 21.78
CA ASN D 485 -27.84 -30.59 22.06
C ASN D 485 -27.47 -30.88 23.55
N TYR D 486 -28.48 -31.19 24.36
CA TYR D 486 -28.30 -31.30 25.81
C TYR D 486 -29.36 -32.19 26.41
N GLY D 487 -28.93 -33.03 27.33
CA GLY D 487 -29.80 -33.96 27.96
C GLY D 487 -29.62 -35.36 27.39
N ALA D 488 -30.53 -36.21 27.84
CA ALA D 488 -30.56 -37.60 27.50
C ALA D 488 -30.85 -37.81 26.02
N TYR D 489 -31.64 -36.94 25.39
CA TYR D 489 -32.23 -37.26 24.07
C TYR D 489 -31.48 -36.62 22.88
N ILE D 490 -30.15 -36.59 23.01
CA ILE D 490 -29.24 -36.15 21.93
C ILE D 490 -29.19 -37.12 20.72
N ASN D 491 -29.50 -38.41 20.94
CA ASN D 491 -29.84 -39.38 19.88
C ASN D 491 -31.21 -39.11 19.14
N ASP D 492 -31.26 -37.99 18.46
CA ASP D 492 -32.45 -37.39 17.86
C ASP D 492 -32.37 -37.64 16.32
N PHE D 493 -32.90 -38.77 15.83
CA PHE D 493 -32.69 -39.22 14.43
C PHE D 493 -33.30 -38.29 13.35
N LYS D 494 -34.52 -37.84 13.65
CA LYS D 494 -35.35 -36.96 12.81
C LYS D 494 -36.09 -37.67 11.67
N GLY D 495 -37.19 -37.05 11.24
CA GLY D 495 -38.09 -37.54 10.20
C GLY D 495 -39.40 -38.06 10.78
N LEU D 496 -40.01 -39.06 10.11
CA LEU D 496 -41.15 -39.79 10.70
C LEU D 496 -40.53 -40.97 11.45
N VAL D 497 -40.36 -40.82 12.76
CA VAL D 497 -39.63 -41.80 13.53
C VAL D 497 -40.53 -42.90 14.11
N SER D 498 -41.84 -42.74 13.94
CA SER D 498 -42.82 -43.78 14.17
C SER D 498 -44.00 -43.53 13.21
N ASN D 499 -44.78 -44.58 12.98
CA ASN D 499 -45.83 -44.63 11.95
C ASN D 499 -46.90 -43.56 12.07
N LEU D 500 -47.58 -43.31 10.96
CA LEU D 500 -48.75 -42.44 10.96
C LEU D 500 -50.03 -43.23 10.80
N THR D 501 -51.12 -42.73 11.36
CA THR D 501 -52.40 -43.40 11.18
C THR D 501 -53.40 -42.52 10.48
N LEU D 502 -54.17 -43.16 9.60
CA LEU D 502 -55.37 -42.55 9.02
C LEU D 502 -56.62 -43.32 9.47
N SER D 503 -57.51 -42.63 10.19
CA SER D 503 -58.71 -43.24 10.77
C SER D 503 -58.26 -44.49 11.52
N SER D 504 -57.29 -44.26 12.40
CA SER D 504 -56.69 -45.26 13.27
C SER D 504 -55.86 -46.34 12.58
N ASN D 505 -55.90 -46.47 11.25
CA ASN D 505 -55.10 -47.52 10.59
C ASN D 505 -53.78 -46.99 10.11
N ILE D 506 -52.77 -47.84 10.26
CA ILE D 506 -51.42 -47.47 10.00
C ILE D 506 -51.28 -47.33 8.52
N LEU D 507 -50.75 -46.16 8.11
CA LEU D 507 -50.44 -45.89 6.70
C LEU D 507 -49.18 -46.60 6.27
N THR D 508 -49.19 -47.12 5.05
CA THR D 508 -48.08 -47.91 4.56
C THR D 508 -47.82 -47.61 3.09
N ASP D 509 -46.69 -48.08 2.59
CA ASP D 509 -46.23 -47.83 1.21
C ASP D 509 -45.84 -46.37 0.97
N TRP D 510 -44.60 -46.08 1.33
CA TRP D 510 -44.05 -44.74 1.35
C TRP D 510 -43.07 -44.57 0.23
N THR D 511 -43.13 -43.38 -0.38
CA THR D 511 -42.18 -42.91 -1.38
C THR D 511 -41.58 -41.67 -0.73
N ILE D 512 -40.29 -41.74 -0.46
CA ILE D 512 -39.65 -40.78 0.43
C ILE D 512 -38.56 -40.14 -0.37
N PHE D 513 -38.57 -38.81 -0.41
CA PHE D 513 -37.62 -38.09 -1.19
C PHE D 513 -36.67 -37.24 -0.31
N PRO D 514 -35.42 -37.66 -0.17
CA PRO D 514 -34.42 -36.72 0.38
C PRO D 514 -34.36 -35.45 -0.47
N LEU D 515 -34.22 -34.27 0.12
CA LEU D 515 -34.27 -33.04 -0.69
C LEU D 515 -32.92 -32.29 -0.63
N ASP D 516 -32.30 -32.12 -1.80
CA ASP D 516 -31.03 -31.38 -1.92
C ASP D 516 -31.31 -29.88 -2.06
N THR D 517 -31.93 -29.31 -1.04
CA THR D 517 -32.29 -27.92 -1.07
C THR D 517 -31.13 -27.01 -1.38
N GLU D 518 -29.94 -27.32 -0.88
CA GLU D 518 -28.79 -26.42 -1.04
C GLU D 518 -28.31 -26.38 -2.48
N ASP D 519 -28.07 -27.55 -3.06
CA ASP D 519 -27.73 -27.62 -4.49
C ASP D 519 -28.80 -26.96 -5.31
N ALA D 520 -30.06 -27.23 -4.98
CA ALA D 520 -31.13 -26.86 -5.86
C ALA D 520 -31.31 -25.35 -5.82
N VAL D 521 -31.11 -24.76 -4.65
CA VAL D 521 -31.19 -23.32 -4.57
C VAL D 521 -30.03 -22.67 -5.33
N ARG D 522 -28.81 -23.17 -5.18
CA ARG D 522 -27.64 -22.61 -5.93
C ARG D 522 -27.81 -22.63 -7.48
N SER D 523 -28.41 -23.69 -7.99
CA SER D 523 -28.75 -23.80 -9.39
C SER D 523 -30.11 -23.19 -9.77
N HIS D 524 -30.75 -22.43 -8.88
CA HIS D 524 -32.06 -21.72 -9.17
C HIS D 524 -33.17 -22.69 -9.56
N LEU D 525 -33.28 -23.77 -8.84
CA LEU D 525 -34.21 -24.85 -9.12
C LEU D 525 -34.18 -25.29 -10.55
N GLY D 526 -32.98 -25.45 -11.11
CA GLY D 526 -32.83 -26.00 -12.45
C GLY D 526 -32.64 -24.94 -13.53
N GLY D 527 -33.20 -23.74 -13.31
CA GLY D 527 -32.91 -22.54 -14.13
C GLY D 527 -31.46 -22.33 -14.57
N TRP D 528 -30.49 -22.72 -13.70
CA TRP D 528 -29.01 -22.55 -13.90
C TRP D 528 -28.21 -23.86 -13.79
N GLY D 529 -28.71 -24.91 -14.47
CA GLY D 529 -28.09 -26.25 -14.66
C GLY D 529 -27.06 -26.71 -13.65
N ASN D 546 -55.13 -20.60 7.62
CA ASN D 546 -54.95 -21.01 6.22
C ASN D 546 -53.48 -21.02 5.75
N TYR D 547 -53.22 -21.78 4.67
CA TYR D 547 -51.89 -22.17 4.31
C TYR D 547 -51.69 -22.10 2.82
N THR D 548 -50.41 -22.10 2.41
CA THR D 548 -49.99 -22.28 1.02
C THR D 548 -49.02 -23.45 0.97
N LEU D 549 -48.93 -24.11 -0.19
CA LEU D 549 -47.97 -25.17 -0.43
C LEU D 549 -46.57 -24.60 -0.25
N PRO D 550 -45.72 -25.32 0.51
CA PRO D 550 -44.32 -24.97 0.59
C PRO D 550 -43.71 -24.79 -0.80
N ALA D 551 -43.03 -23.66 -0.96
CA ALA D 551 -42.57 -23.18 -2.24
C ALA D 551 -41.35 -22.24 -2.10
N PHE D 552 -40.55 -22.17 -3.15
CA PHE D 552 -39.43 -21.28 -3.26
C PHE D 552 -39.86 -20.03 -4.00
N TYR D 553 -39.47 -18.88 -3.47
CA TYR D 553 -39.69 -17.58 -4.11
C TYR D 553 -38.32 -16.86 -4.25
N MET D 554 -38.05 -16.27 -5.42
CA MET D 554 -36.78 -15.67 -5.73
C MET D 554 -37.03 -14.26 -6.26
N GLY D 555 -36.03 -13.39 -6.08
CA GLY D 555 -36.03 -12.02 -6.62
C GLY D 555 -34.59 -11.48 -6.50
N ASN D 556 -34.38 -10.33 -7.17
CA ASN D 556 -33.07 -9.81 -7.38
C ASN D 556 -32.88 -8.34 -6.87
N PHE D 557 -31.63 -7.95 -6.44
CA PHE D 557 -31.31 -6.55 -6.10
C PHE D 557 -29.85 -6.25 -6.40
N SER D 558 -29.59 -5.04 -6.88
CA SER D 558 -28.28 -4.68 -7.34
C SER D 558 -27.76 -3.65 -6.38
N ILE D 559 -26.44 -3.63 -6.27
CA ILE D 559 -25.75 -2.70 -5.43
C ILE D 559 -24.73 -2.08 -6.35
N PRO D 560 -24.64 -0.77 -6.31
CA PRO D 560 -23.75 -0.15 -7.29
C PRO D 560 -22.29 -0.40 -6.97
N SER D 561 -21.49 -0.58 -8.01
CA SER D 561 -20.06 -0.73 -7.85
C SER D 561 -19.35 0.62 -7.69
N GLY D 562 -18.08 0.59 -7.25
CA GLY D 562 -17.29 1.80 -7.17
C GLY D 562 -17.72 2.83 -6.15
N ILE D 563 -18.46 2.34 -5.16
CA ILE D 563 -18.84 3.12 -4.00
C ILE D 563 -18.01 2.60 -2.85
N PRO D 564 -17.05 3.39 -2.35
CA PRO D 564 -16.17 2.83 -1.32
C PRO D 564 -16.84 2.23 -0.10
N ASP D 565 -18.04 2.66 0.29
CA ASP D 565 -18.61 2.12 1.52
C ASP D 565 -19.78 1.20 1.27
N LEU D 566 -19.87 0.60 0.07
CA LEU D 566 -20.92 -0.42 -0.23
C LEU D 566 -20.27 -1.57 -0.98
N PRO D 567 -20.79 -2.80 -0.76
CA PRO D 567 -21.87 -3.17 0.14
C PRO D 567 -21.54 -3.04 1.62
N GLN D 568 -22.60 -2.96 2.42
CA GLN D 568 -22.55 -3.04 3.89
C GLN D 568 -23.50 -4.15 4.43
N ASP D 569 -23.24 -4.54 5.70
CA ASP D 569 -24.04 -5.46 6.43
C ASP D 569 -25.48 -4.92 6.47
N THR D 570 -26.42 -5.84 6.64
CA THR D 570 -27.78 -5.44 6.71
C THR D 570 -28.52 -6.49 7.49
N PHE D 571 -29.83 -6.29 7.62
CA PHE D 571 -30.66 -7.26 8.29
C PHE D 571 -31.89 -7.46 7.47
N ILE D 572 -32.22 -8.74 7.25
CA ILE D 572 -33.32 -9.01 6.39
C ILE D 572 -34.55 -9.35 7.21
N GLN D 573 -35.70 -8.88 6.76
CA GLN D 573 -37.00 -8.98 7.51
C GLN D 573 -38.09 -9.54 6.58
N PHE D 574 -39.08 -10.24 7.09
CA PHE D 574 -40.05 -10.92 6.25
C PHE D 574 -41.50 -10.58 6.65
N PRO D 575 -41.90 -9.31 6.55
CA PRO D 575 -43.25 -9.02 7.06
C PRO D 575 -44.37 -9.72 6.22
N GLY D 576 -45.31 -10.37 6.89
CA GLY D 576 -46.36 -11.16 6.18
C GLY D 576 -46.02 -12.63 5.83
N TRP D 577 -44.73 -13.00 5.86
CA TRP D 577 -44.32 -14.37 5.61
C TRP D 577 -44.54 -15.10 6.91
N THR D 578 -44.19 -16.37 7.03
CA THR D 578 -44.57 -17.10 8.24
C THR D 578 -43.40 -17.92 8.86
N LYS D 579 -42.86 -18.87 8.09
CA LYS D 579 -41.80 -19.71 8.57
C LYS D 579 -41.07 -20.29 7.40
N GLY D 580 -39.72 -20.26 7.44
CA GLY D 580 -38.99 -20.67 6.29
C GLY D 580 -37.48 -20.54 6.42
N GLN D 581 -36.84 -20.67 5.25
CA GLN D 581 -35.39 -20.67 5.17
C GLN D 581 -35.08 -19.64 4.11
N VAL D 582 -33.95 -18.97 4.23
CA VAL D 582 -33.58 -17.93 3.32
C VAL D 582 -32.11 -18.07 2.94
N TRP D 583 -31.85 -17.95 1.65
CA TRP D 583 -30.52 -17.85 1.11
C TRP D 583 -30.31 -16.52 0.35
N ILE D 584 -29.09 -16.00 0.34
CA ILE D 584 -28.76 -14.91 -0.51
C ILE D 584 -27.55 -15.33 -1.28
N ASN D 585 -27.58 -15.20 -2.60
CA ASN D 585 -26.48 -15.70 -3.47
C ASN D 585 -26.04 -17.15 -3.14
N GLY D 586 -27.02 -17.99 -2.79
CA GLY D 586 -26.77 -19.40 -2.44
C GLY D 586 -26.22 -19.74 -1.05
N PHE D 587 -25.95 -18.72 -0.25
CA PHE D 587 -25.52 -18.84 1.16
C PHE D 587 -26.80 -18.91 2.04
N ASN D 588 -26.89 -19.96 2.81
CA ASN D 588 -28.02 -20.19 3.64
C ASN D 588 -27.81 -19.38 4.92
N LEU D 589 -28.59 -18.32 5.06
CA LEU D 589 -28.53 -17.50 6.28
C LEU D 589 -29.23 -18.05 7.51
N GLY D 590 -30.03 -19.10 7.35
CA GLY D 590 -30.78 -19.61 8.52
C GLY D 590 -32.28 -19.61 8.30
N ARG D 591 -32.98 -19.72 9.41
CA ARG D 591 -34.44 -19.85 9.47
C ARG D 591 -35.07 -18.56 9.95
N TYR D 592 -36.20 -18.23 9.34
CA TYR D 592 -37.03 -17.16 9.78
C TYR D 592 -38.32 -17.75 10.31
N TRP D 593 -38.86 -17.06 11.31
CA TRP D 593 -40.15 -17.46 11.89
C TRP D 593 -40.83 -16.28 12.60
N PRO D 594 -41.20 -15.21 11.84
CA PRO D 594 -41.84 -14.01 12.43
C PRO D 594 -43.19 -14.32 13.08
N ALA D 595 -43.82 -15.43 12.71
CA ALA D 595 -45.04 -15.83 13.40
C ALA D 595 -44.84 -16.30 14.84
N ARG D 596 -43.64 -16.69 15.28
CA ARG D 596 -43.42 -17.04 16.69
C ARG D 596 -42.50 -16.11 17.45
N GLY D 597 -41.56 -15.48 16.76
CA GLY D 597 -40.49 -14.68 17.44
C GLY D 597 -39.64 -15.48 18.43
N PRO D 598 -38.80 -14.79 19.21
CA PRO D 598 -38.62 -13.34 19.34
C PRO D 598 -37.84 -12.68 18.22
N GLN D 599 -37.12 -13.50 17.43
CA GLN D 599 -36.29 -13.01 16.34
C GLN D 599 -37.11 -12.80 15.06
N LEU D 600 -37.08 -11.57 14.56
CA LEU D 600 -37.74 -11.19 13.33
C LEU D 600 -36.75 -10.94 12.20
N THR D 601 -35.64 -10.27 12.49
CA THR D 601 -34.57 -10.15 11.46
C THR D 601 -33.48 -11.19 11.57
N LEU D 602 -32.90 -11.47 10.40
CA LEU D 602 -31.72 -12.25 10.24
C LEU D 602 -30.57 -11.36 9.71
N PHE D 603 -29.40 -11.55 10.27
CA PHE D 603 -28.15 -10.90 9.90
C PHE D 603 -27.61 -11.37 8.56
N VAL D 604 -27.32 -10.39 7.70
CA VAL D 604 -26.67 -10.57 6.40
C VAL D 604 -25.28 -9.91 6.33
N PRO D 605 -24.22 -10.73 6.35
CA PRO D 605 -22.89 -10.15 6.25
C PRO D 605 -22.58 -9.60 4.85
N GLN D 606 -21.91 -8.44 4.78
CA GLN D 606 -21.70 -7.76 3.53
C GLN D 606 -20.90 -8.55 2.52
N HIS D 607 -20.07 -9.44 2.98
CA HIS D 607 -19.14 -10.07 2.02
C HIS D 607 -19.77 -11.08 1.09
N ILE D 608 -21.01 -11.49 1.36
CA ILE D 608 -21.70 -12.38 0.43
C ILE D 608 -22.51 -11.61 -0.63
N LEU D 609 -22.57 -10.27 -0.49
CA LEU D 609 -23.17 -9.37 -1.43
C LEU D 609 -22.20 -8.87 -2.49
N MET D 610 -22.68 -8.69 -3.73
CA MET D 610 -21.85 -8.27 -4.88
C MET D 610 -22.40 -7.03 -5.56
N THR D 611 -21.55 -6.48 -6.41
CA THR D 611 -21.86 -5.27 -7.21
C THR D 611 -21.57 -5.54 -8.72
N SER D 612 -20.94 -6.66 -9.06
CA SER D 612 -20.67 -6.99 -10.46
C SER D 612 -21.90 -7.64 -11.09
N ALA D 613 -22.80 -8.18 -10.28
CA ALA D 613 -23.99 -8.85 -10.82
C ALA D 613 -25.09 -8.75 -9.79
N PRO D 614 -26.40 -8.97 -10.20
CA PRO D 614 -27.47 -8.84 -9.24
C PRO D 614 -27.32 -9.87 -8.12
N ASN D 615 -27.80 -9.51 -6.94
CA ASN D 615 -27.86 -10.42 -5.82
C ASN D 615 -29.24 -11.12 -5.86
N THR D 616 -29.23 -12.39 -5.49
CA THR D 616 -30.39 -13.26 -5.60
C THR D 616 -30.84 -13.62 -4.19
N ILE D 617 -32.08 -13.31 -3.83
CA ILE D 617 -32.69 -13.78 -2.58
C ILE D 617 -33.59 -14.98 -2.89
N THR D 618 -33.45 -16.05 -2.13
CA THR D 618 -34.35 -17.20 -2.25
C THR D 618 -34.96 -17.44 -0.89
N VAL D 619 -36.28 -17.43 -0.86
CA VAL D 619 -37.06 -17.82 0.29
C VAL D 619 -37.77 -19.16 0.01
N LEU D 620 -37.73 -20.04 1.02
CA LEU D 620 -38.52 -21.26 1.06
C LEU D 620 -39.53 -21.07 2.20
N GLU D 621 -40.78 -20.81 1.83
CA GLU D 621 -41.83 -20.52 2.79
C GLU D 621 -42.60 -21.80 2.99
N LEU D 622 -42.78 -22.18 4.25
CA LEU D 622 -43.24 -23.50 4.57
C LEU D 622 -44.74 -23.50 4.91
N GLU D 623 -45.29 -22.38 5.39
CA GLU D 623 -46.68 -22.35 5.82
C GLU D 623 -47.61 -21.44 4.99
N TRP D 624 -47.33 -20.14 4.97
CA TRP D 624 -48.18 -19.13 4.30
C TRP D 624 -47.37 -17.98 3.69
N ALA D 625 -47.38 -17.87 2.35
CA ALA D 625 -46.70 -16.79 1.63
C ALA D 625 -47.69 -15.69 1.24
N PRO D 626 -47.30 -14.40 1.40
CA PRO D 626 -48.19 -13.29 1.09
C PRO D 626 -48.17 -12.96 -0.42
N CYS D 627 -48.27 -13.97 -1.27
CA CYS D 627 -47.95 -13.83 -2.68
C CYS D 627 -49.04 -14.28 -3.62
N SER D 628 -50.26 -14.44 -3.12
CA SER D 628 -51.37 -14.88 -3.99
C SER D 628 -52.12 -13.68 -4.57
N SER D 629 -52.44 -12.71 -3.70
CA SER D 629 -53.25 -11.55 -4.10
C SER D 629 -52.67 -10.84 -5.32
N ASP D 630 -53.55 -10.07 -5.96
CA ASP D 630 -53.23 -9.32 -7.18
C ASP D 630 -52.20 -8.23 -6.96
N ASP D 631 -51.90 -7.90 -5.70
CA ASP D 631 -50.84 -6.93 -5.37
C ASP D 631 -49.51 -7.65 -5.27
N PRO D 632 -48.70 -7.64 -6.36
CA PRO D 632 -47.47 -8.42 -6.32
C PRO D 632 -46.43 -7.77 -5.39
N GLU D 633 -46.66 -6.52 -5.02
CA GLU D 633 -45.72 -5.79 -4.19
C GLU D 633 -45.66 -6.32 -2.72
N LEU D 634 -46.60 -7.18 -2.34
CA LEU D 634 -46.61 -7.80 -0.99
C LEU D 634 -45.72 -8.99 -0.88
N CYS D 635 -45.47 -9.62 -2.03
CA CYS D 635 -44.57 -10.76 -2.15
C CYS D 635 -43.13 -10.23 -2.13
N ALA D 636 -42.71 -9.84 -0.93
CA ALA D 636 -41.49 -9.11 -0.79
C ALA D 636 -40.84 -9.23 0.60
N VAL D 637 -39.55 -9.09 0.64
CA VAL D 637 -38.83 -8.96 1.90
C VAL D 637 -38.24 -7.52 2.01
N THR D 638 -37.78 -7.15 3.21
CA THR D 638 -37.32 -5.80 3.46
C THR D 638 -35.94 -5.92 4.13
N PHE D 639 -35.00 -5.11 3.70
CA PHE D 639 -33.71 -5.02 4.35
C PHE D 639 -33.69 -3.73 5.17
N VAL D 640 -33.34 -3.84 6.47
CA VAL D 640 -33.31 -2.73 7.39
C VAL D 640 -31.91 -2.60 8.02
N ASP D 641 -31.62 -1.45 8.65
CA ASP D 641 -30.31 -1.26 9.26
C ASP D 641 -30.20 -1.57 10.75
N ARG D 642 -31.29 -1.94 11.38
CA ARG D 642 -31.25 -2.34 12.80
C ARG D 642 -31.87 -3.73 13.03
N PRO D 643 -31.22 -4.56 13.86
CA PRO D 643 -31.82 -5.83 14.12
C PRO D 643 -33.02 -5.67 15.07
N VAL D 644 -33.97 -6.60 14.99
CA VAL D 644 -35.06 -6.82 15.96
C VAL D 644 -34.92 -8.28 16.38
N ILE D 645 -34.23 -8.54 17.49
CA ILE D 645 -34.09 -9.91 18.00
C ILE D 645 -34.91 -10.15 19.24
N GLY D 646 -35.54 -9.08 19.74
CA GLY D 646 -36.35 -9.12 20.94
C GLY D 646 -37.78 -8.68 20.78
N SER D 647 -38.42 -9.08 19.69
CA SER D 647 -39.86 -8.85 19.62
C SER D 647 -40.62 -9.67 20.70
N SER D 648 -41.83 -9.23 21.07
CA SER D 648 -42.58 -9.89 22.17
C SER D 648 -43.33 -11.14 21.74
C1 NAG E . 7.47 50.43 17.15
C2 NAG E . 5.98 50.62 17.40
C3 NAG E . 5.52 52.07 17.59
C4 NAG E . 6.45 52.80 18.55
C5 NAG E . 7.91 52.47 18.32
C6 NAG E . 8.67 52.82 19.58
C7 NAG E . 4.70 48.89 16.20
C8 NAG E . 4.19 48.51 14.85
N2 NAG E . 5.37 50.04 16.23
O3 NAG E . 4.22 52.08 18.18
O4 NAG E . 6.29 54.23 18.51
O5 NAG E . 8.24 51.09 18.13
O6 NAG E . 9.93 53.04 19.07
O7 NAG E . 4.49 48.16 17.18
C1 NAG F . 12.62 49.61 -4.70
C2 NAG F . 11.78 49.51 -5.98
C3 NAG F . 12.47 50.02 -7.24
C4 NAG F . 13.07 51.41 -7.03
C5 NAG F . 13.81 51.59 -5.72
C6 NAG F . 13.59 53.06 -5.42
C7 NAG F . 10.28 47.59 -5.83
C8 NAG F . 10.05 46.13 -6.14
N2 NAG F . 11.43 48.12 -6.24
O3 NAG F . 11.47 50.05 -8.26
O4 NAG F . 14.01 51.84 -8.04
O5 NAG F . 13.39 50.80 -4.60
O6 NAG F . 14.80 53.42 -4.86
O7 NAG F . 9.45 48.22 -5.17
C1 NAG G . 7.47 7.45 11.17
C2 NAG G . 8.73 7.23 12.06
C3 NAG G . 9.89 7.78 11.19
C4 NAG G . 10.07 6.93 9.96
C5 NAG G . 8.77 6.32 9.35
C6 NAG G . 8.99 4.79 9.23
C7 NAG G . 7.91 6.79 14.44
C8 NAG G . 7.69 7.15 15.91
N2 NAG G . 8.55 7.59 13.51
O3 NAG G . 11.15 7.55 11.73
O4 NAG G . 10.83 7.63 9.01
O5 NAG G . 7.53 6.59 10.04
O6 NAG G . 8.00 4.13 8.49
O7 NAG G . 7.44 5.68 14.12
C1 NAG H . -41.50 40.58 -8.34
C2 NAG H . -42.37 40.78 -7.10
C3 NAG H . -43.87 40.85 -7.50
C4 NAG H . -44.11 41.63 -8.81
C5 NAG H . -42.98 41.54 -9.86
C6 NAG H . -43.11 42.57 -10.97
C7 NAG H . -41.14 40.01 -5.06
C8 NAG H . -40.92 38.89 -4.07
N2 NAG H . -42.06 39.79 -6.04
O3 NAG H . -44.66 41.47 -6.51
O4 NAG H . -45.31 41.14 -9.38
O5 NAG H . -41.70 41.66 -9.24
O6 NAG H . -42.18 42.30 -12.00
O7 NAG H . -40.43 41.04 -4.92
CL CL I . -20.23 24.66 -11.85
O2 6DJ J . -19.77 32.46 -11.35
C2 6DJ J . -19.39 32.79 -10.04
C3 6DJ J . -18.84 31.56 -9.32
O3 6DJ J . -17.85 30.73 -10.00
C1 6DJ J . -20.60 33.38 -9.34
N5 6DJ J . -20.13 33.60 -7.99
C5 6DJ J . -20.11 32.38 -7.24
C4 6DJ J . -18.88 31.65 -7.81
O4 6DJ J . -17.73 32.41 -7.39
S6 6DJ J . -19.48 34.59 -5.84
C6 6DJ J . -19.99 32.89 -5.79
C7 6DJ J . -19.74 34.75 -7.47
N8 6DJ J . -19.60 35.82 -8.18
C9 6DJ J . -19.27 37.18 -7.74
C10 6DJ J . -20.66 37.75 -7.31
C11 6DJ J . -20.65 39.20 -6.81
C12 6DJ J . -21.26 39.43 -5.41
S SO4 K . -39.69 8.45 -1.75
O1 SO4 K . -40.71 8.59 -2.81
O2 SO4 K . -39.36 9.83 -1.29
O3 SO4 K . -40.27 7.74 -0.60
O4 SO4 K . -38.51 7.68 -2.20
S SO4 L . -6.73 44.54 -1.85
O1 SO4 L . -7.15 43.38 -2.73
O2 SO4 L . -7.48 45.70 -2.32
O3 SO4 L . -7.08 44.45 -0.41
O4 SO4 L . -5.23 44.69 -1.85
C1 EDO M . -28.74 36.95 -3.77
O1 EDO M . -29.72 35.96 -3.59
C2 EDO M . -28.48 36.72 -5.24
O2 EDO M . -29.82 36.59 -5.72
C1 EDO N . -0.82 23.23 -6.44
O1 EDO N . -0.28 22.52 -5.31
C2 EDO N . -1.55 24.49 -5.91
O2 EDO N . -2.68 24.26 -5.06
C1 NAG O . -9.63 -46.43 -25.21
C2 NAG O . -8.25 -46.47 -25.83
C3 NAG O . -8.21 -47.42 -27.04
C4 NAG O . -8.56 -48.81 -26.57
C5 NAG O . -9.89 -48.74 -25.88
C6 NAG O . -10.10 -50.03 -25.13
C7 NAG O . -7.02 -44.43 -25.48
C8 NAG O . -6.74 -43.11 -26.12
N2 NAG O . -7.84 -45.14 -26.24
O3 NAG O . -6.89 -47.46 -27.51
O4 NAG O . -8.59 -49.68 -27.66
O5 NAG O . -9.87 -47.77 -24.86
O6 NAG O . -11.47 -49.97 -24.85
O7 NAG O . -6.53 -44.78 -24.39
C1 NAG P . -23.39 -30.89 -33.68
C2 NAG P . -23.21 -29.72 -34.61
C3 NAG P . -24.52 -29.28 -35.23
C4 NAG P . -25.28 -30.46 -35.82
C5 NAG P . -25.41 -31.47 -34.70
C6 NAG P . -26.28 -32.67 -35.07
C7 NAG P . -21.41 -28.38 -33.68
C8 NAG P . -21.04 -27.25 -32.75
N2 NAG P . -22.69 -28.65 -33.76
O3 NAG P . -24.17 -28.37 -36.22
O4 NAG P . -26.58 -30.03 -36.16
O5 NAG P . -24.12 -31.89 -34.36
O6 NAG P . -25.64 -33.26 -36.14
O7 NAG P . -20.57 -29.01 -34.30
C1 NAG Q . -3.13 -14.53 3.35
C2 NAG Q . -4.13 -15.40 4.12
C3 NAG Q . -5.55 -14.91 3.75
C4 NAG Q . -5.62 -13.45 4.25
C5 NAG Q . -4.55 -12.56 3.57
C6 NAG Q . -4.56 -11.08 3.99
C7 NAG Q . -2.95 -17.44 5.04
C8 NAG Q . -2.79 -18.95 4.96
N2 NAG Q . -3.83 -16.85 4.14
O3 NAG Q . -6.63 -15.55 4.40
O4 NAG Q . -6.93 -12.96 4.13
O5 NAG Q . -3.24 -13.15 3.72
O6 NAG Q . -3.92 -10.82 5.22
O7 NAG Q . -2.24 -16.85 5.91
C1 NAG R . 24.15 -10.65 -52.39
C2 NAG R . 25.54 -11.28 -52.37
C3 NAG R . 26.46 -10.54 -53.34
C4 NAG R . 25.82 -10.29 -54.70
C5 NAG R . 24.34 -9.88 -54.57
C6 NAG R . 23.64 -9.82 -55.92
C7 NAG R . 26.61 -12.24 -50.39
C8 NAG R . 27.16 -11.96 -49.02
N2 NAG R . 26.09 -11.19 -51.03
O3 NAG R . 27.62 -11.31 -53.52
O4 NAG R . 26.56 -9.27 -55.37
O5 NAG R . 23.59 -10.72 -53.69
O6 NAG R . 22.45 -9.11 -55.67
O7 NAG R . 26.67 -13.39 -50.84
CL CL S . 7.25 -2.61 -33.10
O2 6DJ T . 5.68 -7.86 -38.32
C2 6DJ T . 5.84 -9.20 -37.89
C3 6DJ T . 5.81 -9.23 -36.31
O3 6DJ T . 4.79 -8.49 -35.64
C1 6DJ T . 7.01 -9.93 -38.52
N5 6DJ T . 7.05 -11.18 -37.79
C5 6DJ T . 7.57 -11.04 -36.41
C4 6DJ T . 6.40 -10.44 -35.62
O4 6DJ T . 5.32 -11.38 -35.58
S6 6DJ T . 6.99 -13.57 -37.04
C6 6DJ T . 7.97 -12.46 -36.01
C7 6DJ T . 6.66 -12.39 -38.19
N8 6DJ T . 6.09 -12.58 -39.31
C9 6DJ T . 5.68 -13.86 -39.90
C10 6DJ T . 6.98 -14.33 -40.60
C11 6DJ T . 6.88 -15.72 -41.25
C12 6DJ T . 8.25 -16.34 -41.59
S SO4 U . 32.35 4.27 -24.24
O1 SO4 U . 32.11 4.61 -25.65
O2 SO4 U . 33.59 4.96 -23.80
O3 SO4 U . 31.20 4.77 -23.44
O4 SO4 U . 32.56 2.81 -24.11
S SO4 V . -4.28 -25.68 -36.94
O1 SO4 V . -4.16 -25.80 -38.41
O2 SO4 V . -4.09 -24.23 -36.68
O3 SO4 V . -5.51 -26.27 -36.34
O4 SO4 V . -3.32 -26.62 -36.30
C1 EDO W . 15.74 -13.56 -42.64
O1 EDO W . 16.75 -13.91 -41.74
C2 EDO W . 14.46 -13.70 -41.85
O2 EDO W . 13.53 -12.63 -42.19
C1 EDO X . -5.96 -11.03 -21.69
O1 EDO X . -4.57 -11.14 -21.65
C2 EDO X . -6.43 -11.04 -20.24
O2 EDO X . -7.17 -9.87 -19.97
C1 NAG Y . 66.66 24.10 4.72
C2 NAG Y . 66.89 22.59 4.52
C3 NAG Y . 68.35 22.11 4.60
C4 NAG Y . 69.31 23.17 4.10
C5 NAG Y . 69.05 24.46 4.88
C6 NAG Y . 70.10 25.55 4.64
C7 NAG Y . 64.85 21.38 5.21
C8 NAG Y . 64.13 20.63 6.31
N2 NAG Y . 66.07 21.85 5.49
O3 NAG Y . 68.52 20.92 3.87
O4 NAG Y . 70.65 22.74 4.31
O5 NAG Y . 67.78 24.93 4.46
O6 NAG Y . 70.72 25.42 3.38
O7 NAG Y . 64.30 21.51 4.12
C1 NAG Z . 55.09 31.84 23.49
C2 NAG Z . 54.32 31.33 24.70
C3 NAG Z . 54.12 32.41 25.78
C4 NAG Z . 55.42 33.10 26.16
C5 NAG Z . 56.38 33.36 24.99
C6 NAG Z . 57.79 32.79 25.23
C7 NAG Z . 52.79 29.75 23.65
C8 NAG Z . 51.37 29.43 23.25
N2 NAG Z . 53.00 30.91 24.27
O3 NAG Z . 53.46 31.79 26.89
O4 NAG Z . 55.11 34.34 26.74
O5 NAG Z . 55.96 32.94 23.69
O6 NAG Z . 58.71 33.84 24.98
O7 NAG Z . 53.74 28.98 23.42
C1 NAG AA . 27.82 21.33 -13.77
C2 NAG AA . 28.15 22.83 -13.69
C3 NAG AA . 28.46 23.38 -15.11
C4 NAG AA . 29.43 22.46 -15.90
C5 NAG AA . 29.09 20.96 -15.76
C6 NAG AA . 30.16 20.05 -16.41
C7 NAG AA . 27.18 24.54 -12.16
C8 NAG AA . 25.93 25.13 -11.54
N2 NAG AA . 27.04 23.51 -13.01
O3 NAG AA . 28.89 24.73 -15.04
O4 NAG AA . 29.46 22.74 -17.28
O5 NAG AA . 28.91 20.66 -14.38
O6 NAG AA . 30.30 18.81 -15.75
O7 NAG AA . 28.30 24.96 -11.90
C1 NAG BA . 44.66 -21.60 28.13
C2 NAG BA . 45.23 -22.73 27.29
C3 NAG BA . 45.15 -24.09 27.93
C4 NAG BA . 45.75 -23.99 29.32
C5 NAG BA . 45.14 -22.81 30.11
C6 NAG BA . 45.78 -22.74 31.49
C7 NAG BA . 44.94 -22.42 24.91
C8 NAG BA . 43.98 -22.50 23.77
N2 NAG BA . 44.44 -22.78 26.08
O3 NAG BA . 45.86 -24.96 27.07
O4 NAG BA . 45.32 -25.11 30.00
O5 NAG BA . 45.28 -21.55 29.41
O6 NAG BA . 45.04 -21.85 32.32
O7 NAG BA . 46.09 -22.03 24.74
CL CL CA . 29.41 -0.82 21.51
O2 6DJ DA . 36.36 -0.02 24.73
C2 6DJ DA . 37.34 0.14 23.74
C3 6DJ DA . 36.66 0.50 22.43
O3 6DJ DA . 35.66 1.50 22.47
C1 6DJ DA . 38.19 -1.10 23.55
N5 6DJ DA . 39.06 -0.77 22.44
C5 6DJ DA . 38.38 -0.89 21.16
C4 6DJ DA . 37.44 0.31 21.14
O4 6DJ DA . 38.22 1.55 21.15
S6 6DJ DA . 40.98 -0.16 20.93
C6 6DJ DA . 39.56 -0.87 20.12
C7 6DJ DA . 40.35 -0.35 22.47
N8 6DJ DA . 41.04 -0.13 23.54
C9 6DJ DA . 42.43 0.24 23.60
C10 6DJ DA . 43.16 -1.11 23.58
C11 6DJ DA . 44.68 -1.01 23.75
C12 6DJ DA . 45.40 -2.36 23.72
S SO4 EA . 20.00 -21.91 6.83
O1 SO4 EA . 20.22 -23.34 6.50
O2 SO4 EA . 20.11 -21.04 5.64
O3 SO4 EA . 18.65 -21.76 7.43
O4 SO4 EA . 21.07 -21.51 7.80
S SO4 FA . 51.39 12.53 21.05
O1 SO4 FA . 51.91 11.98 19.78
O2 SO4 FA . 51.58 14.01 20.88
O3 SO4 FA . 49.95 12.18 21.27
O4 SO4 FA . 52.14 11.95 22.19
C1 EDO GA . 43.75 -9.50 22.07
O1 EDO GA . 43.14 -10.73 22.33
C2 EDO GA . 44.17 -9.94 20.73
O2 EDO GA . 42.92 -10.47 20.25
C1 EDO HA . 32.25 16.74 13.50
O1 EDO HA . 32.49 15.48 12.83
C2 EDO HA . 31.52 17.76 12.61
O2 EDO HA . 30.29 18.12 13.22
C1 NAG IA . -61.94 -32.29 12.91
C2 NAG IA . -62.91 -33.44 13.09
C3 NAG IA . -63.42 -33.50 14.53
C4 NAG IA . -62.27 -33.44 15.52
C5 NAG IA . -61.32 -32.28 15.19
C6 NAG IA . -60.13 -32.26 16.13
C7 NAG IA . -65.02 -34.18 12.14
C8 NAG IA . -65.78 -34.26 10.86
N2 NAG IA . -64.03 -33.30 12.18
O3 NAG IA . -64.15 -34.72 14.72
O4 NAG IA . -62.78 -33.27 16.85
O5 NAG IA . -60.87 -32.41 13.85
O6 NAG IA . -59.01 -32.90 15.50
O7 NAG IA . -65.28 -34.89 13.10
C1 NAG JA . -45.08 -49.45 12.13
C2 NAG JA . -43.73 -49.80 12.75
C3 NAG JA . -43.30 -51.27 12.68
C4 NAG JA . -44.43 -52.29 12.56
C5 NAG JA . -45.71 -51.73 11.91
C6 NAG JA . -46.89 -52.70 12.06
C7 NAG JA . -42.32 -47.87 12.81
C8 NAG JA . -41.15 -47.10 12.29
N2 NAG JA . -42.62 -49.02 12.22
O3 NAG JA . -42.44 -51.56 13.77
O4 NAG JA . -43.95 -53.33 11.73
O5 NAG JA . -46.06 -50.45 12.41
O6 NAG JA . -47.26 -52.77 13.41
O7 NAG JA . -42.99 -47.48 13.76
C1 NAG KA . -33.10 -10.18 -11.63
C2 NAG KA . -33.79 -11.17 -12.56
C3 NAG KA . -34.89 -10.50 -13.36
C4 NAG KA . -35.80 -9.68 -12.45
C5 NAG KA . -34.99 -8.77 -11.53
C6 NAG KA . -35.90 -8.01 -10.57
C7 NAG KA . -32.37 -13.00 -13.27
C8 NAG KA . -31.23 -13.42 -14.16
N2 NAG KA . -32.81 -11.77 -13.46
O3 NAG KA . -35.66 -11.49 -14.04
O4 NAG KA . -36.69 -8.89 -13.25
O5 NAG KA . -34.06 -9.56 -10.79
O6 NAG KA . -35.96 -6.64 -10.96
O7 NAG KA . -32.86 -13.75 -12.44
C1 NAG LA . -22.03 -16.58 49.76
C2 NAG LA . -22.63 -15.24 50.16
C3 NAG LA . -22.01 -14.69 51.42
C4 NAG LA . -21.94 -15.70 52.57
C5 NAG LA . -21.33 -16.99 52.01
C6 NAG LA . -21.27 -18.15 52.99
C7 NAG LA . -23.46 -13.80 48.42
C8 NAG LA . -23.15 -12.77 47.38
N2 NAG LA . -22.44 -14.27 49.12
O3 NAG LA . -22.78 -13.56 51.74
O4 NAG LA . -21.02 -15.19 53.52
O5 NAG LA . -22.00 -17.46 50.88
O6 NAG LA . -20.58 -19.19 52.31
O7 NAG LA . -24.62 -14.15 48.62
CL CL MA . -16.32 -21.50 24.28
O2 6DJ NA . -21.18 -25.94 28.52
C2 6DJ NA . -22.51 -25.52 28.24
C3 6DJ NA . -22.55 -24.66 26.97
O3 6DJ NA . -21.75 -24.95 25.80
C1 6DJ NA . -23.13 -24.77 29.44
N5 6DJ NA . -24.43 -24.35 28.98
C5 6DJ NA . -24.35 -23.26 28.04
C4 6DJ NA . -23.82 -23.88 26.73
O4 6DJ NA . -24.69 -24.90 26.22
S6 6DJ NA . -26.84 -24.03 28.39
C6 6DJ NA . -25.77 -22.71 27.92
C7 6DJ NA . -25.62 -24.89 29.20
N8 6DJ NA . -25.78 -25.93 29.91
C9 6DJ NA . -27.09 -26.53 30.22
C10 6DJ NA . -27.39 -25.93 31.61
C11 6DJ NA . -28.87 -25.92 32.00
C12 6DJ NA . -29.08 -25.66 33.48
S SO4 OA . -10.00 4.93 28.15
O1 SO4 OA . -10.83 4.19 27.19
O2 SO4 OA . -10.51 6.32 28.22
O3 SO4 OA . -10.14 4.41 29.53
O4 SO4 OA . -8.60 4.86 27.66
S SO4 PA . -38.29 -34.54 23.78
O1 SO4 PA . -38.41 -35.60 22.78
O2 SO4 PA . -39.62 -33.86 23.84
O3 SO4 PA . -37.82 -35.12 25.06
O4 SO4 PA . -37.23 -33.59 23.37
C1 EDO QA . -26.51 -18.31 37.18
O1 EDO QA . -25.64 -19.24 37.73
C2 EDO QA . -27.73 -19.15 36.97
O2 EDO QA . -28.73 -18.70 37.94
C1 EDO RA . -25.97 -27.71 8.47
O1 EDO RA . -26.14 -26.38 8.98
C2 EDO RA . -25.91 -27.62 6.93
O2 EDO RA . -24.54 -27.63 6.53
#